data_9I7P
#
_entry.id   9I7P
#
_cell.length_a   1.00
_cell.length_b   1.00
_cell.length_c   1.00
_cell.angle_alpha   90.00
_cell.angle_beta   90.00
_cell.angle_gamma   90.00
#
_symmetry.space_group_name_H-M   'P 1'
#
loop_
_entity.id
_entity.type
_entity.pdbx_description
1 polymer 'Mitochondrial import receptor subunit tom22'
2 polymer 'Mitochondrial import receptor subunit Tom5'
3 polymer 'Mitochondrial import receptor subunit tom6'
4 polymer 'Import receptor subunit-like protein'
5 polymer 'Mitochondrial import receptor subunit (Tom40)-like protein'
6 non-polymer 1,2-DIACYL-SN-GLYCERO-3-PHOSPHOCHOLINE
7 non-polymer "2-[2-[(1~{S},2~{S},4~{S},5'~{R},6~{R},7~{S},8~{R},9~{S},12~{S},13~{R},16~{S})-5',7,9,13-tetramethylspiro[5-oxapentacyclo[10.8.0.0^{2,9}.0^{4,8}.0^{13,18}]icos-18-ene-6,2'-oxane]-16-yl]oxyethyl]propane-1,3-diol"
8 non-polymer 'DIUNDECYL PHOSPHATIDYL CHOLINE'
#
loop_
_entity_poly.entity_id
_entity_poly.type
_entity_poly.pdbx_seq_one_letter_code
_entity_poly.pdbx_strand_id
1 'polypeptide(L)'
;MVQLVEVEDEHFTQPQPGPEEDDDEYTDTDSEISTESNFDPSEETLADRLHALRDMVPPAYRGWIYHKYEQTTSAVRKAL
SFAGRAAWTVSVTALLVGVPFSLAYGEDQQYAAMEQEQRMRELGGEVLTAGAPGSQGGGLTAEQVNAALGRSEAKPALGS
DYKDHDGDYKDDDDK
;
C,D
2 'polypeptide(L)' MFGGCQPPQPSPEELRAAEAEAASTIQRAIATAAVLYLAPFIVDAVYKMF E,F
3 'polypeptide(L)'
;MPPKRVSYNSRRSLNPITGAYNALFVSENASIVRSVVAFGLAVTFLASGWAEAILSCVPSPLVSSRQQQPPLTDLQKPCV
NGLI
;
G,H
4 'polypeptide(L)' MLALSEESKVRRGPSLRTIRLGADSKQERISKLIEISRVVIHYGYLPMILYLGYTRSEPKPSIIRLLSPLS I,J
5 'polypeptide(L)'
;MASSTNSPLAFLRSNPVFASLSDLYDAFQERRQKLGLSNPGLVENIAKEVQRDVLTTNLMFSGLRADLTKAFSLNPLFQV
SHQFAMGERLSPYTFAALYGTSKMFAQGNIDDQGNLSTTFNYRWTPSFTTKTRFQITPGATGQDMAQFEHEYSGADFTAT
IKALNPSFLEGGLTGIFVGQYLQSITPKLSLGLEAVWQRAGLTQGPDTAISYVGRYKTENWIASAQLQAQGALNASYWQR
LGEKVQAGVDMTLSVNPGAAMMGGPTKEGITTFGAKYDFRMSTFRAQIDTKGKLSCVLEKRVAAPVMMTFAADVDHFTQQ
AKVGVGISIEAGGEELQDQQPAPNIPF
;
A,B
#
loop_
_chem_comp.id
_chem_comp.type
_chem_comp.name
_chem_comp.formula
DU0 non-polymer 2-[2-[(1~{S},2~{S},4~{S},5'~{R},6~{R},7~{S},8~{R},9~{S},12~{S},13~{R},16~{S})-5',7,9,13-tetramethylspiro[5-oxapentacyclo[10.8.0.0^{2,9}.0^{4,8}.0^{13,18}]icos-18-ene-6,2'-oxane]-16-yl]oxyethyl]propane-1,3-diol 'C32 H52 O5'
PC1 non-polymer 1,2-DIACYL-SN-GLYCERO-3-PHOSPHOCHOLINE 'C44 H88 N O8 P'
PLC non-polymer 'DIUNDECYL PHOSPHATIDYL CHOLINE' 'C32 H65 N O8 P 1'
#
# COMPACT_ATOMS: atom_id res chain seq x y z
N ARG A 62 -11.53 -10.06 54.85
CA ARG A 62 -10.95 -10.81 53.74
C ARG A 62 -11.59 -10.42 52.41
N GLY A 63 -12.89 -10.70 52.28
CA GLY A 63 -13.59 -10.40 51.04
C GLY A 63 -13.53 -8.94 50.65
N TRP A 64 -13.45 -8.05 51.64
CA TRP A 64 -13.34 -6.63 51.33
C TRP A 64 -12.04 -6.31 50.61
N ILE A 65 -10.96 -7.01 50.95
CA ILE A 65 -9.69 -6.82 50.25
C ILE A 65 -9.78 -7.41 48.85
N TYR A 66 -10.44 -8.56 48.72
CA TYR A 66 -10.58 -9.18 47.40
C TYR A 66 -11.40 -8.28 46.48
N HIS A 67 -12.45 -7.63 47.00
CA HIS A 67 -13.22 -6.71 46.18
C HIS A 67 -12.36 -5.53 45.72
N LYS A 68 -11.58 -4.95 46.63
CA LYS A 68 -10.67 -3.89 46.25
C LYS A 68 -9.66 -4.40 45.24
N TYR A 69 -9.20 -5.63 45.42
CA TYR A 69 -8.29 -6.24 44.46
C TYR A 69 -8.95 -6.37 43.10
N GLU A 70 -10.23 -6.76 43.09
CA GLU A 70 -10.97 -6.87 41.84
C GLU A 70 -11.16 -5.50 41.19
N GLN A 71 -11.57 -4.51 41.99
CA GLN A 71 -11.73 -3.15 41.47
C GLN A 71 -10.42 -2.61 40.91
N THR A 72 -9.31 -2.80 41.63
CA THR A 72 -8.02 -2.32 41.16
C THR A 72 -7.55 -3.08 39.93
N THR A 73 -7.61 -4.42 39.97
CA THR A 73 -7.12 -5.20 38.84
C THR A 73 -7.84 -4.83 37.55
N SER A 74 -9.17 -4.72 37.60
CA SER A 74 -9.92 -4.36 36.42
C SER A 74 -9.57 -2.94 35.94
N ALA A 75 -9.57 -1.97 36.86
CA ALA A 75 -9.32 -0.58 36.49
C ALA A 75 -7.90 -0.39 35.95
N VAL A 76 -6.91 -1.03 36.59
CA VAL A 76 -5.54 -0.86 36.13
C VAL A 76 -5.36 -1.47 34.74
N ARG A 77 -5.97 -2.63 34.50
CA ARG A 77 -5.90 -3.24 33.17
C ARG A 77 -6.51 -2.31 32.14
N LYS A 78 -7.60 -1.63 32.48
CA LYS A 78 -8.18 -0.65 31.57
C LYS A 78 -7.29 0.58 31.46
N ALA A 79 -6.64 0.97 32.55
CA ALA A 79 -5.75 2.13 32.50
C ALA A 79 -4.57 1.87 31.58
N LEU A 80 -3.91 0.72 31.74
CA LEU A 80 -2.77 0.40 30.90
C LEU A 80 -3.19 0.23 29.44
N SER A 81 -4.38 -0.30 29.20
CA SER A 81 -4.85 -0.46 27.83
C SER A 81 -5.00 0.91 27.17
N PHE A 82 -5.56 1.87 27.88
CA PHE A 82 -5.68 3.22 27.34
C PHE A 82 -4.30 3.87 27.20
N ALA A 83 -3.49 3.80 28.26
CA ALA A 83 -2.16 4.39 28.21
C ALA A 83 -1.32 3.79 27.10
N GLY A 84 -1.39 2.47 26.94
CA GLY A 84 -0.65 1.83 25.86
C GLY A 84 -1.17 2.24 24.50
N ARG A 85 -2.50 2.33 24.36
CA ARG A 85 -3.08 2.73 23.10
C ARG A 85 -2.70 4.17 22.76
N ALA A 86 -2.61 5.03 23.77
CA ALA A 86 -2.23 6.42 23.53
C ALA A 86 -0.80 6.54 23.06
N ALA A 87 0.11 5.78 23.67
CA ALA A 87 1.50 5.82 23.24
C ALA A 87 1.65 5.35 21.80
N TRP A 88 0.87 4.35 21.40
CA TRP A 88 0.94 3.86 20.03
C TRP A 88 0.50 4.92 19.02
N THR A 89 -0.64 5.56 19.27
CA THR A 89 -1.14 6.55 18.33
C THR A 89 -0.20 7.75 18.23
N VAL A 90 0.40 8.14 19.34
CA VAL A 90 1.38 9.23 19.30
C VAL A 90 2.61 8.81 18.53
N SER A 91 3.11 7.59 18.80
CA SER A 91 4.30 7.11 18.10
C SER A 91 4.05 6.97 16.61
N VAL A 92 2.93 6.35 16.24
CA VAL A 92 2.62 6.14 14.83
C VAL A 92 2.47 7.47 14.09
N THR A 93 1.87 8.46 14.74
CA THR A 93 1.70 9.76 14.10
C THR A 93 3.04 10.44 13.87
N ALA A 94 3.91 10.43 14.88
CA ALA A 94 5.23 11.04 14.70
C ALA A 94 6.02 10.33 13.62
N LEU A 95 5.85 9.02 13.48
CA LEU A 95 6.55 8.30 12.42
C LEU A 95 5.97 8.64 11.05
N LEU A 96 4.66 8.52 10.90
CA LEU A 96 4.05 8.74 9.59
C LEU A 96 4.20 10.18 9.11
N VAL A 97 4.21 11.14 10.02
CA VAL A 97 4.39 12.54 9.64
C VAL A 97 5.87 12.94 9.67
N GLY A 98 6.60 12.52 10.70
CA GLY A 98 7.98 12.96 10.84
C GLY A 98 8.94 12.33 9.84
N VAL A 99 8.67 11.12 9.38
CA VAL A 99 9.58 10.46 8.45
C VAL A 99 9.55 11.12 7.07
N PRO A 100 8.40 11.21 6.39
CA PRO A 100 8.41 11.88 5.07
C PRO A 100 8.84 13.33 5.15
N PHE A 101 8.44 14.04 6.21
CA PHE A 101 8.84 15.43 6.34
C PHE A 101 10.34 15.56 6.50
N SER A 102 10.95 14.74 7.36
CA SER A 102 12.37 14.84 7.60
C SER A 102 13.18 14.54 6.36
N LEU A 103 12.71 13.58 5.54
CA LEU A 103 13.42 13.27 4.32
C LEU A 103 13.29 14.40 3.31
N ALA A 104 12.08 14.92 3.12
CA ALA A 104 11.88 16.02 2.20
C ALA A 104 12.61 17.26 2.66
N TYR A 105 12.46 17.62 3.94
CA TYR A 105 13.14 18.81 4.46
C TYR A 105 14.65 18.63 4.41
N GLY A 106 15.14 17.43 4.71
CA GLY A 106 16.57 17.20 4.64
C GLY A 106 17.13 17.36 3.24
N GLU A 107 16.40 16.86 2.23
CA GLU A 107 16.83 17.04 0.86
C GLU A 107 16.84 18.50 0.46
N ASP A 108 15.82 19.25 0.89
CA ASP A 108 15.76 20.68 0.60
C ASP A 108 17.00 21.39 1.12
N GLN A 109 17.53 20.97 2.26
CA GLN A 109 18.73 21.60 2.79
C GLN A 109 19.94 21.34 1.90
N GLN A 110 20.02 20.19 1.24
CA GLN A 110 21.14 19.95 0.33
C GLN A 110 21.07 20.86 -0.88
N TYR A 111 19.87 21.05 -1.44
CA TYR A 111 19.71 21.99 -2.55
C TYR A 111 20.05 23.41 -2.09
N ALA A 112 19.65 23.77 -0.88
CA ALA A 112 20.02 25.08 -0.33
C ALA A 112 21.52 25.21 -0.20
N ALA A 113 22.22 24.11 0.11
CA ALA A 113 23.67 24.15 0.21
C ALA A 113 24.31 24.46 -1.13
N MET A 114 23.84 23.81 -2.20
CA MET A 114 24.39 24.09 -3.53
C MET A 114 24.14 25.52 -3.97
N GLU A 115 23.10 26.18 -3.45
CA GLU A 115 22.88 27.58 -3.78
C GLU A 115 23.81 28.49 -2.98
N GLN A 116 24.02 28.19 -1.71
CA GLN A 116 24.92 29.00 -0.89
C GLN A 116 26.35 28.93 -1.39
N GLU A 117 26.75 27.83 -2.03
CA GLU A 117 28.11 27.71 -2.53
C GLU A 117 28.38 28.53 -3.78
N GLN A 118 27.37 29.15 -4.37
CA GLN A 118 27.58 29.98 -5.56
C GLN A 118 28.10 31.36 -5.19
N PRO B 8 -46.76 6.12 -0.60
CA PRO B 8 -47.75 6.24 -1.67
C PRO B 8 -47.48 7.41 -2.62
N GLN B 9 -48.17 7.42 -3.75
CA GLN B 9 -48.01 8.49 -4.71
C GLN B 9 -48.80 9.73 -4.31
N PRO B 10 -48.31 10.91 -4.64
CA PRO B 10 -49.05 12.13 -4.31
C PRO B 10 -50.29 12.30 -5.17
N SER B 11 -51.32 12.87 -4.57
CA SER B 11 -52.58 13.12 -5.25
C SER B 11 -52.42 14.32 -6.18
N PRO B 12 -53.39 14.57 -7.09
CA PRO B 12 -53.22 15.71 -8.00
C PRO B 12 -53.19 17.06 -7.29
N GLU B 13 -53.89 17.20 -6.17
CA GLU B 13 -53.88 18.48 -5.48
C GLU B 13 -52.65 18.65 -4.59
N GLU B 14 -52.02 17.54 -4.19
CA GLU B 14 -50.75 17.63 -3.46
C GLU B 14 -49.62 18.08 -4.37
N LEU B 15 -49.67 17.72 -5.65
CA LEU B 15 -48.65 18.19 -6.59
C LEU B 15 -48.73 19.69 -6.80
N ARG B 16 -49.95 20.24 -6.89
CA ARG B 16 -50.11 21.68 -7.01
C ARG B 16 -49.48 22.39 -5.81
N ALA B 17 -49.73 21.88 -4.61
CA ALA B 17 -49.14 22.45 -3.42
C ALA B 17 -47.61 22.41 -3.47
N ALA B 18 -47.06 21.26 -3.87
CA ALA B 18 -45.61 21.13 -3.95
C ALA B 18 -45.02 22.01 -5.04
N GLU B 19 -45.66 22.04 -6.21
CA GLU B 19 -45.17 22.89 -7.30
C GLU B 19 -45.24 24.36 -6.93
N ALA B 20 -46.25 24.76 -6.15
CA ALA B 20 -46.36 26.16 -5.76
C ALA B 20 -45.28 26.56 -4.77
N GLU B 21 -45.04 25.72 -3.76
CA GLU B 21 -43.98 26.01 -2.79
C GLU B 21 -42.61 26.04 -3.46
N ALA B 22 -42.36 25.12 -4.39
CA ALA B 22 -41.08 25.10 -5.09
C ALA B 22 -40.89 26.35 -5.93
N ALA B 23 -41.95 26.81 -6.60
CA ALA B 23 -41.86 28.02 -7.41
C ALA B 23 -41.56 29.23 -6.54
N SER B 24 -42.20 29.33 -5.37
CA SER B 24 -41.96 30.47 -4.50
C SER B 24 -40.53 30.52 -4.01
N THR B 25 -39.96 29.37 -3.65
CA THR B 25 -38.56 29.35 -3.23
C THR B 25 -37.63 29.83 -4.33
N ILE B 26 -37.88 29.40 -5.57
CA ILE B 26 -37.04 29.85 -6.67
C ILE B 26 -37.23 31.33 -6.92
N GLN B 27 -38.45 31.85 -6.73
CA GLN B 27 -38.65 33.29 -6.86
C GLN B 27 -37.93 34.06 -5.77
N ARG B 28 -37.89 33.53 -4.55
CA ARG B 28 -37.16 34.25 -3.50
C ARG B 28 -35.66 34.05 -3.62
N ALA B 29 -35.22 33.03 -4.35
CA ALA B 29 -33.79 32.90 -4.64
C ALA B 29 -33.36 33.98 -5.62
N ILE B 30 -34.12 34.18 -6.70
CA ILE B 30 -33.82 35.24 -7.64
C ILE B 30 -33.95 36.60 -6.96
N ALA B 31 -34.89 36.73 -6.03
CA ALA B 31 -34.99 37.97 -5.26
C ALA B 31 -33.76 38.18 -4.40
N THR B 32 -33.19 37.09 -3.88
CA THR B 32 -31.96 37.21 -3.10
C THR B 32 -30.80 37.68 -3.95
N ALA B 33 -30.67 37.12 -5.16
CA ALA B 33 -29.61 37.54 -6.06
C ALA B 33 -29.76 39.01 -6.44
N ALA B 34 -30.99 39.49 -6.55
CA ALA B 34 -31.21 40.90 -6.86
C ALA B 34 -30.72 41.79 -5.73
N VAL B 35 -30.95 41.37 -4.47
CA VAL B 35 -30.45 42.14 -3.34
C VAL B 35 -28.92 42.12 -3.31
N LEU B 36 -28.32 40.94 -3.53
CA LEU B 36 -26.86 40.87 -3.55
C LEU B 36 -26.28 41.74 -4.66
N TYR B 37 -26.89 41.71 -5.84
CA TYR B 37 -26.38 42.54 -6.94
C TYR B 37 -26.38 44.01 -6.55
N LEU B 38 -27.41 44.45 -5.85
CA LEU B 38 -27.47 45.83 -5.36
C LEU B 38 -26.71 46.02 -4.05
N ALA B 39 -26.36 44.93 -3.36
CA ALA B 39 -25.72 45.03 -2.06
C ALA B 39 -24.43 45.86 -2.00
N PRO B 40 -23.48 45.79 -2.93
CA PRO B 40 -22.29 46.62 -2.78
C PRO B 40 -22.57 48.11 -2.74
N PHE B 41 -23.65 48.58 -3.39
CA PHE B 41 -23.98 50.00 -3.27
C PHE B 41 -24.39 50.38 -1.86
N ILE B 42 -25.00 49.45 -1.13
CA ILE B 42 -25.46 49.77 0.22
C ILE B 42 -24.30 49.74 1.21
N VAL B 43 -23.46 48.70 1.14
CA VAL B 43 -22.31 48.60 2.05
C VAL B 43 -21.36 49.77 1.84
N ASP B 44 -21.16 50.18 0.58
CA ASP B 44 -20.34 51.36 0.33
C ASP B 44 -20.92 52.60 0.99
N ALA B 45 -22.25 52.75 0.94
CA ALA B 45 -22.89 53.89 1.57
C ALA B 45 -22.64 53.92 3.07
N VAL B 46 -22.64 52.75 3.72
CA VAL B 46 -22.36 52.67 5.14
C VAL B 46 -20.95 53.17 5.44
N TYR B 47 -19.96 52.77 4.63
CA TYR B 47 -18.60 53.25 4.84
C TYR B 47 -18.48 54.75 4.62
N LYS B 48 -19.29 55.30 3.72
CA LYS B 48 -19.27 56.75 3.51
C LYS B 48 -19.75 57.48 4.75
N MET B 49 -20.76 56.94 5.45
CA MET B 49 -21.23 57.59 6.67
C MET B 49 -20.17 57.57 7.77
N PHE B 50 -19.44 56.47 7.90
CA PHE B 50 -18.38 56.39 8.90
C PHE B 50 -17.23 57.33 8.56
N PRO C 16 -20.60 20.86 37.85
CA PRO C 16 -20.08 21.83 36.90
C PRO C 16 -19.34 21.17 35.74
N ILE C 17 -18.18 20.56 36.03
CA ILE C 17 -17.41 19.90 34.98
C ILE C 17 -18.20 18.77 34.36
N THR C 18 -19.06 18.12 35.15
CA THR C 18 -19.90 17.06 34.61
C THR C 18 -20.80 17.58 33.48
N GLY C 19 -21.23 18.83 33.58
CA GLY C 19 -22.02 19.42 32.50
C GLY C 19 -21.21 19.73 31.27
N ALA C 20 -19.89 19.85 31.40
CA ALA C 20 -19.02 20.03 30.25
C ALA C 20 -18.59 18.71 29.64
N TYR C 21 -18.41 17.68 30.47
CA TYR C 21 -18.00 16.38 29.96
C TYR C 21 -19.16 15.67 29.27
N ASN C 22 -20.33 15.64 29.93
CA ASN C 22 -21.48 14.92 29.37
C ASN C 22 -21.86 15.45 28.00
N ALA C 23 -21.94 16.78 27.87
CA ALA C 23 -22.30 17.41 26.61
C ALA C 23 -21.21 17.27 25.56
N LEU C 24 -20.02 16.81 25.93
CA LEU C 24 -18.93 16.66 24.99
C LEU C 24 -18.70 15.22 24.55
N PHE C 25 -19.12 14.22 25.33
CA PHE C 25 -18.85 12.83 24.98
C PHE C 25 -20.03 11.87 25.11
N VAL C 26 -21.10 12.22 25.84
CA VAL C 26 -22.18 11.26 26.04
C VAL C 26 -23.54 11.93 25.85
N SER C 27 -23.68 12.73 24.80
CA SER C 27 -24.94 13.37 24.50
C SER C 27 -25.24 13.23 23.00
N GLU C 28 -26.50 13.44 22.65
CA GLU C 28 -26.90 13.30 21.25
C GLU C 28 -26.13 14.23 20.33
N ASN C 29 -25.80 15.44 20.82
CA ASN C 29 -25.08 16.44 20.05
C ASN C 29 -23.60 16.48 20.36
N ALA C 30 -23.09 15.51 21.14
CA ALA C 30 -21.69 15.54 21.55
C ALA C 30 -20.75 15.54 20.36
N SER C 31 -21.11 14.90 19.26
CA SER C 31 -20.23 14.88 18.09
C SER C 31 -20.05 16.29 17.52
N ILE C 32 -21.11 17.09 17.51
CA ILE C 32 -21.02 18.45 16.99
C ILE C 32 -20.09 19.30 17.84
N VAL C 33 -20.23 19.22 19.16
CA VAL C 33 -19.46 20.09 20.04
C VAL C 33 -17.96 19.87 19.85
N ARG C 34 -17.55 18.61 19.74
CA ARG C 34 -16.12 18.33 19.54
C ARG C 34 -15.59 18.98 18.27
N SER C 35 -16.34 18.89 17.17
CA SER C 35 -15.87 19.48 15.93
C SER C 35 -15.86 21.00 16.00
N VAL C 36 -16.85 21.59 16.65
CA VAL C 36 -16.87 23.04 16.79
C VAL C 36 -15.72 23.51 17.68
N VAL C 37 -15.44 22.78 18.75
CA VAL C 37 -14.32 23.14 19.62
C VAL C 37 -13.00 22.99 18.91
N ALA C 38 -12.81 21.88 18.17
CA ALA C 38 -11.56 21.70 17.44
C ALA C 38 -11.35 22.81 16.42
N PHE C 39 -12.42 23.28 15.80
CA PHE C 39 -12.31 24.38 14.85
C PHE C 39 -11.88 25.66 15.56
N GLY C 40 -12.51 25.97 16.70
CA GLY C 40 -12.14 27.16 17.44
C GLY C 40 -10.70 27.15 17.88
N LEU C 41 -10.21 25.99 18.34
CA LEU C 41 -8.82 25.89 18.75
C LEU C 41 -7.87 25.98 17.56
N ALA C 42 -8.20 25.32 16.46
CA ALA C 42 -7.31 25.33 15.31
C ALA C 42 -7.20 26.72 14.69
N VAL C 43 -8.30 27.46 14.60
CA VAL C 43 -8.23 28.80 14.03
C VAL C 43 -7.44 29.73 14.94
N THR C 44 -7.67 29.67 16.25
CA THR C 44 -6.91 30.54 17.14
C THR C 44 -5.44 30.14 17.15
N PHE C 45 -5.15 28.85 16.96
CA PHE C 45 -3.77 28.41 16.85
C PHE C 45 -3.09 29.07 15.66
N LEU C 46 -3.75 29.06 14.50
CA LEU C 46 -3.18 29.68 13.31
C LEU C 46 -3.14 31.19 13.40
N ALA C 47 -4.28 31.82 13.68
CA ALA C 47 -4.37 33.28 13.61
C ALA C 47 -3.53 33.98 14.66
N SER C 48 -3.29 33.34 15.81
CA SER C 48 -2.53 33.99 16.86
C SER C 48 -1.03 34.05 16.56
N GLY C 49 -0.55 33.33 15.57
CA GLY C 49 0.86 33.31 15.26
C GLY C 49 1.61 32.17 15.93
N TRP C 50 0.96 31.42 16.81
CA TRP C 50 1.62 30.29 17.44
C TRP C 50 1.93 29.19 16.44
N ALA C 51 1.07 29.00 15.45
CA ALA C 51 1.34 28.00 14.42
C ALA C 51 2.56 28.37 13.59
N GLU C 52 2.66 29.63 13.18
CA GLU C 52 3.81 30.04 12.38
C GLU C 52 5.11 29.88 13.16
N ALA C 53 5.11 30.24 14.43
CA ALA C 53 6.33 30.11 15.23
C ALA C 53 6.74 28.67 15.46
N ILE C 54 5.88 27.71 15.16
CA ILE C 54 6.15 26.30 15.41
C ILE C 54 6.30 25.51 14.13
N LEU C 55 5.39 25.73 13.16
CA LEU C 55 5.41 24.95 11.93
C LEU C 55 6.26 25.55 10.83
N SER C 56 6.53 26.85 10.86
CA SER C 56 7.29 27.46 9.79
C SER C 56 8.79 27.41 10.07
N LEU D 21 -43.84 16.64 -28.50
CA LEU D 21 -44.93 16.20 -27.64
C LEU D 21 -46.20 15.93 -28.44
N GLY D 22 -46.36 16.68 -29.52
CA GLY D 22 -47.66 16.74 -30.19
C GLY D 22 -48.21 15.37 -30.54
N ALA D 23 -47.33 14.49 -31.00
CA ALA D 23 -47.67 13.10 -31.28
C ALA D 23 -46.81 12.21 -30.38
N ASP D 24 -47.45 11.27 -29.68
CA ASP D 24 -46.67 10.32 -28.90
C ASP D 24 -45.62 9.64 -29.78
N SER D 25 -45.99 9.31 -31.01
CA SER D 25 -45.05 8.72 -31.95
C SER D 25 -43.77 9.53 -31.99
N LYS D 26 -43.91 10.85 -32.10
CA LYS D 26 -42.76 11.74 -32.11
C LYS D 26 -41.91 11.56 -30.85
N GLN D 27 -42.55 11.31 -29.71
CA GLN D 27 -41.78 11.14 -28.48
C GLN D 27 -40.85 9.93 -28.59
N GLU D 28 -41.31 8.87 -29.26
CA GLU D 28 -40.41 7.74 -29.51
C GLU D 28 -39.29 8.16 -30.45
N ARG D 29 -39.61 8.99 -31.44
CA ARG D 29 -38.62 9.51 -32.37
C ARG D 29 -37.48 10.19 -31.63
N ILE D 30 -37.80 11.26 -30.88
CA ILE D 30 -36.83 11.92 -30.02
C ILE D 30 -36.06 10.91 -29.17
N SER D 31 -36.77 9.93 -28.62
CA SER D 31 -36.10 8.90 -27.83
C SER D 31 -35.06 8.16 -28.66
N LYS D 32 -35.38 7.88 -29.93
CA LYS D 32 -34.41 7.25 -30.81
C LYS D 32 -33.25 8.18 -31.15
N LEU D 33 -33.50 9.49 -31.21
CA LEU D 33 -32.42 10.43 -31.49
C LEU D 33 -31.38 10.43 -30.37
N ILE D 34 -31.84 10.37 -29.12
CA ILE D 34 -30.90 10.34 -28.00
C ILE D 34 -30.06 9.06 -28.05
N GLU D 35 -30.68 7.93 -28.34
CA GLU D 35 -29.92 6.70 -28.44
C GLU D 35 -28.99 6.70 -29.64
N ILE D 36 -29.35 7.40 -30.70
CA ILE D 36 -28.44 7.57 -31.82
C ILE D 36 -27.27 8.45 -31.41
N SER D 37 -27.56 9.60 -30.80
CA SER D 37 -26.51 10.51 -30.34
C SER D 37 -25.62 9.83 -29.31
N ARG D 38 -26.21 9.04 -28.43
CA ARG D 38 -25.44 8.37 -27.39
C ARG D 38 -24.35 7.49 -27.98
N VAL D 39 -24.68 6.74 -29.03
CA VAL D 39 -23.70 5.86 -29.65
C VAL D 39 -22.60 6.66 -30.34
N VAL D 40 -22.95 7.73 -31.05
CA VAL D 40 -21.95 8.53 -31.74
C VAL D 40 -20.97 9.14 -30.76
N ILE D 41 -21.45 9.62 -29.62
CA ILE D 41 -20.54 10.17 -28.62
C ILE D 41 -19.66 9.06 -28.06
N HIS D 42 -20.24 7.91 -27.77
CA HIS D 42 -19.48 6.84 -27.16
C HIS D 42 -18.33 6.37 -28.05
N TYR D 43 -18.58 6.22 -29.34
CA TYR D 43 -17.56 5.74 -30.26
C TYR D 43 -16.72 6.85 -30.91
N GLY D 44 -17.34 7.99 -31.23
CA GLY D 44 -16.64 9.02 -31.96
C GLY D 44 -15.99 10.16 -31.19
N TYR D 45 -16.28 10.29 -29.90
CA TYR D 45 -15.77 11.47 -29.19
C TYR D 45 -14.25 11.44 -29.03
N LEU D 46 -13.70 10.32 -28.57
CA LEU D 46 -12.24 10.27 -28.43
C LEU D 46 -11.54 10.34 -29.77
N PRO D 47 -11.97 9.60 -30.81
CA PRO D 47 -11.36 9.84 -32.13
C PRO D 47 -11.47 11.27 -32.60
N MET D 48 -12.53 11.99 -32.22
CA MET D 48 -12.65 13.38 -32.60
C MET D 48 -11.57 14.23 -31.95
N ILE D 49 -11.36 14.05 -30.64
CA ILE D 49 -10.29 14.77 -29.95
C ILE D 49 -8.93 14.46 -30.56
N LEU D 50 -8.67 13.18 -30.81
CA LEU D 50 -7.39 12.80 -31.41
C LEU D 50 -7.25 13.36 -32.81
N TYR D 51 -8.33 13.41 -33.57
CA TYR D 51 -8.27 14.01 -34.90
C TYR D 51 -7.96 15.49 -34.80
N LEU D 52 -8.62 16.19 -33.89
CA LEU D 52 -8.35 17.61 -33.72
C LEU D 52 -6.88 17.84 -33.37
N GLY D 53 -6.36 17.06 -32.44
CA GLY D 53 -4.96 17.18 -32.07
C GLY D 53 -4.01 16.88 -33.21
N TYR D 54 -4.11 15.68 -33.78
CA TYR D 54 -3.18 15.30 -34.85
C TYR D 54 -3.17 16.26 -36.02
N THR D 55 -4.33 16.74 -36.44
CA THR D 55 -4.35 17.60 -37.61
C THR D 55 -4.09 19.06 -37.31
N ARG D 56 -4.14 19.47 -36.05
CA ARG D 56 -3.97 20.87 -35.71
C ARG D 56 -2.81 21.15 -34.77
N SER D 57 -2.23 20.14 -34.15
CA SER D 57 -1.07 20.38 -33.29
C SER D 57 0.09 20.88 -34.12
N GLU D 58 0.96 21.66 -33.49
CA GLU D 58 2.15 22.19 -34.14
C GLU D 58 3.38 21.79 -33.35
N PRO D 59 4.30 20.99 -33.92
CA PRO D 59 4.27 20.37 -35.26
C PRO D 59 3.31 19.19 -35.31
N LYS D 60 3.28 18.46 -36.42
CA LYS D 60 2.43 17.29 -36.53
C LYS D 60 3.24 16.04 -36.20
N PRO D 61 2.85 15.24 -35.22
CA PRO D 61 3.61 14.05 -34.86
C PRO D 61 3.38 12.91 -35.85
N SER D 62 4.03 11.79 -35.57
CA SER D 62 3.83 10.58 -36.38
C SER D 62 2.59 9.83 -35.91
N ILE D 63 2.00 9.09 -36.85
CA ILE D 63 0.76 8.36 -36.55
C ILE D 63 0.96 7.38 -35.42
N ILE D 64 2.14 6.74 -35.35
CA ILE D 64 2.43 5.83 -34.24
C ILE D 64 2.74 6.63 -32.99
N ARG D 65 3.50 7.72 -33.15
CA ARG D 65 3.85 8.56 -32.02
C ARG D 65 2.62 9.24 -31.42
N LEU D 66 1.58 9.44 -32.24
CA LEU D 66 0.35 10.07 -31.77
C LEU D 66 -0.27 9.36 -30.57
N LEU D 67 -0.13 8.04 -30.50
CA LEU D 67 -0.64 7.27 -29.36
C LEU D 67 0.46 6.61 -28.57
N SER D 68 1.72 6.92 -28.86
CA SER D 68 2.82 6.33 -28.14
C SER D 68 2.89 6.88 -26.72
N PRO D 69 3.19 6.03 -25.73
CA PRO D 69 3.14 6.51 -24.34
C PRO D 69 4.31 7.39 -23.97
N LEU D 70 5.54 7.04 -24.37
CA LEU D 70 6.70 7.83 -23.98
C LEU D 70 7.78 7.94 -25.04
N SER D 71 7.60 7.35 -26.22
CA SER D 71 8.60 7.48 -27.27
C SER D 71 8.44 8.80 -28.02
N LEU E 21 -33.38 53.46 -20.13
CA LEU E 21 -32.51 54.27 -20.99
C LEU E 21 -31.08 54.27 -20.49
N SER E 22 -30.15 54.57 -21.39
CA SER E 22 -28.74 54.61 -21.04
C SER E 22 -28.40 55.68 -20.02
N ASP E 23 -29.25 56.72 -19.92
CA ASP E 23 -28.98 57.79 -18.95
C ASP E 23 -28.83 57.25 -17.54
N LEU E 24 -29.68 56.29 -17.16
CA LEU E 24 -29.56 55.68 -15.84
C LEU E 24 -28.42 54.65 -15.84
N TYR E 25 -28.33 53.85 -16.90
CA TYR E 25 -27.29 52.84 -16.99
C TYR E 25 -25.89 53.44 -16.90
N ASP E 26 -25.68 54.59 -17.52
CA ASP E 26 -24.34 55.20 -17.50
C ASP E 26 -23.93 55.56 -16.08
N ALA E 27 -24.82 56.22 -15.33
CA ALA E 27 -24.50 56.55 -13.94
C ALA E 27 -24.41 55.30 -13.08
N PHE E 28 -25.29 54.33 -13.34
CA PHE E 28 -25.28 53.09 -12.57
C PHE E 28 -24.00 52.30 -12.82
N GLN E 29 -23.61 52.12 -14.08
CA GLN E 29 -22.42 51.34 -14.38
C GLN E 29 -21.15 52.04 -13.91
N GLU E 30 -21.09 53.37 -14.05
CA GLU E 30 -19.91 54.10 -13.59
C GLU E 30 -19.78 54.03 -12.07
N ARG E 31 -20.88 54.23 -11.35
CA ARG E 31 -20.86 54.13 -9.89
C ARG E 31 -20.53 52.71 -9.46
N ARG E 32 -20.99 51.72 -10.23
CA ARG E 32 -20.68 50.32 -9.94
C ARG E 32 -19.18 50.07 -9.95
N GLN E 33 -18.50 50.53 -11.00
CA GLN E 33 -17.07 50.30 -11.15
C GLN E 33 -16.23 51.12 -10.19
N LYS E 34 -16.74 52.25 -9.71
CA LYS E 34 -15.97 53.09 -8.79
C LYS E 34 -15.62 52.40 -7.48
N LEU E 35 -16.29 51.30 -7.13
CA LEU E 35 -16.06 50.66 -5.85
C LEU E 35 -14.93 49.63 -5.90
N GLY E 36 -14.24 49.51 -7.02
CA GLY E 36 -13.07 48.64 -7.09
C GLY E 36 -13.31 47.17 -6.86
N LEU E 37 -14.49 46.68 -7.20
CA LEU E 37 -14.77 45.25 -7.02
C LEU E 37 -14.06 44.44 -8.09
N SER E 38 -13.99 43.13 -7.86
CA SER E 38 -13.37 42.21 -8.80
C SER E 38 -14.16 40.91 -8.83
N ASN E 39 -13.93 40.12 -9.85
CA ASN E 39 -14.65 38.86 -10.04
C ASN E 39 -14.34 37.91 -8.88
N PRO E 40 -15.35 37.42 -8.15
CA PRO E 40 -15.09 36.52 -7.02
C PRO E 40 -14.86 35.07 -7.40
N GLY E 41 -14.94 34.69 -8.67
CA GLY E 41 -14.76 33.31 -9.06
C GLY E 41 -15.98 32.45 -8.78
N LEU E 42 -15.84 31.16 -9.09
CA LEU E 42 -16.96 30.23 -9.01
C LEU E 42 -17.30 29.90 -7.56
N VAL E 43 -18.58 29.58 -7.33
CA VAL E 43 -19.02 29.17 -6.00
C VAL E 43 -18.32 27.89 -5.56
N GLU E 44 -18.08 26.98 -6.49
CA GLU E 44 -17.42 25.73 -6.11
C GLU E 44 -15.97 25.92 -5.72
N ASN E 45 -15.38 27.08 -6.00
CA ASN E 45 -14.01 27.37 -5.60
C ASN E 45 -13.93 28.18 -4.33
N ILE E 46 -15.05 28.37 -3.64
CA ILE E 46 -15.08 29.19 -2.44
C ILE E 46 -14.21 28.60 -1.32
N ALA E 47 -13.89 27.30 -1.40
CA ALA E 47 -13.02 26.66 -0.42
C ALA E 47 -11.87 25.92 -1.07
N LYS E 48 -11.51 26.28 -2.29
CA LYS E 48 -10.44 25.58 -3.00
C LYS E 48 -9.14 25.58 -2.21
N GLU E 49 -8.79 26.73 -1.60
CA GLU E 49 -7.50 26.83 -0.94
C GLU E 49 -7.36 25.82 0.20
N VAL E 50 -8.43 25.61 0.96
CA VAL E 50 -8.38 24.63 2.04
C VAL E 50 -8.60 23.22 1.50
N GLN E 51 -9.75 22.99 0.86
CA GLN E 51 -10.13 21.65 0.49
C GLN E 51 -9.31 21.05 -0.65
N ARG E 52 -8.70 21.87 -1.50
CA ARG E 52 -7.91 21.33 -2.58
C ARG E 52 -6.42 21.57 -2.44
N ASP E 53 -5.99 22.76 -2.02
CA ASP E 53 -4.55 22.98 -1.95
C ASP E 53 -3.94 22.37 -0.69
N VAL E 54 -4.57 22.54 0.46
CA VAL E 54 -3.98 22.08 1.71
C VAL E 54 -4.41 20.66 2.06
N LEU E 55 -5.71 20.38 2.06
CA LEU E 55 -6.15 19.05 2.50
C LEU E 55 -5.80 18.00 1.47
N THR E 56 -5.66 16.76 1.94
CA THR E 56 -5.28 15.63 1.13
C THR E 56 -6.44 14.92 0.46
N THR E 57 -7.67 15.21 0.87
CA THR E 57 -8.87 14.50 0.45
C THR E 57 -8.90 14.13 -1.03
N ASN E 58 -8.49 15.05 -1.91
CA ASN E 58 -8.52 14.79 -3.33
C ASN E 58 -7.31 14.01 -3.84
N LEU E 59 -6.25 13.88 -3.05
CA LEU E 59 -5.06 13.15 -3.49
C LEU E 59 -4.98 11.74 -2.96
N MET E 60 -5.74 11.39 -1.92
CA MET E 60 -5.64 10.08 -1.32
C MET E 60 -6.09 8.98 -2.28
N PHE E 61 -5.36 7.87 -2.25
CA PHE E 61 -5.68 6.68 -3.02
C PHE E 61 -4.93 5.52 -2.40
N SER E 62 -5.26 4.31 -2.84
CA SER E 62 -4.60 3.12 -2.36
C SER E 62 -4.18 2.25 -3.54
N GLY E 63 -3.20 1.40 -3.31
CA GLY E 63 -2.67 0.53 -4.34
C GLY E 63 -1.60 1.17 -5.19
N LEU E 64 -1.45 0.70 -6.43
CA LEU E 64 -0.45 1.17 -7.36
C LEU E 64 -1.10 1.99 -8.45
N ARG E 65 -0.43 3.07 -8.87
CA ARG E 65 -0.94 3.90 -9.95
C ARG E 65 0.21 4.43 -10.79
N ALA E 66 0.04 4.42 -12.10
CA ALA E 66 1.05 4.94 -13.01
C ALA E 66 0.37 5.69 -14.14
N ASP E 67 0.76 6.95 -14.35
CA ASP E 67 0.22 7.79 -15.41
C ASP E 67 1.32 8.09 -16.42
N LEU E 68 1.07 7.78 -17.68
CA LEU E 68 2.02 8.05 -18.75
C LEU E 68 1.40 9.11 -19.66
N THR E 69 1.99 10.30 -19.68
CA THR E 69 1.45 11.42 -20.42
C THR E 69 2.43 11.85 -21.50
N LYS E 70 1.92 11.96 -22.73
CA LYS E 70 2.68 12.48 -23.86
C LYS E 70 2.04 13.79 -24.30
N ALA E 71 2.81 14.86 -24.29
CA ALA E 71 2.36 16.17 -24.74
C ALA E 71 2.84 16.40 -26.16
N PHE E 72 1.90 16.66 -27.07
CA PHE E 72 2.27 16.87 -28.48
C PHE E 72 2.37 18.33 -28.86
N SER E 73 1.73 19.24 -28.14
CA SER E 73 1.87 20.66 -28.41
C SER E 73 1.33 21.43 -27.23
N LEU E 74 1.80 22.67 -27.11
CA LEU E 74 1.33 23.54 -26.04
C LEU E 74 0.35 24.59 -26.53
N ASN E 75 0.39 24.94 -27.80
CA ASN E 75 -0.53 25.93 -28.36
C ASN E 75 -0.82 25.53 -29.79
N PRO E 76 -1.96 24.88 -30.05
CA PRO E 76 -3.00 24.45 -29.10
C PRO E 76 -2.54 23.32 -28.18
N LEU E 77 -3.01 23.29 -26.95
CA LEU E 77 -2.66 22.22 -26.03
C LEU E 77 -3.27 20.91 -26.48
N PHE E 78 -2.43 19.89 -26.64
CA PHE E 78 -2.88 18.57 -27.03
C PHE E 78 -2.00 17.53 -26.36
N GLN E 79 -2.59 16.64 -25.57
CA GLN E 79 -1.78 15.61 -24.95
C GLN E 79 -2.60 14.34 -24.77
N VAL E 80 -1.90 13.22 -24.67
CA VAL E 80 -2.47 11.89 -24.52
C VAL E 80 -1.97 11.30 -23.22
N SER E 81 -2.85 10.62 -22.49
CA SER E 81 -2.47 10.07 -21.19
C SER E 81 -2.98 8.66 -21.02
N HIS E 82 -2.13 7.80 -20.47
CA HIS E 82 -2.48 6.42 -20.14
C HIS E 82 -2.28 6.21 -18.66
N GLN E 83 -3.32 5.77 -17.97
CA GLN E 83 -3.23 5.46 -16.55
C GLN E 83 -3.37 3.96 -16.33
N PHE E 84 -2.42 3.39 -15.59
CA PHE E 84 -2.48 2.00 -15.15
C PHE E 84 -2.65 2.03 -13.64
N ALA E 85 -3.62 1.28 -13.13
CA ALA E 85 -3.85 1.30 -11.70
C ALA E 85 -4.36 -0.04 -11.22
N MET E 86 -4.02 -0.37 -9.98
CA MET E 86 -4.47 -1.60 -9.32
C MET E 86 -4.74 -1.22 -7.87
N GLY E 87 -6.01 -1.00 -7.54
CA GLY E 87 -6.30 -0.57 -6.19
C GLY E 87 -7.79 -0.50 -5.96
N GLU E 88 -8.14 -0.05 -4.77
CA GLU E 88 -9.53 0.09 -4.38
C GLU E 88 -10.24 1.06 -5.31
N ARG E 89 -11.32 0.60 -5.94
CA ARG E 89 -12.16 1.37 -6.87
C ARG E 89 -11.34 2.12 -7.93
N LEU E 90 -10.18 1.59 -8.29
CA LEU E 90 -9.36 2.15 -9.35
C LEU E 90 -9.49 1.25 -10.57
N SER E 91 -9.91 1.83 -11.69
CA SER E 91 -10.06 1.05 -12.91
C SER E 91 -8.69 0.63 -13.42
N PRO E 92 -8.54 -0.63 -13.85
CA PRO E 92 -7.24 -1.11 -14.32
C PRO E 92 -6.57 -0.23 -15.36
N TYR E 93 -7.32 0.35 -16.28
CA TYR E 93 -6.73 1.17 -17.31
C TYR E 93 -7.69 2.30 -17.69
N THR E 94 -7.12 3.45 -18.03
CA THR E 94 -7.91 4.60 -18.45
C THR E 94 -7.13 5.36 -19.50
N PHE E 95 -7.65 5.42 -20.71
CA PHE E 95 -7.07 6.23 -21.77
C PHE E 95 -7.66 7.62 -21.71
N ALA E 96 -6.85 8.64 -21.98
CA ALA E 96 -7.36 9.99 -21.96
C ALA E 96 -6.63 10.84 -22.99
N ALA E 97 -7.35 11.80 -23.55
CA ALA E 97 -6.80 12.73 -24.52
C ALA E 97 -7.51 14.05 -24.32
N LEU E 98 -6.80 15.14 -24.54
CA LEU E 98 -7.42 16.45 -24.39
C LEU E 98 -6.86 17.40 -25.44
N TYR E 99 -7.70 18.33 -25.86
CA TYR E 99 -7.33 19.36 -26.81
C TYR E 99 -7.84 20.69 -26.29
N GLY E 100 -6.93 21.66 -26.15
CA GLY E 100 -7.28 22.95 -25.60
C GLY E 100 -6.82 24.09 -26.48
N THR E 101 -7.58 25.18 -26.42
CA THR E 101 -7.34 26.34 -27.25
C THR E 101 -7.87 27.54 -26.48
N SER E 102 -7.42 28.74 -26.86
CA SER E 102 -7.86 29.94 -26.15
C SER E 102 -9.36 30.06 -26.02
N LYS E 103 -10.12 29.49 -26.97
CA LYS E 103 -11.57 29.50 -26.87
C LYS E 103 -12.22 28.16 -26.57
N MET E 104 -11.46 27.07 -26.51
CA MET E 104 -12.15 25.80 -26.31
C MET E 104 -11.24 24.79 -25.65
N PHE E 105 -11.87 23.81 -25.01
CA PHE E 105 -11.17 22.74 -24.32
C PHE E 105 -12.01 21.49 -24.42
N ALA E 106 -11.50 20.47 -25.09
CA ALA E 106 -12.17 19.19 -25.25
C ALA E 106 -11.34 18.13 -24.55
N GLN E 107 -11.97 17.35 -23.68
CA GLN E 107 -11.27 16.30 -22.97
C GLN E 107 -12.14 15.05 -22.93
N GLY E 108 -11.51 13.90 -23.16
CA GLY E 108 -12.20 12.63 -23.07
C GLY E 108 -11.36 11.55 -22.43
N ASN E 109 -11.96 10.70 -21.62
CA ASN E 109 -11.24 9.56 -21.04
C ASN E 109 -12.18 8.37 -20.96
N ILE E 110 -11.66 7.17 -21.22
CA ILE E 110 -12.45 5.96 -21.24
C ILE E 110 -11.74 4.86 -20.47
N ASP E 111 -12.48 4.17 -19.60
CA ASP E 111 -11.99 3.06 -18.81
C ASP E 111 -11.91 1.80 -19.65
N ASP E 112 -11.21 0.79 -19.12
CA ASP E 112 -11.19 -0.51 -19.77
C ASP E 112 -12.58 -1.13 -19.85
N GLN E 113 -13.51 -0.71 -18.98
CA GLN E 113 -14.86 -1.23 -18.97
C GLN E 113 -15.79 -0.44 -19.87
N GLY E 114 -15.27 0.51 -20.64
CA GLY E 114 -16.10 1.29 -21.54
C GLY E 114 -16.78 2.49 -20.94
N ASN E 115 -16.47 2.85 -19.69
CA ASN E 115 -17.04 4.05 -19.09
C ASN E 115 -16.38 5.28 -19.70
N LEU E 116 -17.15 6.08 -20.44
CA LEU E 116 -16.62 7.26 -21.11
C LEU E 116 -17.07 8.51 -20.39
N SER E 117 -16.12 9.33 -19.95
CA SER E 117 -16.39 10.65 -19.41
C SER E 117 -15.84 11.69 -20.36
N THR E 118 -16.66 12.66 -20.74
CA THR E 118 -16.25 13.69 -21.69
C THR E 118 -16.47 15.06 -21.11
N THR E 119 -15.69 16.02 -21.62
CA THR E 119 -15.79 17.42 -21.26
C THR E 119 -15.61 18.25 -22.52
N PHE E 120 -16.45 19.26 -22.70
CA PHE E 120 -16.32 20.17 -23.83
C PHE E 120 -16.70 21.57 -23.37
N ASN E 121 -15.72 22.44 -23.24
CA ASN E 121 -15.93 23.82 -22.81
C ASN E 121 -15.62 24.75 -23.96
N TYR E 122 -16.49 25.73 -24.18
CA TYR E 122 -16.28 26.67 -25.27
C TYR E 122 -16.64 28.07 -24.80
N ARG E 123 -15.79 29.04 -25.15
CA ARG E 123 -15.99 30.43 -24.77
C ARG E 123 -16.76 31.17 -25.86
N TRP E 124 -18.08 31.28 -25.69
CA TRP E 124 -18.85 32.06 -26.65
C TRP E 124 -18.42 33.52 -26.64
N THR E 125 -18.05 34.02 -25.47
CA THR E 125 -17.63 35.38 -25.23
C THR E 125 -16.58 35.30 -24.13
N PRO E 126 -15.64 36.25 -24.06
CA PRO E 126 -14.66 36.18 -22.97
C PRO E 126 -15.30 36.14 -21.59
N SER E 127 -16.53 36.62 -21.45
CA SER E 127 -17.23 36.53 -20.18
C SER E 127 -18.18 35.35 -20.08
N PHE E 128 -18.61 34.76 -21.19
CA PHE E 128 -19.59 33.68 -21.18
C PHE E 128 -18.97 32.41 -21.76
N THR E 129 -19.07 31.31 -21.02
CA THR E 129 -18.52 30.04 -21.43
C THR E 129 -19.51 28.93 -21.13
N THR E 130 -19.60 27.96 -22.04
CA THR E 130 -20.49 26.81 -21.91
C THR E 130 -19.68 25.55 -21.63
N LYS E 131 -20.05 24.83 -20.59
CA LYS E 131 -19.38 23.58 -20.22
C LYS E 131 -20.37 22.43 -20.34
N THR E 132 -20.05 21.46 -21.18
CA THR E 132 -20.88 20.27 -21.40
C THR E 132 -20.11 19.03 -20.98
N ARG E 133 -20.74 18.16 -20.19
CA ARG E 133 -20.11 16.93 -19.74
C ARG E 133 -21.04 15.74 -19.96
N PHE E 134 -20.47 14.64 -20.45
CA PHE E 134 -21.20 13.40 -20.64
C PHE E 134 -20.49 12.24 -19.94
N GLN E 135 -21.27 11.40 -19.27
CA GLN E 135 -20.80 10.17 -18.65
C GLN E 135 -21.61 9.02 -19.23
N ILE E 136 -20.98 8.20 -20.08
CA ILE E 136 -21.72 7.18 -20.83
C ILE E 136 -21.19 5.82 -20.40
N THR E 137 -21.92 5.16 -19.52
CA THR E 137 -21.59 3.83 -19.03
C THR E 137 -21.99 2.80 -20.08
N PRO E 138 -21.51 1.54 -19.97
CA PRO E 138 -22.02 0.48 -20.85
C PRO E 138 -23.53 0.55 -20.97
N GLY E 139 -24.13 0.04 -22.05
CA GLY E 139 -25.53 0.35 -22.29
C GLY E 139 -26.46 -0.24 -21.25
N ALA E 140 -26.27 -1.53 -20.94
CA ALA E 140 -27.15 -2.15 -19.93
C ALA E 140 -26.86 -1.60 -18.54
N THR E 141 -25.58 -1.47 -18.19
CA THR E 141 -25.16 -1.06 -16.86
C THR E 141 -25.33 0.43 -16.62
N GLY E 142 -25.59 0.79 -15.36
CA GLY E 142 -25.51 2.18 -14.94
C GLY E 142 -26.63 3.07 -15.46
N GLN E 143 -26.35 4.38 -15.38
CA GLN E 143 -27.16 5.39 -16.02
C GLN E 143 -26.26 6.47 -16.60
N ASP E 144 -26.71 7.06 -17.70
CA ASP E 144 -25.98 8.10 -18.41
C ASP E 144 -26.43 9.50 -17.97
N MET E 145 -25.47 10.35 -17.66
CA MET E 145 -25.75 11.72 -17.24
C MET E 145 -25.26 12.70 -18.30
N ALA E 146 -26.07 13.72 -18.56
CA ALA E 146 -25.72 14.81 -19.47
C ALA E 146 -25.80 16.11 -18.69
N GLN E 147 -24.68 16.81 -18.56
CA GLN E 147 -24.64 18.04 -17.78
C GLN E 147 -24.27 19.22 -18.67
N PHE E 148 -25.16 20.20 -18.75
CA PHE E 148 -24.94 21.42 -19.50
C PHE E 148 -24.81 22.58 -18.52
N GLU E 149 -23.64 23.22 -18.52
CA GLU E 149 -23.37 24.34 -17.62
C GLU E 149 -23.15 25.61 -18.43
N HIS E 150 -23.70 26.71 -17.94
CA HIS E 150 -23.53 28.03 -18.56
C HIS E 150 -22.99 29.00 -17.51
N GLU E 151 -21.74 29.41 -17.67
CA GLU E 151 -21.10 30.30 -16.71
C GLU E 151 -20.98 31.69 -17.30
N TYR E 152 -21.39 32.69 -16.55
CA TYR E 152 -21.21 34.09 -16.92
C TYR E 152 -20.34 34.73 -15.85
N SER E 153 -19.23 35.32 -16.27
CA SER E 153 -18.33 36.01 -15.36
C SER E 153 -18.38 37.49 -15.66
N GLY E 154 -18.97 38.26 -14.75
CA GLY E 154 -19.08 39.69 -14.90
C GLY E 154 -17.88 40.40 -14.28
N ALA E 155 -17.97 41.73 -14.25
CA ALA E 155 -16.90 42.51 -13.66
C ALA E 155 -16.76 42.23 -12.18
N ASP E 156 -17.86 41.91 -11.50
CA ASP E 156 -17.80 41.71 -10.05
C ASP E 156 -18.63 40.54 -9.56
N PHE E 157 -19.12 39.66 -10.44
CA PHE E 157 -19.98 38.56 -10.01
C PHE E 157 -19.84 37.41 -10.98
N THR E 158 -20.38 36.27 -10.59
CA THR E 158 -20.47 35.13 -11.48
C THR E 158 -21.84 34.49 -11.34
N ALA E 159 -22.45 34.13 -12.46
CA ALA E 159 -23.73 33.46 -12.47
C ALA E 159 -23.59 32.17 -13.25
N THR E 160 -24.20 31.10 -12.73
CA THR E 160 -24.07 29.80 -13.36
C THR E 160 -25.40 29.07 -13.26
N ILE E 161 -25.75 28.33 -14.30
CA ILE E 161 -26.93 27.48 -14.30
C ILE E 161 -26.56 26.13 -14.90
N LYS E 162 -26.81 25.07 -14.16
CA LYS E 162 -26.54 23.70 -14.61
C LYS E 162 -27.84 22.95 -14.81
N ALA E 163 -27.96 22.28 -15.93
CA ALA E 163 -29.10 21.40 -16.21
C ALA E 163 -28.57 19.99 -16.38
N LEU E 164 -28.97 19.09 -15.49
CA LEU E 164 -28.50 17.71 -15.52
C LEU E 164 -29.68 16.80 -15.84
N ASN E 165 -29.53 16.01 -16.90
CA ASN E 165 -30.59 15.15 -17.42
C ASN E 165 -31.91 15.90 -17.65
N PRO E 166 -31.88 17.04 -18.34
CA PRO E 166 -33.12 17.76 -18.59
C PRO E 166 -34.01 16.95 -19.51
N SER E 167 -35.31 16.94 -19.22
CA SER E 167 -36.22 16.21 -20.08
C SER E 167 -37.57 16.91 -20.12
N PHE E 168 -38.17 16.93 -21.31
CA PHE E 168 -39.49 17.49 -21.52
C PHE E 168 -40.38 16.54 -22.30
N LEU E 169 -39.94 15.30 -22.52
CA LEU E 169 -40.69 14.37 -23.35
C LEU E 169 -41.95 13.87 -22.66
N GLU E 170 -41.99 13.89 -21.33
CA GLU E 170 -43.20 13.50 -20.60
C GLU E 170 -44.24 14.62 -20.55
N GLY E 171 -44.01 15.72 -21.26
CA GLY E 171 -44.90 16.85 -21.25
C GLY E 171 -44.63 17.88 -20.18
N GLY E 172 -43.51 17.76 -19.47
CA GLY E 172 -43.15 18.71 -18.44
C GLY E 172 -41.68 18.62 -18.15
N LEU E 173 -41.13 19.70 -17.61
CA LEU E 173 -39.70 19.75 -17.34
C LEU E 173 -39.33 18.72 -16.28
N THR E 174 -38.13 18.15 -16.42
CA THR E 174 -37.65 17.12 -15.52
C THR E 174 -36.13 17.21 -15.45
N GLY E 175 -35.55 16.78 -14.34
CA GLY E 175 -34.12 16.82 -14.16
C GLY E 175 -33.70 17.69 -13.00
N ILE E 176 -32.40 17.95 -12.93
CA ILE E 176 -31.78 18.73 -11.86
C ILE E 176 -31.29 20.05 -12.44
N PHE E 177 -31.74 21.16 -11.87
CA PHE E 177 -31.34 22.51 -12.27
C PHE E 177 -30.73 23.23 -11.09
N VAL E 178 -29.48 23.65 -11.24
CA VAL E 178 -28.73 24.32 -10.17
C VAL E 178 -28.38 25.73 -10.62
N GLY E 179 -28.82 26.73 -9.85
CA GLY E 179 -28.45 28.11 -10.09
C GLY E 179 -27.42 28.56 -9.07
N GLN E 180 -26.37 29.22 -9.54
CA GLN E 180 -25.30 29.69 -8.67
C GLN E 180 -24.99 31.15 -8.94
N TYR E 181 -24.73 31.90 -7.87
CA TYR E 181 -24.40 33.32 -7.94
C TYR E 181 -23.43 33.67 -6.84
N LEU E 182 -22.36 34.39 -7.17
CA LEU E 182 -21.40 34.88 -6.20
C LEU E 182 -21.09 36.34 -6.49
N GLN E 183 -21.24 37.20 -5.50
CA GLN E 183 -21.15 38.64 -5.69
C GLN E 183 -20.10 39.23 -4.77
N SER E 184 -19.21 40.05 -5.33
CA SER E 184 -18.25 40.77 -4.52
C SER E 184 -18.94 41.95 -3.84
N ILE E 185 -18.93 41.95 -2.51
CA ILE E 185 -19.58 43.00 -1.74
C ILE E 185 -18.62 44.14 -1.43
N THR E 186 -17.36 43.81 -1.14
CA THR E 186 -16.27 44.72 -0.88
C THR E 186 -15.05 44.12 -1.54
N PRO E 187 -13.93 44.83 -1.66
CA PRO E 187 -12.75 44.22 -2.30
C PRO E 187 -12.32 42.92 -1.66
N LYS E 188 -12.70 42.66 -0.42
CA LYS E 188 -12.33 41.43 0.26
C LYS E 188 -13.49 40.47 0.49
N LEU E 189 -14.70 40.97 0.66
CA LEU E 189 -15.85 40.15 1.02
C LEU E 189 -16.68 39.82 -0.21
N SER E 190 -16.97 38.53 -0.39
CA SER E 190 -17.89 38.08 -1.42
C SER E 190 -18.98 37.22 -0.80
N LEU E 191 -20.22 37.43 -1.22
CA LEU E 191 -21.36 36.68 -0.73
C LEU E 191 -22.07 36.03 -1.90
N GLY E 192 -22.69 34.88 -1.67
CA GLY E 192 -23.27 34.16 -2.77
C GLY E 192 -24.49 33.36 -2.40
N LEU E 193 -25.03 32.67 -3.41
CA LEU E 193 -26.28 31.94 -3.28
C LEU E 193 -26.24 30.71 -4.17
N GLU E 194 -26.88 29.65 -3.72
CA GLU E 194 -27.05 28.44 -4.51
C GLU E 194 -28.49 27.95 -4.41
N ALA E 195 -29.12 27.67 -5.55
CA ALA E 195 -30.51 27.22 -5.58
C ALA E 195 -30.63 25.99 -6.47
N VAL E 196 -31.36 24.98 -6.00
CA VAL E 196 -31.54 23.72 -6.72
C VAL E 196 -33.03 23.47 -6.92
N TRP E 197 -33.38 22.91 -8.09
CA TRP E 197 -34.74 22.51 -8.40
C TRP E 197 -34.68 21.11 -8.98
N GLN E 198 -35.48 20.19 -8.43
CA GLN E 198 -35.42 18.80 -8.84
C GLN E 198 -36.82 18.24 -9.05
N ARG E 199 -37.03 17.53 -10.16
CA ARG E 199 -38.28 16.82 -10.43
C ARG E 199 -37.96 15.64 -11.33
N ALA E 200 -37.32 14.61 -10.75
CA ALA E 200 -36.94 13.45 -11.56
C ALA E 200 -38.14 12.75 -12.15
N GLY E 201 -39.22 12.61 -11.37
CA GLY E 201 -40.46 12.03 -11.82
C GLY E 201 -41.55 13.09 -11.88
N LEU E 202 -42.27 13.14 -13.00
CA LEU E 202 -43.39 14.07 -13.09
C LEU E 202 -44.44 13.75 -12.04
N THR E 203 -44.67 12.46 -11.78
CA THR E 203 -45.64 12.07 -10.78
C THR E 203 -45.26 12.59 -9.40
N GLN E 204 -43.97 12.55 -9.05
CA GLN E 204 -43.48 13.15 -7.83
C GLN E 204 -43.40 14.66 -7.96
N GLY E 205 -43.64 15.36 -6.85
CA GLY E 205 -43.54 16.80 -6.82
C GLY E 205 -42.10 17.28 -6.86
N PRO E 206 -41.89 18.48 -7.39
CA PRO E 206 -40.56 19.08 -7.35
C PRO E 206 -40.04 19.24 -5.93
N ASP E 207 -38.74 19.04 -5.77
CA ASP E 207 -38.03 19.28 -4.52
C ASP E 207 -37.00 20.37 -4.75
N THR E 208 -36.93 21.34 -3.84
CA THR E 208 -36.04 22.47 -4.01
C THR E 208 -35.21 22.74 -2.76
N ALA E 209 -33.94 23.05 -2.97
CA ALA E 209 -33.01 23.37 -1.89
C ALA E 209 -32.30 24.68 -2.21
N ILE E 210 -31.96 25.43 -1.16
CA ILE E 210 -31.23 26.69 -1.30
C ILE E 210 -30.07 26.67 -0.32
N SER E 211 -28.90 27.05 -0.79
CA SER E 211 -27.70 27.10 0.04
C SER E 211 -27.08 28.47 -0.04
N TYR E 212 -26.64 29.00 1.09
CA TYR E 212 -25.99 30.29 1.14
C TYR E 212 -24.50 30.11 1.36
N VAL E 213 -23.69 30.90 0.65
CA VAL E 213 -22.25 30.84 0.76
C VAL E 213 -21.71 32.25 0.89
N GLY E 214 -20.49 32.34 1.36
CA GLY E 214 -19.81 33.62 1.51
C GLY E 214 -18.34 33.37 1.75
N ARG E 215 -17.55 34.39 1.45
CA ARG E 215 -16.12 34.25 1.65
C ARG E 215 -15.49 35.60 1.90
N TYR E 216 -14.59 35.65 2.87
CA TYR E 216 -13.79 36.82 3.18
C TYR E 216 -12.35 36.47 2.88
N LYS E 217 -11.75 37.16 1.92
CA LYS E 217 -10.41 36.84 1.48
C LYS E 217 -9.48 38.03 1.66
N THR E 218 -8.37 37.81 2.33
CA THR E 218 -7.29 38.78 2.48
C THR E 218 -6.02 38.17 1.91
N GLU E 219 -4.94 38.92 1.98
CA GLU E 219 -3.69 38.44 1.39
C GLU E 219 -3.17 37.20 2.09
N ASN E 220 -3.19 37.19 3.42
CA ASN E 220 -2.62 36.09 4.19
C ASN E 220 -3.62 35.04 4.65
N TRP E 221 -4.92 35.34 4.68
CA TRP E 221 -5.88 34.37 5.16
C TRP E 221 -7.20 34.49 4.42
N ILE E 222 -7.93 33.39 4.40
CA ILE E 222 -9.22 33.29 3.72
C ILE E 222 -10.20 32.53 4.60
N ALA E 223 -11.39 33.08 4.79
CA ALA E 223 -12.45 32.45 5.57
C ALA E 223 -13.65 32.22 4.67
N SER E 224 -14.23 31.04 4.74
CA SER E 224 -15.35 30.67 3.88
C SER E 224 -16.40 29.90 4.66
N ALA E 225 -17.66 30.04 4.26
CA ALA E 225 -18.72 29.28 4.87
C ALA E 225 -19.79 28.94 3.83
N GLN E 226 -20.34 27.73 3.95
CA GLN E 226 -21.44 27.28 3.11
C GLN E 226 -22.52 26.76 4.04
N LEU E 227 -23.72 27.29 3.94
CA LEU E 227 -24.80 26.94 4.86
C LEU E 227 -25.99 26.41 4.08
N GLN E 228 -26.20 25.10 4.14
CA GLN E 228 -27.38 24.52 3.52
C GLN E 228 -28.60 24.85 4.36
N ALA E 229 -29.68 25.28 3.71
CA ALA E 229 -30.90 25.59 4.44
C ALA E 229 -31.44 24.40 5.21
N GLN E 230 -31.06 23.18 4.81
CA GLN E 230 -31.49 21.98 5.53
C GLN E 230 -30.77 21.80 6.85
N GLY E 231 -29.68 22.54 7.11
CA GLY E 231 -29.03 22.46 8.39
C GLY E 231 -27.53 22.27 8.35
N ALA E 232 -27.02 21.74 7.24
CA ALA E 232 -25.59 21.50 7.14
C ALA E 232 -24.84 22.81 7.02
N LEU E 233 -23.65 22.85 7.60
CA LEU E 233 -22.79 24.02 7.59
C LEU E 233 -21.35 23.58 7.37
N ASN E 234 -20.69 24.18 6.39
CA ASN E 234 -19.30 23.89 6.12
C ASN E 234 -18.52 25.20 6.16
N ALA E 235 -17.62 25.33 7.13
CA ALA E 235 -16.77 26.50 7.27
C ALA E 235 -15.32 26.10 7.10
N SER E 236 -14.54 26.96 6.47
CA SER E 236 -13.13 26.67 6.27
C SER E 236 -12.31 27.93 6.46
N TYR E 237 -11.08 27.75 6.93
CA TYR E 237 -10.16 28.84 7.19
C TYR E 237 -8.81 28.45 6.64
N TRP E 238 -8.20 29.33 5.86
CA TRP E 238 -6.89 29.09 5.28
C TRP E 238 -5.96 30.22 5.66
N GLN E 239 -4.73 29.88 6.02
CA GLN E 239 -3.75 30.90 6.35
C GLN E 239 -2.38 30.49 5.89
N ARG E 240 -1.65 31.44 5.32
CA ARG E 240 -0.30 31.21 4.86
C ARG E 240 0.68 31.44 6.01
N LEU E 241 1.45 30.42 6.33
CA LEU E 241 2.41 30.46 7.44
C LEU E 241 3.82 30.67 6.94
N GLY E 242 4.03 31.73 6.15
CA GLY E 242 5.32 31.98 5.56
C GLY E 242 5.36 31.58 4.10
N GLU E 243 6.53 31.73 3.51
CA GLU E 243 6.68 31.53 2.08
C GLU E 243 6.42 30.08 1.65
N LYS E 244 6.84 29.12 2.46
CA LYS E 244 6.76 27.72 2.06
C LYS E 244 5.69 26.92 2.77
N VAL E 245 4.97 27.49 3.72
CA VAL E 245 4.03 26.72 4.54
C VAL E 245 2.68 27.40 4.52
N GLN E 246 1.63 26.60 4.41
CA GLN E 246 0.26 27.09 4.49
C GLN E 246 -0.56 26.00 5.15
N ALA E 247 -1.58 26.41 5.90
CA ALA E 247 -2.39 25.47 6.65
C ALA E 247 -3.85 25.87 6.56
N GLY E 248 -4.73 24.93 6.89
CA GLY E 248 -6.15 25.21 6.81
C GLY E 248 -6.97 24.28 7.67
N VAL E 249 -8.18 24.73 7.97
CA VAL E 249 -9.12 24.01 8.82
C VAL E 249 -10.43 23.90 8.08
N ASP E 250 -11.06 22.73 8.12
CA ASP E 250 -12.33 22.51 7.44
C ASP E 250 -13.31 21.86 8.42
N MET E 251 -14.41 22.54 8.71
CA MET E 251 -15.44 22.03 9.60
C MET E 251 -16.71 21.71 8.82
N THR E 252 -17.24 20.50 9.02
CA THR E 252 -18.48 20.07 8.40
C THR E 252 -19.47 19.62 9.47
N LEU E 253 -20.65 20.24 9.49
CA LEU E 253 -21.72 19.84 10.40
C LEU E 253 -22.90 19.31 9.60
N SER E 254 -23.36 18.11 9.95
CA SER E 254 -24.53 17.49 9.34
C SER E 254 -25.57 17.20 10.40
N VAL E 255 -26.80 17.66 10.19
CA VAL E 255 -27.87 17.49 11.18
C VAL E 255 -29.07 16.79 10.58
N ASN E 256 -28.90 16.14 9.42
CA ASN E 256 -30.00 15.46 8.75
C ASN E 256 -30.50 14.27 9.56
N THR E 266 -29.97 12.19 12.97
CA THR E 266 -28.87 12.35 13.90
C THR E 266 -28.04 13.59 13.58
N LYS E 267 -27.10 13.92 14.45
CA LYS E 267 -26.22 15.07 14.29
C LYS E 267 -24.78 14.58 14.19
N GLU E 268 -24.10 14.98 13.12
CA GLU E 268 -22.72 14.54 12.91
C GLU E 268 -21.86 15.73 12.49
N GLY E 269 -20.68 15.81 13.08
CA GLY E 269 -19.74 16.88 12.78
C GLY E 269 -18.32 16.38 12.73
N ILE E 270 -17.53 16.87 11.77
CA ILE E 270 -16.14 16.47 11.63
C ILE E 270 -15.32 17.70 11.26
N THR E 271 -14.17 17.87 11.92
CA THR E 271 -13.25 18.97 11.65
C THR E 271 -11.91 18.42 11.21
N THR E 272 -11.40 18.91 10.09
CA THR E 272 -10.12 18.48 9.55
C THR E 272 -9.15 19.64 9.55
N PHE E 273 -7.98 19.45 10.17
CA PHE E 273 -6.92 20.43 10.20
C PHE E 273 -5.74 19.87 9.41
N GLY E 274 -5.15 20.67 8.54
CA GLY E 274 -4.03 20.20 7.75
C GLY E 274 -3.09 21.31 7.36
N ALA E 275 -1.90 20.93 6.91
CA ALA E 275 -0.89 21.87 6.48
C ALA E 275 -0.18 21.32 5.26
N LYS E 276 0.34 22.24 4.44
CA LYS E 276 1.08 21.88 3.24
C LYS E 276 2.42 22.60 3.21
N TYR E 277 3.48 21.85 2.96
CA TYR E 277 4.84 22.39 2.90
C TYR E 277 5.35 22.30 1.47
N ASP E 278 5.84 23.42 0.95
CA ASP E 278 6.37 23.49 -0.40
C ASP E 278 7.89 23.54 -0.34
N PHE E 279 8.53 22.43 -0.70
CA PHE E 279 9.97 22.38 -0.81
C PHE E 279 10.36 22.57 -2.28
N ARG E 280 11.67 22.67 -2.53
CA ARG E 280 12.11 22.93 -3.90
C ARG E 280 11.85 21.73 -4.82
N MET E 281 11.93 20.52 -4.31
CA MET E 281 11.69 19.33 -5.11
C MET E 281 10.54 18.47 -4.63
N SER E 282 9.81 18.88 -3.60
CA SER E 282 8.74 18.04 -3.09
C SER E 282 7.72 18.89 -2.37
N THR E 283 6.53 18.32 -2.23
CA THR E 283 5.42 18.94 -1.51
C THR E 283 4.88 17.93 -0.52
N PHE E 284 4.82 18.31 0.75
CA PHE E 284 4.34 17.42 1.78
C PHE E 284 3.05 17.96 2.37
N ARG E 285 2.04 17.11 2.44
CA ARG E 285 0.74 17.44 3.01
C ARG E 285 0.42 16.47 4.14
N ALA E 286 -0.12 16.99 5.23
CA ALA E 286 -0.52 16.15 6.34
C ALA E 286 -1.80 16.72 6.94
N GLN E 287 -2.70 15.85 7.37
CA GLN E 287 -3.92 16.32 7.99
C GLN E 287 -4.38 15.33 9.04
N ILE E 288 -5.08 15.86 10.05
CA ILE E 288 -5.68 15.07 11.10
C ILE E 288 -7.11 15.57 11.26
N ASP E 289 -8.02 14.69 11.65
CA ASP E 289 -9.40 15.09 11.81
C ASP E 289 -9.99 14.51 13.08
N THR E 290 -11.11 15.09 13.51
CA THR E 290 -11.77 14.69 14.74
C THR E 290 -12.19 13.21 14.74
N LYS E 291 -12.33 12.57 13.59
CA LYS E 291 -12.61 11.14 13.62
C LYS E 291 -11.36 10.30 13.78
N GLY E 292 -10.24 10.90 14.16
CA GLY E 292 -9.02 10.15 14.40
C GLY E 292 -8.33 9.63 13.18
N LYS E 293 -8.65 10.13 11.99
CA LYS E 293 -7.97 9.71 10.79
C LYS E 293 -6.79 10.63 10.50
N LEU E 294 -5.62 10.03 10.34
CA LEU E 294 -4.41 10.73 9.99
C LEU E 294 -4.04 10.35 8.57
N SER E 295 -3.70 11.32 7.74
CA SER E 295 -3.28 11.02 6.38
C SER E 295 -2.21 12.01 5.96
N CYS E 296 -1.34 11.55 5.08
CA CYS E 296 -0.28 12.40 4.55
C CYS E 296 -0.03 12.00 3.10
N VAL E 297 0.40 12.97 2.30
CA VAL E 297 0.71 12.76 0.90
C VAL E 297 2.03 13.45 0.60
N LEU E 298 2.99 12.70 0.09
CA LEU E 298 4.29 13.23 -0.29
C LEU E 298 4.47 13.08 -1.79
N GLU E 299 4.65 14.20 -2.47
CA GLU E 299 4.92 14.21 -3.90
C GLU E 299 6.35 14.68 -4.08
N LYS E 300 7.17 13.90 -4.77
CA LYS E 300 8.58 14.22 -4.89
C LYS E 300 9.05 14.03 -6.32
N ARG E 301 9.76 15.03 -6.84
CA ARG E 301 10.30 15.01 -8.19
C ARG E 301 11.58 14.18 -8.22
N VAL E 302 11.44 12.87 -8.38
CA VAL E 302 12.63 12.01 -8.40
C VAL E 302 13.44 12.20 -9.66
N ALA E 303 12.84 12.74 -10.72
CA ALA E 303 13.56 13.02 -11.95
C ALA E 303 12.84 14.15 -12.67
N ALA E 304 13.49 14.69 -13.69
CA ALA E 304 12.87 15.77 -14.47
C ALA E 304 11.50 15.38 -15.01
N PRO E 305 11.32 14.23 -15.68
CA PRO E 305 9.98 13.85 -16.14
C PRO E 305 9.19 12.98 -15.17
N VAL E 306 9.79 12.49 -14.10
CA VAL E 306 9.16 11.51 -13.21
C VAL E 306 8.82 12.18 -11.89
N MET E 307 7.57 12.06 -11.46
CA MET E 307 7.14 12.53 -10.15
C MET E 307 6.56 11.37 -9.36
N MET E 308 7.13 11.10 -8.20
CA MET E 308 6.66 10.06 -7.31
C MET E 308 5.64 10.62 -6.33
N THR E 309 4.65 9.80 -5.97
CA THR E 309 3.63 10.16 -5.00
C THR E 309 3.45 9.03 -4.00
N PHE E 310 3.56 9.35 -2.71
CA PHE E 310 3.28 8.41 -1.63
C PHE E 310 2.15 8.96 -0.79
N ALA E 311 1.07 8.18 -0.66
CA ALA E 311 -0.09 8.58 0.12
C ALA E 311 -0.40 7.51 1.15
N ALA E 312 -0.60 7.91 2.40
CA ALA E 312 -0.90 6.96 3.47
C ALA E 312 -2.01 7.50 4.35
N ASP E 313 -3.03 6.66 4.58
CA ASP E 313 -4.16 7.00 5.44
C ASP E 313 -4.18 6.05 6.61
N VAL E 314 -4.30 6.59 7.82
CA VAL E 314 -4.30 5.79 9.04
C VAL E 314 -5.54 6.12 9.85
N ASP E 315 -6.31 5.09 10.20
CA ASP E 315 -7.48 5.22 11.03
C ASP E 315 -7.10 4.76 12.43
N HIS E 316 -6.98 5.71 13.36
CA HIS E 316 -6.52 5.38 14.71
C HIS E 316 -7.53 4.58 15.52
N PHE E 317 -8.82 4.64 15.20
CA PHE E 317 -9.75 3.84 15.98
C PHE E 317 -9.71 2.36 15.59
N THR E 318 -9.42 2.07 14.32
CA THR E 318 -9.31 0.69 13.87
C THR E 318 -7.87 0.25 13.65
N GLN E 319 -6.91 1.17 13.71
CA GLN E 319 -5.49 0.87 13.50
C GLN E 319 -5.23 0.26 12.13
N GLN E 320 -6.00 0.67 11.14
CA GLN E 320 -5.86 0.20 9.77
C GLN E 320 -5.26 1.30 8.90
N ALA E 321 -4.34 0.91 8.01
CA ALA E 321 -3.67 1.86 7.13
C ALA E 321 -3.85 1.48 5.67
N LYS E 322 -3.98 2.49 4.82
CA LYS E 322 -4.08 2.33 3.37
C LYS E 322 -2.91 3.05 2.73
N VAL E 323 -2.10 2.34 1.97
CA VAL E 323 -0.89 2.89 1.36
C VAL E 323 -1.07 2.98 -0.15
N GLY E 324 -0.76 4.14 -0.71
CA GLY E 324 -0.82 4.35 -2.14
C GLY E 324 0.50 4.84 -2.71
N VAL E 325 1.05 4.14 -3.69
CA VAL E 325 2.27 4.56 -4.37
C VAL E 325 1.94 4.79 -5.83
N GLY E 326 2.26 5.98 -6.33
CA GLY E 326 1.95 6.32 -7.70
C GLY E 326 3.10 7.06 -8.36
N ILE E 327 3.13 6.96 -9.68
CA ILE E 327 4.15 7.61 -10.50
C ILE E 327 3.49 8.34 -11.65
N SER E 328 4.08 9.46 -12.05
CA SER E 328 3.63 10.25 -13.19
C SER E 328 4.82 10.56 -14.07
N ILE E 329 4.68 10.34 -15.37
CA ILE E 329 5.76 10.52 -16.33
C ILE E 329 5.25 11.39 -17.46
N GLU E 330 6.10 12.29 -17.95
CA GLU E 330 5.73 13.29 -18.94
C GLU E 330 6.75 13.24 -20.07
N ALA E 331 6.37 12.55 -21.15
CA ALA E 331 7.28 12.29 -22.27
C ALA E 331 7.74 13.55 -22.99
N GLY E 332 6.86 14.53 -23.17
CA GLY E 332 7.16 15.60 -24.13
C GLY E 332 8.45 16.35 -23.84
N GLY E 333 8.68 16.68 -22.57
CA GLY E 333 9.97 17.22 -22.14
C GLY E 333 10.40 18.51 -22.82
N GLU E 334 11.64 18.52 -23.32
CA GLU E 334 12.23 19.72 -23.90
C GLU E 334 11.91 19.91 -25.38
N GLU E 335 11.32 18.90 -26.03
CA GLU E 335 11.10 18.97 -27.47
C GLU E 335 10.16 20.13 -27.81
N LEU E 336 9.14 20.33 -26.99
CA LEU E 336 8.08 21.30 -27.21
C LEU E 336 8.18 22.54 -26.33
N GLN E 337 9.30 22.75 -25.65
CA GLN E 337 9.39 23.91 -24.77
C GLN E 337 9.37 25.21 -25.55
N ASP E 338 9.68 25.17 -26.86
CA ASP E 338 9.73 26.40 -27.64
C ASP E 338 8.36 27.07 -27.64
N GLN E 339 7.31 26.26 -27.76
CA GLN E 339 5.93 26.73 -27.68
C GLN E 339 5.63 27.16 -26.25
N GLN E 340 4.74 28.14 -26.10
CA GLN E 340 4.28 28.37 -24.74
C GLN E 340 2.78 28.21 -24.63
N PRO E 341 2.29 27.73 -23.48
CA PRO E 341 0.88 27.33 -23.36
C PRO E 341 -0.12 28.38 -23.88
N ALA E 342 -1.18 27.90 -24.50
CA ALA E 342 -2.23 28.78 -24.99
C ALA E 342 -2.85 29.53 -23.81
N PRO E 343 -3.11 30.83 -23.97
CA PRO E 343 -3.66 31.61 -22.85
C PRO E 343 -5.08 31.21 -22.50
N ASN E 344 -5.36 31.23 -21.19
CA ASN E 344 -6.68 31.06 -20.57
C ASN E 344 -7.53 29.98 -21.24
N ILE E 345 -6.94 28.79 -21.37
CA ILE E 345 -7.72 27.67 -21.92
C ILE E 345 -8.86 27.37 -20.96
N PRO E 346 -10.09 27.23 -21.41
CA PRO E 346 -11.18 27.04 -20.44
C PRO E 346 -11.23 25.64 -19.84
N PHE E 347 -10.26 25.35 -18.97
CA PHE E 347 -10.21 24.07 -18.28
C PHE E 347 -11.44 23.85 -17.43
N ARG F 62 -28.46 -14.80 -47.05
CA ARG F 62 -28.58 -13.76 -46.03
C ARG F 62 -28.13 -14.27 -44.67
N GLY F 63 -28.86 -15.25 -44.14
CA GLY F 63 -28.54 -15.79 -42.83
C GLY F 63 -27.14 -16.34 -42.72
N TRP F 64 -26.60 -16.85 -43.83
CA TRP F 64 -25.22 -17.35 -43.81
C TRP F 64 -24.22 -16.24 -43.54
N ILE F 65 -24.50 -15.04 -44.04
CA ILE F 65 -23.62 -13.90 -43.75
C ILE F 65 -23.79 -13.46 -42.30
N TYR F 66 -25.02 -13.49 -41.80
CA TYR F 66 -25.26 -13.11 -40.41
C TYR F 66 -24.56 -14.08 -39.46
N HIS F 67 -24.56 -15.37 -39.78
CA HIS F 67 -23.83 -16.33 -38.95
C HIS F 67 -22.34 -16.05 -38.95
N LYS F 68 -21.77 -15.78 -40.13
CA LYS F 68 -20.36 -15.41 -40.19
C LYS F 68 -20.12 -14.12 -39.43
N TYR F 69 -21.07 -13.18 -39.52
CA TYR F 69 -20.97 -11.95 -38.75
C TYR F 69 -20.98 -12.24 -37.26
N GLU F 70 -21.83 -13.17 -36.84
CA GLU F 70 -21.88 -13.55 -35.43
C GLU F 70 -20.58 -14.24 -35.00
N GLN F 71 -20.10 -15.18 -35.81
CA GLN F 71 -18.84 -15.86 -35.51
C GLN F 71 -17.69 -14.87 -35.43
N THR F 72 -17.60 -13.93 -36.39
CA THR F 72 -16.53 -12.94 -36.37
C THR F 72 -16.67 -11.97 -35.20
N THR F 73 -17.87 -11.42 -35.00
CA THR F 73 -18.05 -10.45 -33.93
C THR F 73 -17.66 -11.03 -32.58
N SER F 74 -18.12 -12.24 -32.28
CA SER F 74 -17.78 -12.87 -31.00
C SER F 74 -16.27 -13.12 -30.90
N ALA F 75 -15.69 -13.72 -31.94
CA ALA F 75 -14.27 -14.07 -31.90
C ALA F 75 -13.38 -12.84 -31.80
N VAL F 76 -13.70 -11.79 -32.57
CA VAL F 76 -12.88 -10.59 -32.53
C VAL F 76 -12.96 -9.92 -31.17
N ARG F 77 -14.16 -9.88 -30.58
CA ARG F 77 -14.29 -9.32 -29.24
C ARG F 77 -13.44 -10.09 -28.25
N LYS F 78 -13.39 -11.41 -28.39
CA LYS F 78 -12.52 -12.21 -27.53
C LYS F 78 -11.05 -11.98 -27.88
N ALA F 79 -10.74 -11.78 -29.16
CA ALA F 79 -9.36 -11.53 -29.55
C ALA F 79 -8.86 -10.21 -28.96
N LEU F 80 -9.65 -9.15 -29.10
CA LEU F 80 -9.23 -7.86 -28.55
C LEU F 80 -9.14 -7.90 -27.03
N SER F 81 -10.03 -8.66 -26.39
CA SER F 81 -9.98 -8.76 -24.94
C SER F 81 -8.66 -9.40 -24.50
N PHE F 82 -8.25 -10.46 -25.19
CA PHE F 82 -6.96 -11.08 -24.87
C PHE F 82 -5.81 -10.15 -25.23
N ALA F 83 -5.83 -9.59 -26.44
CA ALA F 83 -4.76 -8.69 -26.86
C ALA F 83 -4.65 -7.50 -25.94
N GLY F 84 -5.78 -6.93 -25.54
CA GLY F 84 -5.75 -5.81 -24.61
C GLY F 84 -5.23 -6.22 -23.25
N ARG F 85 -5.65 -7.39 -22.78
CA ARG F 85 -5.18 -7.87 -21.48
C ARG F 85 -3.68 -8.14 -21.51
N ALA F 86 -3.17 -8.62 -22.64
CA ALA F 86 -1.74 -8.89 -22.76
C ALA F 86 -0.93 -7.61 -22.73
N ALA F 87 -1.39 -6.57 -23.42
CA ALA F 87 -0.68 -5.30 -23.40
C ALA F 87 -0.63 -4.71 -22.00
N TRP F 88 -1.71 -4.88 -21.23
CA TRP F 88 -1.74 -4.35 -19.87
C TRP F 88 -0.71 -5.05 -18.98
N THR F 89 -0.68 -6.38 -19.01
CA THR F 89 0.24 -7.11 -18.15
C THR F 89 1.69 -6.82 -18.52
N VAL F 90 1.97 -6.66 -19.81
CA VAL F 90 3.32 -6.30 -20.23
C VAL F 90 3.67 -4.90 -19.75
N SER F 91 2.74 -3.96 -19.94
CA SER F 91 2.99 -2.58 -19.52
C SER F 91 3.17 -2.48 -18.01
N VAL F 92 2.28 -3.11 -17.25
CA VAL F 92 2.36 -3.04 -15.79
C VAL F 92 3.66 -3.66 -15.29
N THR F 93 4.11 -4.75 -15.90
CA THR F 93 5.35 -5.38 -15.47
C THR F 93 6.54 -4.48 -15.74
N ALA F 94 6.61 -3.89 -16.93
CA ALA F 94 7.72 -2.99 -17.23
C ALA F 94 7.72 -1.79 -16.30
N LEU F 95 6.54 -1.31 -15.90
CA LEU F 95 6.49 -0.20 -14.97
C LEU F 95 6.93 -0.62 -13.57
N LEU F 96 6.33 -1.69 -13.04
CA LEU F 96 6.64 -2.10 -11.67
C LEU F 96 8.08 -2.54 -11.51
N VAL F 97 8.68 -3.13 -12.53
CA VAL F 97 10.08 -3.54 -12.46
C VAL F 97 11.02 -2.44 -12.96
N GLY F 98 10.67 -1.78 -14.06
CA GLY F 98 11.57 -0.80 -14.65
C GLY F 98 11.68 0.49 -13.86
N VAL F 99 10.64 0.89 -13.14
CA VAL F 99 10.69 2.14 -12.40
C VAL F 99 11.63 2.04 -11.20
N PRO F 100 11.43 1.12 -10.25
CA PRO F 100 12.38 1.05 -9.12
C PRO F 100 13.79 0.74 -9.58
N PHE F 101 13.96 -0.11 -10.58
CA PHE F 101 15.31 -0.42 -11.04
C PHE F 101 15.98 0.81 -11.63
N SER F 102 15.28 1.56 -12.47
CA SER F 102 15.87 2.72 -13.11
C SER F 102 16.27 3.78 -12.10
N LEU F 103 15.47 3.94 -11.04
CA LEU F 103 15.82 4.91 -10.02
C LEU F 103 17.03 4.45 -9.22
N ALA F 104 17.04 3.19 -8.80
CA ALA F 104 18.18 2.67 -8.06
C ALA F 104 19.44 2.66 -8.91
N TYR F 105 19.34 2.15 -10.14
CA TYR F 105 20.50 2.12 -11.01
C TYR F 105 20.97 3.52 -11.35
N GLY F 106 20.04 4.44 -11.57
CA GLY F 106 20.44 5.81 -11.85
C GLY F 106 21.18 6.47 -10.71
N GLU F 107 20.73 6.22 -9.47
CA GLU F 107 21.44 6.75 -8.32
C GLU F 107 22.82 6.16 -8.19
N ASP F 108 22.95 4.86 -8.45
CA ASP F 108 24.25 4.20 -8.41
C ASP F 108 25.24 4.87 -9.36
N GLN F 109 24.76 5.33 -10.50
CA GLN F 109 25.65 6.01 -11.45
C GLN F 109 26.17 7.32 -10.89
N GLN F 110 25.37 8.03 -10.10
CA GLN F 110 25.86 9.27 -9.50
C GLN F 110 26.96 8.99 -8.48
N TYR F 111 26.80 7.96 -7.66
CA TYR F 111 27.86 7.58 -6.73
C TYR F 111 29.11 7.15 -7.49
N ALA F 112 28.93 6.43 -8.59
CA ALA F 112 30.06 6.06 -9.43
C ALA F 112 30.75 7.29 -9.99
N ALA F 113 29.99 8.35 -10.29
CA ALA F 113 30.58 9.59 -10.79
C ALA F 113 31.48 10.23 -9.75
N MET F 114 31.02 10.29 -8.50
CA MET F 114 31.85 10.87 -7.44
C MET F 114 33.12 10.07 -7.19
N GLU F 115 33.13 8.78 -7.51
CA GLU F 115 34.36 8.00 -7.38
C GLU F 115 35.30 8.27 -8.54
N GLN F 116 34.77 8.37 -9.76
CA GLN F 116 35.62 8.64 -10.92
C GLN F 116 36.28 10.01 -10.82
N GLU F 117 35.66 10.95 -10.14
CA GLU F 117 36.23 12.29 -10.02
C GLU F 117 37.40 12.37 -9.05
N GLN F 118 37.70 11.30 -8.32
CA GLN F 118 38.83 11.31 -7.39
C GLN F 118 40.15 11.07 -8.12
N PRO G 8 -13.38 -43.51 12.33
CA PRO G 8 -13.38 -44.25 13.59
C PRO G 8 -11.99 -44.39 14.22
N GLN G 9 -11.96 -44.80 15.47
CA GLN G 9 -10.69 -44.98 16.16
C GLN G 9 -10.04 -46.31 15.78
N PRO G 10 -8.72 -46.37 15.76
CA PRO G 10 -8.05 -47.62 15.44
C PRO G 10 -8.16 -48.64 16.57
N SER G 11 -8.25 -49.91 16.19
CA SER G 11 -8.35 -51.00 17.13
C SER G 11 -6.98 -51.25 17.77
N PRO G 12 -6.91 -52.06 18.85
CA PRO G 12 -5.60 -52.28 19.47
C PRO G 12 -4.60 -52.99 18.56
N GLU G 13 -5.06 -53.86 17.66
CA GLU G 13 -4.14 -54.55 16.79
C GLU G 13 -3.74 -53.71 15.59
N GLU G 14 -4.55 -52.72 15.22
CA GLU G 14 -4.16 -51.78 14.17
C GLU G 14 -3.06 -50.84 14.65
N LEU G 15 -3.05 -50.50 15.93
CA LEU G 15 -1.97 -49.66 16.46
C LEU G 15 -0.63 -50.39 16.43
N ARG G 16 -0.63 -51.68 16.75
CA ARG G 16 0.60 -52.46 16.67
C ARG G 16 1.15 -52.44 15.23
N ALA G 17 0.28 -52.63 14.25
CA ALA G 17 0.69 -52.58 12.86
C ALA G 17 1.28 -51.21 12.50
N ALA G 18 0.61 -50.14 12.93
CA ALA G 18 1.10 -48.80 12.63
C ALA G 18 2.41 -48.50 13.35
N GLU G 19 2.49 -48.88 14.62
CA GLU G 19 3.73 -48.65 15.38
C GLU G 19 4.89 -49.45 14.80
N ALA G 20 4.62 -50.64 14.27
CA ALA G 20 5.69 -51.45 13.70
C ALA G 20 6.20 -50.86 12.39
N GLU G 21 5.29 -50.43 11.51
CA GLU G 21 5.70 -49.81 10.26
C GLU G 21 6.47 -48.52 10.51
N ALA G 22 6.01 -47.72 11.47
CA ALA G 22 6.71 -46.47 11.79
C ALA G 22 8.11 -46.74 12.31
N ALA G 23 8.26 -47.75 13.17
CA ALA G 23 9.58 -48.09 13.70
C ALA G 23 10.52 -48.53 12.60
N SER G 24 10.03 -49.34 11.65
CA SER G 24 10.88 -49.80 10.56
C SER G 24 11.37 -48.65 9.70
N THR G 25 10.49 -47.68 9.40
CA THR G 25 10.93 -46.53 8.62
C THR G 25 12.02 -45.75 9.33
N ILE G 26 11.89 -45.56 10.65
CA ILE G 26 12.92 -44.84 11.37
C ILE G 26 14.21 -45.65 11.42
N GLN G 27 14.11 -46.98 11.48
CA GLN G 27 15.32 -47.79 11.41
C GLN G 27 15.99 -47.70 10.05
N ARG G 28 15.22 -47.64 8.97
CA ARG G 28 15.84 -47.50 7.66
C ARG G 28 16.31 -46.08 7.39
N ALA G 29 15.79 -45.11 8.14
CA ALA G 29 16.34 -43.75 8.05
C ALA G 29 17.72 -43.70 8.67
N ILE G 30 17.88 -44.27 9.86
CA ILE G 30 19.19 -44.34 10.50
C ILE G 30 20.14 -45.18 9.65
N ALA G 31 19.62 -46.23 9.00
CA ALA G 31 20.45 -47.01 8.10
C ALA G 31 20.89 -46.18 6.91
N THR G 32 20.03 -45.27 6.45
CA THR G 32 20.41 -44.39 5.35
C THR G 32 21.53 -43.44 5.76
N ALA G 33 21.42 -42.87 6.96
CA ALA G 33 22.47 -41.98 7.46
C ALA G 33 23.79 -42.72 7.59
N ALA G 34 23.75 -44.00 7.96
CA ALA G 34 24.97 -44.78 8.07
C ALA G 34 25.64 -44.95 6.72
N VAL G 35 24.84 -45.18 5.67
CA VAL G 35 25.40 -45.28 4.33
C VAL G 35 25.99 -43.95 3.88
N LEU G 36 25.27 -42.84 4.13
CA LEU G 36 25.80 -41.53 3.76
C LEU G 36 27.10 -41.24 4.50
N TYR G 37 27.15 -41.55 5.79
CA TYR G 37 28.38 -41.30 6.55
C TYR G 37 29.56 -42.03 5.93
N LEU G 38 29.33 -43.26 5.47
CA LEU G 38 30.38 -44.02 4.79
C LEU G 38 30.49 -43.67 3.31
N ALA G 39 29.49 -42.99 2.75
CA ALA G 39 29.48 -42.69 1.33
C ALA G 39 30.72 -41.97 0.78
N PRO G 40 31.29 -40.94 1.41
CA PRO G 40 32.46 -40.30 0.79
C PRO G 40 33.63 -41.24 0.58
N PHE G 41 33.78 -42.28 1.41
CA PHE G 41 34.85 -43.24 1.15
C PHE G 41 34.63 -44.01 -0.13
N ILE G 42 33.38 -44.25 -0.51
CA ILE G 42 33.09 -45.02 -1.71
C ILE G 42 33.27 -44.16 -2.96
N VAL G 43 32.72 -42.94 -2.95
CA VAL G 43 32.85 -42.05 -4.10
C VAL G 43 34.31 -41.72 -4.37
N ASP G 44 35.10 -41.52 -3.30
CA ASP G 44 36.52 -41.29 -3.49
C ASP G 44 37.19 -42.49 -4.16
N ALA G 45 36.80 -43.70 -3.78
CA ALA G 45 37.37 -44.89 -4.39
C ALA G 45 37.08 -44.94 -5.88
N VAL G 46 35.88 -44.52 -6.30
CA VAL G 46 35.54 -44.48 -7.71
C VAL G 46 36.46 -43.52 -8.46
N TYR G 47 36.73 -42.34 -7.90
CA TYR G 47 37.64 -41.41 -8.55
C TYR G 47 39.06 -41.96 -8.63
N LYS G 48 39.46 -42.76 -7.65
CA LYS G 48 40.79 -43.37 -7.71
C LYS G 48 40.90 -44.34 -8.88
N MET G 49 39.82 -45.08 -9.17
CA MET G 49 39.86 -46.00 -10.30
C MET G 49 39.98 -45.26 -11.63
N PHE G 50 39.28 -44.14 -11.77
CA PHE G 50 39.36 -43.35 -12.99
C PHE G 50 40.74 -42.72 -13.15
N PRO H 16 -0.48 -33.97 -33.74
CA PRO H 16 0.84 -33.79 -33.15
C PRO H 16 0.88 -32.64 -32.14
N ILE H 17 0.73 -31.40 -32.63
CA ILE H 17 0.77 -30.25 -31.73
C ILE H 17 -0.37 -30.32 -30.74
N THR H 18 -1.50 -30.91 -31.14
CA THR H 18 -2.62 -31.07 -30.22
C THR H 18 -2.23 -31.89 -28.99
N GLY H 19 -1.33 -32.86 -29.18
CA GLY H 19 -0.84 -33.63 -28.04
C GLY H 19 0.10 -32.86 -27.15
N ALA H 20 0.71 -31.79 -27.66
CA ALA H 20 1.52 -30.91 -26.84
C ALA H 20 0.71 -29.83 -26.15
N TYR H 21 -0.35 -29.34 -26.81
CA TYR H 21 -1.18 -28.30 -26.22
C TYR H 21 -2.08 -28.87 -25.13
N ASN H 22 -2.75 -30.00 -25.42
CA ASN H 22 -3.70 -30.57 -24.47
C ASN H 22 -3.01 -30.91 -23.15
N ALA H 23 -1.85 -31.56 -23.23
CA ALA H 23 -1.09 -31.96 -22.05
C ALA H 23 -0.49 -30.76 -21.32
N LEU H 24 -0.51 -29.58 -21.93
CA LEU H 24 0.06 -28.39 -21.30
C LEU H 24 -0.99 -27.46 -20.71
N PHE H 25 -2.25 -27.51 -21.17
CA PHE H 25 -3.26 -26.57 -20.67
C PHE H 25 -4.61 -27.18 -20.31
N VAL H 26 -4.93 -28.40 -20.76
CA VAL H 26 -6.26 -28.95 -20.50
C VAL H 26 -6.17 -30.40 -20.06
N SER H 27 -5.25 -30.71 -19.16
CA SER H 27 -5.11 -32.06 -18.64
C SER H 27 -4.95 -31.99 -17.12
N GLU H 28 -5.18 -33.13 -16.47
CA GLU H 28 -5.07 -33.18 -15.02
C GLU H 28 -3.70 -32.78 -14.51
N ASN H 29 -2.64 -33.12 -15.27
CA ASN H 29 -1.27 -32.82 -14.91
C ASN H 29 -0.72 -31.60 -15.62
N ALA H 30 -1.57 -30.86 -16.33
CA ALA H 30 -1.10 -29.71 -17.10
C ALA H 30 -0.39 -28.68 -16.24
N SER H 31 -0.79 -28.52 -14.99
CA SER H 31 -0.13 -27.54 -14.12
C SER H 31 1.32 -27.93 -13.87
N ILE H 32 1.60 -29.22 -13.71
CA ILE H 32 2.97 -29.68 -13.47
C ILE H 32 3.85 -29.40 -14.68
N VAL H 33 3.37 -29.72 -15.87
CA VAL H 33 4.19 -29.59 -17.07
C VAL H 33 4.66 -28.15 -17.26
N ARG H 34 3.75 -27.19 -17.05
CA ARG H 34 4.14 -25.78 -17.20
C ARG H 34 5.27 -25.40 -16.26
N SER H 35 5.19 -25.82 -14.99
CA SER H 35 6.23 -25.47 -14.05
C SER H 35 7.54 -26.17 -14.37
N VAL H 36 7.48 -27.42 -14.82
CA VAL H 36 8.70 -28.12 -15.20
C VAL H 36 9.33 -27.48 -16.43
N VAL H 37 8.51 -27.07 -17.40
CA VAL H 37 9.04 -26.42 -18.59
C VAL H 37 9.64 -25.07 -18.25
N ALA H 38 8.95 -24.28 -17.42
CA ALA H 38 9.50 -22.98 -17.04
C ALA H 38 10.83 -23.13 -16.32
N PHE H 39 10.98 -24.18 -15.52
CA PHE H 39 12.25 -24.43 -14.83
C PHE H 39 13.34 -24.76 -15.84
N GLY H 40 13.05 -25.64 -16.79
CA GLY H 40 14.03 -25.99 -17.81
C GLY H 40 14.48 -24.79 -18.62
N LEU H 41 13.54 -23.92 -18.99
CA LEU H 41 13.91 -22.73 -19.74
C LEU H 41 14.69 -21.74 -18.89
N ALA H 42 14.28 -21.54 -17.64
CA ALA H 42 14.96 -20.57 -16.80
C ALA H 42 16.39 -21.00 -16.48
N VAL H 43 16.62 -22.29 -16.22
CA VAL H 43 17.97 -22.74 -15.93
C VAL H 43 18.86 -22.63 -17.16
N THR H 44 18.36 -23.04 -18.34
CA THR H 44 19.17 -22.91 -19.53
C THR H 44 19.41 -21.45 -19.88
N PHE H 45 18.46 -20.58 -19.56
CA PHE H 45 18.66 -19.15 -19.75
C PHE H 45 19.84 -18.65 -18.92
N LEU H 46 19.88 -19.03 -17.65
CA LEU H 46 20.97 -18.61 -16.77
C LEU H 46 22.29 -19.28 -17.13
N ALA H 47 22.30 -20.61 -17.20
CA ALA H 47 23.55 -21.35 -17.35
C ALA H 47 24.22 -21.11 -18.69
N SER H 48 23.45 -20.81 -19.74
CA SER H 48 24.04 -20.62 -21.05
C SER H 48 24.77 -19.29 -21.19
N GLY H 49 24.61 -18.37 -20.25
CA GLY H 49 25.24 -17.07 -20.35
C GLY H 49 24.37 -16.02 -21.00
N TRP H 50 23.22 -16.39 -21.52
CA TRP H 50 22.32 -15.40 -22.11
C TRP H 50 21.76 -14.46 -21.06
N ALA H 51 21.51 -14.96 -19.85
CA ALA H 51 21.03 -14.09 -18.78
C ALA H 51 22.07 -13.06 -18.39
N GLU H 52 23.33 -13.47 -18.25
CA GLU H 52 24.37 -12.52 -17.88
C GLU H 52 24.55 -11.44 -18.94
N ALA H 53 24.51 -11.82 -20.21
CA ALA H 53 24.67 -10.84 -21.27
C ALA H 53 23.52 -9.86 -21.36
N ILE H 54 22.41 -10.12 -20.67
CA ILE H 54 21.22 -9.28 -20.75
C ILE H 54 20.94 -8.57 -19.43
N LEU H 55 21.03 -9.30 -18.31
CA LEU H 55 20.70 -8.72 -17.02
C LEU H 55 21.87 -8.06 -16.32
N SER H 56 23.10 -8.43 -16.64
CA SER H 56 24.24 -7.86 -15.94
C SER H 56 24.72 -6.58 -16.60
N LEU I 21 4.62 -41.02 36.15
CA LEU I 21 3.56 -41.92 35.71
C LEU I 21 3.03 -42.77 36.85
N GLY I 22 3.92 -43.07 37.80
CA GLY I 22 3.62 -44.12 38.78
C GLY I 22 2.31 -43.91 39.49
N ALA I 23 2.02 -42.66 39.84
CA ALA I 23 0.74 -42.27 40.43
C ALA I 23 0.07 -41.27 39.50
N ASP I 24 -1.20 -41.51 39.17
CA ASP I 24 -1.93 -40.53 38.38
C ASP I 24 -1.86 -39.16 39.03
N SER I 25 -1.96 -39.12 40.36
CA SER I 25 -1.84 -37.87 41.09
C SER I 25 -0.60 -37.12 40.66
N LYS I 26 0.53 -37.83 40.56
CA LYS I 26 1.77 -37.22 40.10
C LYS I 26 1.61 -36.62 38.71
N GLN I 27 0.82 -37.25 37.85
CA GLN I 27 0.64 -36.72 36.50
C GLN I 27 0.00 -35.33 36.57
N GLU I 28 -0.94 -35.13 37.50
CA GLU I 28 -1.48 -33.79 37.68
C GLU I 28 -0.41 -32.84 38.19
N ARG I 29 0.45 -33.34 39.08
CA ARG I 29 1.56 -32.55 39.59
C ARG I 29 2.42 -31.99 38.46
N ILE I 30 3.01 -32.89 37.67
CA ILE I 30 3.75 -32.49 36.47
C ILE I 30 2.95 -31.50 35.63
N SER I 31 1.65 -31.77 35.47
CA SER I 31 0.80 -30.84 34.71
C SER I 31 0.81 -29.46 35.34
N LYS I 32 0.78 -29.39 36.68
CA LYS I 32 0.86 -28.11 37.35
C LYS I 32 2.23 -27.46 37.19
N LEU I 33 3.30 -28.27 37.10
CA LEU I 33 4.63 -27.70 36.91
C LEU I 33 4.75 -26.98 35.57
N ILE I 34 4.17 -27.58 34.52
CA ILE I 34 4.21 -26.94 33.21
C ILE I 34 3.45 -25.61 33.24
N GLU I 35 2.29 -25.58 33.88
CA GLU I 35 1.54 -24.33 33.97
C GLU I 35 2.26 -23.32 34.85
N ILE I 36 3.01 -23.78 35.84
CA ILE I 36 3.83 -22.87 36.62
C ILE I 36 4.96 -22.32 35.76
N SER I 37 5.68 -23.21 35.07
CA SER I 37 6.77 -22.78 34.19
C SER I 37 6.26 -21.87 33.09
N ARG I 38 5.09 -22.17 32.55
CA ARG I 38 4.53 -21.37 31.46
C ARG I 38 4.36 -19.92 31.88
N VAL I 39 3.86 -19.68 33.09
CA VAL I 39 3.66 -18.32 33.56
C VAL I 39 4.98 -17.60 33.78
N VAL I 40 5.98 -18.29 34.36
CA VAL I 40 7.27 -17.66 34.60
C VAL I 40 7.93 -17.24 33.30
N ILE I 41 7.84 -18.09 32.27
CA ILE I 41 8.42 -17.70 30.98
C ILE I 41 7.65 -16.53 30.40
N HIS I 42 6.33 -16.56 30.48
CA HIS I 42 5.53 -15.51 29.88
C HIS I 42 5.84 -14.14 30.48
N TYR I 43 5.96 -14.07 31.80
CA TYR I 43 6.21 -12.80 32.47
C TYR I 43 7.69 -12.47 32.67
N GLY I 44 8.52 -13.47 32.95
CA GLY I 44 9.90 -13.21 33.27
C GLY I 44 10.94 -13.29 32.17
N TYR I 45 10.59 -13.83 31.00
CA TYR I 45 11.63 -14.05 30.00
C TYR I 45 12.17 -12.73 29.44
N LEU I 46 11.30 -11.81 29.04
CA LEU I 46 11.81 -10.55 28.52
C LEU I 46 12.51 -9.74 29.58
N PRO I 47 11.98 -9.59 30.81
CA PRO I 47 12.79 -8.94 31.85
C PRO I 47 14.13 -9.62 32.08
N MET I 48 14.22 -10.93 31.89
CA MET I 48 15.50 -11.61 32.05
C MET I 48 16.49 -11.17 30.99
N ILE I 49 16.06 -11.12 29.73
CA ILE I 49 16.94 -10.65 28.66
C ILE I 49 17.38 -9.21 28.92
N LEU I 50 16.44 -8.34 29.30
CA LEU I 50 16.79 -6.96 29.57
C LEU I 50 17.72 -6.85 30.77
N TYR I 51 17.53 -7.69 31.78
CA TYR I 51 18.44 -7.69 32.92
C TYR I 51 19.84 -8.11 32.49
N LEU I 52 19.93 -9.16 31.68
CA LEU I 52 21.23 -9.60 31.20
C LEU I 52 21.93 -8.49 30.44
N GLY I 53 21.20 -7.83 29.54
CA GLY I 53 21.77 -6.73 28.80
C GLY I 53 22.21 -5.57 29.66
N TYR I 54 21.28 -5.00 30.44
CA TYR I 54 21.61 -3.84 31.26
C TYR I 54 22.77 -4.07 32.20
N THR I 55 22.84 -5.23 32.83
CA THR I 55 23.90 -5.44 33.80
C THR I 55 25.20 -5.93 33.19
N ARG I 56 25.20 -6.38 31.94
CA ARG I 56 26.39 -6.93 31.34
C ARG I 56 26.85 -6.20 30.09
N SER I 57 26.03 -5.34 29.51
CA SER I 57 26.47 -4.59 28.34
C SER I 57 27.60 -3.66 28.72
N GLU I 58 28.46 -3.37 27.75
CA GLU I 58 29.59 -2.47 27.95
C GLU I 58 29.52 -1.33 26.94
N PRO I 59 29.35 -0.08 27.36
CA PRO I 59 29.16 0.41 28.74
C PRO I 59 27.76 0.12 29.25
N LYS I 60 27.41 0.62 30.44
CA LYS I 60 26.07 0.43 30.97
C LYS I 60 25.23 1.65 30.65
N PRO I 61 24.10 1.50 29.97
CA PRO I 61 23.26 2.66 29.62
C PRO I 61 22.45 3.15 30.81
N SER I 62 21.66 4.18 30.57
CA SER I 62 20.74 4.70 31.57
C SER I 62 19.46 3.88 31.61
N ILE I 63 18.83 3.86 32.79
CA ILE I 63 17.62 3.06 32.97
C ILE I 63 16.53 3.50 32.01
N ILE I 64 16.43 4.80 31.73
CA ILE I 64 15.45 5.28 30.76
C ILE I 64 15.92 4.97 29.35
N ARG I 65 17.22 5.17 29.10
CA ARG I 65 17.80 4.89 27.80
C ARG I 65 17.72 3.41 27.45
N LEU I 66 17.70 2.55 28.48
CA LEU I 66 17.63 1.11 28.28
C LEU I 66 16.43 0.69 27.42
N LEU I 67 15.31 1.40 27.54
CA LEU I 67 14.13 1.11 26.73
C LEU I 67 13.78 2.25 25.79
N SER I 68 14.64 3.24 25.67
CA SER I 68 14.37 4.36 24.78
C SER I 68 14.49 3.92 23.33
N PRO I 69 13.60 4.40 22.45
CA PRO I 69 13.61 3.91 21.08
C PRO I 69 14.75 4.47 20.24
N LEU I 70 15.05 5.76 20.35
CA LEU I 70 16.10 6.36 19.53
C LEU I 70 16.93 7.42 20.23
N SER I 71 16.66 7.73 21.48
CA SER I 71 17.47 8.73 22.19
C SER I 71 18.77 8.12 22.72
N LEU J 21 38.69 -50.16 19.10
CA LEU J 21 39.98 -49.63 19.53
C LEU J 21 40.43 -48.46 18.67
N SER J 22 41.31 -47.63 19.22
CA SER J 22 41.81 -46.46 18.49
C SER J 22 42.62 -46.86 17.25
N ASP J 23 43.15 -48.08 17.21
CA ASP J 23 43.93 -48.50 16.04
C ASP J 23 43.12 -48.36 14.75
N LEU J 24 41.84 -48.73 14.78
CA LEU J 24 41.00 -48.57 13.61
C LEU J 24 40.56 -47.10 13.47
N TYR J 25 40.19 -46.47 14.59
CA TYR J 25 39.75 -45.09 14.56
C TYR J 25 40.82 -44.16 13.99
N ASP J 26 42.08 -44.40 14.32
CA ASP J 26 43.14 -43.51 13.82
C ASP J 26 43.23 -43.56 12.31
N ALA J 27 43.25 -44.76 11.74
CA ALA J 27 43.28 -44.88 10.28
C ALA J 27 42.00 -44.37 9.65
N PHE J 28 40.86 -44.65 10.30
CA PHE J 28 39.57 -44.21 9.79
C PHE J 28 39.46 -42.68 9.80
N GLN J 29 39.81 -42.05 10.92
CA GLN J 29 39.69 -40.60 11.02
C GLN J 29 40.69 -39.90 10.10
N GLU J 30 41.91 -40.42 9.99
CA GLU J 30 42.90 -39.81 9.10
C GLU J 30 42.48 -39.91 7.64
N ARG J 31 42.01 -41.10 7.23
CA ARG J 31 41.53 -41.27 5.86
C ARG J 31 40.30 -40.42 5.60
N ARG J 32 39.47 -40.23 6.63
CA ARG J 32 38.29 -39.37 6.51
C ARG J 32 38.68 -37.94 6.15
N GLN J 33 39.64 -37.38 6.88
CA GLN J 33 40.06 -36.01 6.67
C GLN J 33 40.86 -35.81 5.40
N LYS J 34 41.50 -36.86 4.88
CA LYS J 34 42.30 -36.72 3.66
C LYS J 34 41.47 -36.32 2.44
N LEU J 35 40.15 -36.47 2.48
CA LEU J 35 39.33 -36.19 1.31
C LEU J 35 38.90 -34.72 1.22
N GLY J 36 39.38 -33.87 2.12
CA GLY J 36 39.12 -32.45 2.01
C GLY J 36 37.68 -32.03 2.11
N LEU J 37 36.86 -32.76 2.84
CA LEU J 37 35.46 -32.39 2.98
C LEU J 37 35.32 -31.22 3.95
N SER J 38 34.15 -30.60 3.93
CA SER J 38 33.85 -29.48 4.81
C SER J 38 32.40 -29.56 5.27
N ASN J 39 32.09 -28.83 6.31
CA ASN J 39 30.75 -28.85 6.90
C ASN J 39 29.73 -28.34 5.88
N PRO J 40 28.70 -29.12 5.55
CA PRO J 40 27.70 -28.68 4.56
C PRO J 40 26.63 -27.74 5.10
N GLY J 41 26.62 -27.43 6.39
CA GLY J 41 25.60 -26.57 6.94
C GLY J 41 24.27 -27.29 7.16
N LEU J 42 23.29 -26.53 7.64
CA LEU J 42 22.00 -27.09 8.02
C LEU J 42 21.18 -27.48 6.80
N VAL J 43 20.32 -28.50 6.99
CA VAL J 43 19.42 -28.92 5.93
C VAL J 43 18.47 -27.80 5.53
N GLU J 44 18.02 -27.01 6.50
CA GLU J 44 17.10 -25.93 6.18
C GLU J 44 17.74 -24.82 5.37
N ASN J 45 19.07 -24.79 5.27
CA ASN J 45 19.77 -23.79 4.48
C ASN J 45 20.16 -24.31 3.11
N ILE J 46 19.67 -25.49 2.73
CA ILE J 46 20.05 -26.09 1.47
C ILE J 46 19.58 -25.25 0.27
N ALA J 47 18.61 -24.37 0.48
CA ALA J 47 18.13 -23.49 -0.58
C ALA J 47 18.12 -22.04 -0.15
N LYS J 48 18.92 -21.68 0.85
CA LYS J 48 18.93 -20.30 1.35
C LYS J 48 19.24 -19.30 0.24
N GLU J 49 20.22 -19.62 -0.62
CA GLU J 49 20.65 -18.65 -1.63
C GLU J 49 19.51 -18.27 -2.57
N VAL J 50 18.68 -19.24 -2.96
CA VAL J 50 17.56 -18.93 -3.83
C VAL J 50 16.39 -18.38 -3.02
N GLN J 51 15.90 -19.17 -2.06
CA GLN J 51 14.67 -18.83 -1.38
C GLN J 51 14.79 -17.64 -0.42
N ARG J 52 15.99 -17.34 0.08
CA ARG J 52 16.13 -16.22 0.98
C ARG J 52 16.91 -15.05 0.40
N ASP J 53 18.00 -15.29 -0.32
CA ASP J 53 18.76 -14.15 -0.82
C ASP J 53 18.13 -13.55 -2.08
N VAL J 54 17.70 -14.38 -3.02
CA VAL J 54 17.20 -13.86 -4.29
C VAL J 54 15.69 -13.65 -4.26
N LEU J 55 14.92 -14.65 -3.85
CA LEU J 55 13.47 -14.51 -3.93
C LEU J 55 12.97 -13.54 -2.87
N THR J 56 11.81 -12.94 -3.14
CA THR J 56 11.20 -11.94 -2.28
C THR J 56 10.29 -12.52 -1.21
N THR J 57 9.94 -13.80 -1.32
CA THR J 57 8.96 -14.46 -0.46
C THR J 57 9.02 -14.06 1.01
N ASN J 58 10.23 -13.97 1.57
CA ASN J 58 10.38 -13.63 2.97
C ASN J 58 10.32 -12.13 3.25
N LEU J 59 10.42 -11.28 2.23
CA LEU J 59 10.39 -9.84 2.44
C LEU J 59 9.04 -9.21 2.16
N MET J 60 8.15 -9.89 1.46
CA MET J 60 6.88 -9.31 1.08
C MET J 60 6.00 -9.03 2.29
N PHE J 61 5.32 -7.89 2.25
CA PHE J 61 4.37 -7.50 3.28
C PHE J 61 3.48 -6.41 2.68
N SER J 62 2.41 -6.08 3.40
CA SER J 62 1.51 -5.04 2.97
C SER J 62 1.25 -4.08 4.12
N GLY J 63 0.83 -2.87 3.77
CA GLY J 63 0.57 -1.84 4.75
C GLY J 63 1.80 -1.05 5.15
N LEU J 64 1.79 -0.50 6.36
CA LEU J 64 2.86 0.33 6.89
C LEU J 64 3.61 -0.43 7.96
N ARG J 65 4.93 -0.27 7.99
CA ARG J 65 5.75 -0.91 9.01
C ARG J 65 6.90 0.00 9.40
N ALA J 66 7.18 0.07 10.69
CA ALA J 66 8.30 0.87 11.19
C ALA J 66 8.99 0.13 12.32
N ASP J 67 10.30 -0.07 12.19
CA ASP J 67 11.10 -0.75 13.20
C ASP J 67 12.09 0.24 13.79
N LEU J 68 12.06 0.39 15.12
CA LEU J 68 12.97 1.28 15.83
C LEU J 68 13.90 0.40 16.67
N THR J 69 15.18 0.38 16.33
CA THR J 69 16.14 -0.48 16.99
C THR J 69 17.21 0.36 17.67
N LYS J 70 17.44 0.08 18.95
CA LYS J 70 18.51 0.69 19.73
C LYS J 70 19.52 -0.39 20.09
N ALA J 71 20.76 -0.21 19.69
CA ALA J 71 21.84 -1.13 20.02
C ALA J 71 22.63 -0.57 21.20
N PHE J 72 22.72 -1.35 22.28
CA PHE J 72 23.44 -0.89 23.47
C PHE J 72 24.86 -1.40 23.55
N SER J 73 25.19 -2.50 22.89
CA SER J 73 26.56 -2.98 22.87
C SER J 73 26.70 -4.01 21.76
N LEU J 74 27.94 -4.18 21.31
CA LEU J 74 28.21 -5.18 20.28
C LEU J 74 28.87 -6.42 20.83
N ASN J 75 29.54 -6.34 21.97
CA ASN J 75 30.19 -7.50 22.57
C ASN J 75 30.11 -7.32 24.08
N PRO J 76 29.16 -7.98 24.75
CA PRO J 76 28.09 -8.83 24.21
C PRO J 76 27.05 -8.08 23.41
N LEU J 77 26.50 -8.69 22.36
CA LEU J 77 25.45 -8.06 21.58
C LEU J 77 24.18 -7.91 22.40
N PHE J 78 23.67 -6.68 22.50
CA PHE J 78 22.45 -6.40 23.22
C PHE J 78 21.72 -5.27 22.52
N GLN J 79 20.48 -5.52 22.08
CA GLN J 79 19.74 -4.44 21.45
C GLN J 79 18.25 -4.62 21.72
N VAL J 80 17.53 -3.50 21.62
CA VAL J 80 16.09 -3.42 21.87
C VAL J 80 15.43 -2.94 20.60
N SER J 81 14.28 -3.52 20.26
CA SER J 81 13.60 -3.16 19.03
C SER J 81 12.11 -2.99 19.24
N HIS J 82 11.55 -1.95 18.63
CA HIS J 82 10.12 -1.67 18.65
C HIS J 82 9.61 -1.65 17.23
N GLN J 83 8.61 -2.48 16.94
CA GLN J 83 7.99 -2.50 15.62
C GLN J 83 6.57 -1.97 15.71
N PHE J 84 6.25 -1.01 14.85
CA PHE J 84 4.89 -0.51 14.68
C PHE J 84 4.43 -0.91 13.30
N ALA J 85 3.25 -1.51 13.20
CA ALA J 85 2.78 -1.97 11.91
C ALA J 85 1.27 -1.88 11.83
N MET J 86 0.78 -1.64 10.61
CA MET J 86 -0.65 -1.58 10.32
C MET J 86 -0.82 -2.24 8.96
N GLY J 87 -1.23 -3.51 8.96
CA GLY J 87 -1.35 -4.18 7.68
C GLY J 87 -1.95 -5.56 7.86
N GLU J 88 -2.02 -6.27 6.75
CA GLU J 88 -2.57 -7.61 6.74
C GLU J 88 -1.76 -8.53 7.65
N ARG J 89 -2.42 -9.14 8.62
CA ARG J 89 -1.84 -10.07 9.60
C ARG J 89 -0.56 -9.53 10.25
N LEU J 90 -0.45 -8.20 10.36
CA LEU J 90 0.66 -7.56 11.05
C LEU J 90 0.15 -7.05 12.39
N SER J 91 0.79 -7.50 13.47
CA SER J 91 0.39 -7.07 14.80
C SER J 91 0.71 -5.59 14.97
N PRO J 92 -0.21 -4.81 15.55
CA PRO J 92 0.03 -3.37 15.72
C PRO J 92 1.35 -3.02 16.37
N TYR J 93 1.81 -3.78 17.36
CA TYR J 93 3.04 -3.46 18.03
C TYR J 93 3.74 -4.75 18.45
N THR J 94 5.07 -4.72 18.43
CA THR J 94 5.87 -5.87 18.85
C THR J 94 7.14 -5.35 19.50
N PHE J 95 7.31 -5.63 20.78
CA PHE J 95 8.54 -5.32 21.48
C PHE J 95 9.50 -6.48 21.35
N ALA J 96 10.79 -6.19 21.21
CA ALA J 96 11.76 -7.26 21.10
C ALA J 96 13.07 -6.83 21.73
N ALA J 97 13.78 -7.80 22.30
CA ALA J 97 15.08 -7.59 22.91
C ALA J 97 15.89 -8.85 22.69
N LEU J 98 17.19 -8.69 22.52
CA LEU J 98 18.04 -9.84 22.32
C LEU J 98 19.38 -9.62 23.00
N TYR J 99 19.97 -10.70 23.47
CA TYR J 99 21.28 -10.69 24.09
C TYR J 99 22.09 -11.83 23.51
N GLY J 100 23.27 -11.51 22.97
CA GLY J 100 24.10 -12.49 22.32
C GLY J 100 25.52 -12.46 22.85
N THR J 101 26.15 -13.64 22.80
CA THR J 101 27.49 -13.81 23.32
C THR J 101 28.11 -14.96 22.53
N SER J 102 29.44 -15.05 22.56
CA SER J 102 30.12 -16.09 21.81
C SER J 102 29.58 -17.48 22.09
N LYS J 103 29.04 -17.73 23.28
CA LYS J 103 28.44 -19.01 23.58
C LYS J 103 26.92 -19.02 23.71
N MET J 104 26.25 -17.87 23.62
CA MET J 104 24.82 -17.93 23.84
C MET J 104 24.12 -16.78 23.13
N PHE J 105 22.84 -16.99 22.87
CA PHE J 105 22.00 -16.02 22.21
C PHE J 105 20.59 -16.15 22.75
N ALA J 106 20.09 -15.13 23.42
CA ALA J 106 18.75 -15.10 23.96
C ALA J 106 17.96 -14.01 23.26
N GLN J 107 16.79 -14.35 22.74
CA GLN J 107 15.96 -13.39 22.04
C GLN J 107 14.51 -13.57 22.46
N GLY J 108 13.82 -12.46 22.71
CA GLY J 108 12.41 -12.50 23.03
C GLY J 108 11.64 -11.38 22.38
N ASN J 109 10.43 -11.65 21.92
CA ASN J 109 9.56 -10.61 21.37
C ASN J 109 8.13 -10.90 21.75
N ILE J 110 7.36 -9.84 22.06
CA ILE J 110 5.98 -9.98 22.50
C ILE J 110 5.10 -8.99 21.76
N ASP J 111 3.97 -9.47 21.26
CA ASP J 111 2.97 -8.66 20.57
C ASP J 111 2.14 -7.87 21.56
N ASP J 112 1.40 -6.89 21.04
CA ASP J 112 0.45 -6.17 21.87
C ASP J 112 -0.63 -7.08 22.42
N GLN J 113 -0.88 -8.23 21.79
CA GLN J 113 -1.88 -9.18 22.24
C GLN J 113 -1.31 -10.21 23.21
N GLY J 114 -0.07 -10.05 23.63
CA GLY J 114 0.53 -10.98 24.58
C GLY J 114 1.13 -12.22 23.99
N ASN J 115 1.22 -12.33 22.67
CA ASN J 115 1.87 -13.48 22.05
C ASN J 115 3.39 -13.36 22.23
N LEU J 116 3.97 -14.27 23.01
CA LEU J 116 5.40 -14.23 23.29
C LEU J 116 6.11 -15.33 22.52
N SER J 117 7.10 -14.94 21.71
CA SER J 117 7.99 -15.87 21.04
C SER J 117 9.38 -15.70 21.63
N THR J 118 10.00 -16.80 22.04
CA THR J 118 11.32 -16.74 22.65
C THR J 118 12.27 -17.67 21.93
N THR J 119 13.56 -17.34 22.03
CA THR J 119 14.65 -18.13 21.48
C THR J 119 15.79 -18.14 22.48
N PHE J 120 16.38 -19.30 22.71
CA PHE J 120 17.54 -19.42 23.60
C PHE J 120 18.48 -20.47 23.03
N ASN J 121 19.60 -20.03 22.48
CA ASN J 121 20.60 -20.91 21.90
C ASN J 121 21.85 -20.87 22.75
N TYR J 122 22.42 -22.05 23.03
CA TYR J 122 23.62 -22.11 23.84
C TYR J 122 24.58 -23.14 23.25
N ARG J 123 25.86 -22.78 23.18
CA ARG J 123 26.88 -23.66 22.64
C ARG J 123 27.51 -24.48 23.76
N TRP J 124 27.04 -25.71 23.94
CA TRP J 124 27.66 -26.58 24.93
C TRP J 124 29.11 -26.87 24.56
N THR J 125 29.37 -26.97 23.26
CA THR J 125 30.67 -27.28 22.68
C THR J 125 30.72 -26.51 21.38
N PRO J 126 31.91 -26.13 20.89
CA PRO J 126 31.95 -25.43 19.59
C PRO J 126 31.28 -26.20 18.48
N SER J 127 31.16 -27.52 18.60
CA SER J 127 30.45 -28.31 17.60
C SER J 127 29.01 -28.62 17.97
N PHE J 128 28.63 -28.53 19.24
CA PHE J 128 27.28 -28.90 19.68
C PHE J 128 26.59 -27.68 20.27
N THR J 129 25.38 -27.39 19.78
CA THR J 129 24.60 -26.26 20.24
C THR J 129 23.16 -26.66 20.42
N THR J 130 22.53 -26.14 21.47
CA THR J 130 21.12 -26.42 21.78
C THR J 130 20.28 -25.18 21.52
N LYS J 131 19.20 -25.34 20.75
CA LYS J 131 18.29 -24.26 20.43
C LYS J 131 16.92 -24.58 21.01
N THR J 132 16.43 -23.71 21.89
CA THR J 132 15.13 -23.85 22.53
C THR J 132 14.23 -22.69 22.13
N ARG J 133 13.01 -22.97 21.70
CA ARG J 133 12.06 -21.93 21.31
C ARG J 133 10.71 -22.16 21.97
N PHE J 134 10.11 -21.08 22.47
CA PHE J 134 8.78 -21.12 23.06
C PHE J 134 7.87 -20.09 22.40
N GLN J 135 6.64 -20.50 22.13
CA GLN J 135 5.58 -19.63 21.62
C GLN J 135 4.41 -19.71 22.59
N ILE J 136 4.18 -18.64 23.36
CA ILE J 136 3.20 -18.70 24.43
C ILE J 136 2.10 -17.69 24.12
N THR J 137 0.99 -18.16 23.60
CA THR J 137 -0.17 -17.35 23.27
C THR J 137 -0.94 -17.05 24.55
N PRO J 138 -1.88 -16.09 24.52
CA PRO J 138 -2.77 -15.89 25.69
C PRO J 138 -3.28 -17.23 26.20
N GLY J 139 -3.67 -17.33 27.47
CA GLY J 139 -3.90 -18.66 28.03
C GLY J 139 -5.08 -19.37 27.40
N ALA J 140 -6.22 -18.67 27.27
CA ALA J 140 -7.39 -19.32 26.67
C ALA J 140 -7.17 -19.56 25.18
N THR J 141 -6.64 -18.56 24.47
CA THR J 141 -6.48 -18.61 23.02
C THR J 141 -5.31 -19.47 22.59
N GLY J 142 -5.44 -20.09 21.41
CA GLY J 142 -4.32 -20.72 20.76
C GLY J 142 -3.84 -22.01 21.40
N GLN J 143 -2.61 -22.38 21.03
CA GLN J 143 -1.88 -23.45 21.69
C GLN J 143 -0.42 -23.06 21.81
N ASP J 144 0.22 -23.53 22.87
CA ASP J 144 1.62 -23.25 23.16
C ASP J 144 2.53 -24.36 22.63
N MET J 145 3.58 -23.96 21.93
CA MET J 145 4.55 -24.90 21.37
C MET J 145 5.89 -24.74 22.08
N ALA J 146 6.53 -25.87 22.37
CA ALA J 146 7.87 -25.91 22.95
C ALA J 146 8.76 -26.71 22.01
N GLN J 147 9.78 -26.08 21.46
CA GLN J 147 10.66 -26.73 20.50
C GLN J 147 12.08 -26.79 21.05
N PHE J 148 12.60 -28.01 21.18
CA PHE J 148 13.96 -28.25 21.64
C PHE J 148 14.75 -28.83 20.48
N GLU J 149 15.78 -28.10 20.05
CA GLU J 149 16.63 -28.52 18.94
C GLU J 149 18.05 -28.78 19.42
N HIS J 150 18.65 -29.85 18.92
CA HIS J 150 20.04 -30.20 19.24
C HIS J 150 20.82 -30.34 17.93
N GLU J 151 21.73 -29.42 17.66
CA GLU J 151 22.50 -29.42 16.44
C GLU J 151 23.93 -29.86 16.73
N TYR J 152 24.42 -30.80 15.96
CA TYR J 152 25.82 -31.22 16.02
C TYR J 152 26.43 -30.94 14.66
N SER J 153 27.52 -30.17 14.65
CA SER J 153 28.23 -29.85 13.43
C SER J 153 29.59 -30.52 13.48
N GLY J 154 29.77 -31.54 12.64
CA GLY J 154 31.02 -32.27 12.57
C GLY J 154 31.95 -31.65 11.53
N ALA J 155 33.07 -32.34 11.31
CA ALA J 155 34.02 -31.87 10.33
C ALA J 155 33.42 -31.86 8.93
N ASP J 156 32.52 -32.80 8.64
CA ASP J 156 31.97 -32.89 7.29
C ASP J 156 30.48 -33.17 7.25
N PHE J 157 29.75 -33.05 8.36
CA PHE J 157 28.33 -33.37 8.39
C PHE J 157 27.65 -32.56 9.46
N THR J 158 26.32 -32.57 9.43
CA THR J 158 25.54 -31.98 10.49
C THR J 158 24.38 -32.90 10.84
N ALA J 159 24.14 -33.08 12.13
CA ALA J 159 23.04 -33.89 12.61
C ALA J 159 22.18 -33.04 13.53
N THR J 160 20.86 -33.18 13.38
CA THR J 160 19.95 -32.37 14.16
C THR J 160 18.75 -33.21 14.56
N ILE J 161 18.24 -33.00 15.77
CA ILE J 161 17.02 -33.64 16.23
C ILE J 161 16.16 -32.60 16.92
N LYS J 162 14.93 -32.46 16.48
CA LYS J 162 13.97 -31.52 17.06
C LYS J 162 12.84 -32.28 17.73
N ALA J 163 12.51 -31.88 18.94
CA ALA J 163 11.37 -32.43 19.67
C ALA J 163 10.40 -31.29 19.92
N LEU J 164 9.21 -31.38 19.34
CA LEU J 164 8.19 -30.34 19.48
C LEU J 164 7.01 -30.89 20.27
N ASN J 165 6.67 -30.22 21.36
CA ASN J 165 5.64 -30.67 22.29
C ASN J 165 5.82 -32.12 22.74
N PRO J 166 7.02 -32.50 23.19
CA PRO J 166 7.21 -33.87 23.64
C PRO J 166 6.40 -34.12 24.90
N SER J 167 5.78 -35.30 24.98
CA SER J 167 5.02 -35.61 26.17
C SER J 167 5.09 -37.10 26.45
N PHE J 168 5.19 -37.43 27.74
CA PHE J 168 5.21 -38.81 28.21
C PHE J 168 4.23 -39.02 29.35
N LEU J 169 3.39 -38.02 29.65
CA LEU J 169 2.50 -38.12 30.80
C LEU J 169 1.36 -39.10 30.57
N GLU J 170 1.00 -39.38 29.32
CA GLU J 170 -0.02 -40.38 29.03
C GLU J 170 0.52 -41.80 29.08
N GLY J 171 1.76 -41.98 29.50
CA GLY J 171 2.39 -43.28 29.55
C GLY J 171 3.10 -43.70 28.28
N GLY J 172 3.26 -42.79 27.32
CA GLY J 172 3.95 -43.08 26.08
C GLY J 172 4.39 -41.80 25.42
N LEU J 173 5.40 -41.92 24.57
CA LEU J 173 5.95 -40.73 23.92
C LEU J 173 4.91 -40.12 22.99
N THR J 174 4.94 -38.79 22.89
CA THR J 174 3.98 -38.05 22.08
C THR J 174 4.66 -36.78 21.59
N GLY J 175 4.21 -36.27 20.45
CA GLY J 175 4.77 -35.06 19.88
C GLY J 175 5.39 -35.29 18.52
N ILE J 176 6.12 -34.29 18.05
CA ILE J 176 6.76 -34.29 16.74
C ILE J 176 8.27 -34.37 16.93
N PHE J 177 8.90 -35.37 16.32
CA PHE J 177 10.34 -35.56 16.37
C PHE J 177 10.90 -35.56 14.96
N VAL J 178 11.82 -34.64 14.68
CA VAL J 178 12.41 -34.47 13.36
C VAL J 178 13.90 -34.74 13.44
N GLY J 179 14.39 -35.70 12.67
CA GLY J 179 15.81 -35.97 12.55
C GLY J 179 16.34 -35.45 11.23
N GLN J 180 17.47 -34.76 11.27
CA GLN J 180 18.07 -34.18 10.08
C GLN J 180 19.55 -34.54 10.01
N TYR J 181 20.02 -34.83 8.79
CA TYR J 181 21.40 -35.19 8.53
C TYR J 181 21.79 -34.68 7.16
N LEU J 182 22.95 -34.02 7.06
CA LEU J 182 23.50 -33.58 5.79
C LEU J 182 24.98 -33.92 5.74
N GLN J 183 25.39 -34.61 4.69
CA GLN J 183 26.74 -35.16 4.60
C GLN J 183 27.43 -34.67 3.34
N SER J 184 28.66 -34.18 3.48
CA SER J 184 29.46 -33.81 2.33
C SER J 184 30.02 -35.06 1.68
N ILE J 185 29.65 -35.28 0.41
CA ILE J 185 30.10 -36.46 -0.31
C ILE J 185 31.40 -36.19 -1.06
N THR J 186 31.54 -35.00 -1.63
CA THR J 186 32.71 -34.51 -2.33
C THR J 186 32.86 -33.05 -1.93
N PRO J 187 33.96 -32.38 -2.24
CA PRO J 187 34.08 -30.96 -1.85
C PRO J 187 32.94 -30.10 -2.36
N LYS J 188 32.22 -30.52 -3.39
CA LYS J 188 31.11 -29.76 -3.93
C LYS J 188 29.74 -30.37 -3.65
N LEU J 189 29.64 -31.68 -3.57
CA LEU J 189 28.37 -32.37 -3.46
C LEU J 189 28.07 -32.74 -2.02
N SER J 190 26.89 -32.37 -1.54
CA SER J 190 26.40 -32.79 -0.24
C SER J 190 25.04 -33.45 -0.39
N LEU J 191 24.84 -34.56 0.31
CA LEU J 191 23.58 -35.29 0.28
C LEU J 191 23.05 -35.42 1.71
N GLY J 192 21.73 -35.47 1.86
CA GLY J 192 21.17 -35.46 3.18
C GLY J 192 19.88 -36.22 3.30
N LEU J 193 19.34 -36.20 4.52
CA LEU J 193 18.16 -36.98 4.86
C LEU J 193 17.35 -36.24 5.90
N GLU J 194 16.04 -36.39 5.84
CA GLU J 194 15.13 -35.85 6.85
C GLU J 194 14.09 -36.90 7.22
N ALA J 195 13.91 -37.13 8.52
CA ALA J 195 12.96 -38.13 9.01
C ALA J 195 12.09 -37.52 10.08
N VAL J 196 10.78 -37.78 10.02
CA VAL J 196 9.81 -37.24 10.95
C VAL J 196 9.04 -38.38 11.60
N TRP J 197 8.73 -38.24 12.89
CA TRP J 197 7.91 -39.19 13.63
C TRP J 197 6.88 -38.40 14.40
N GLN J 198 5.60 -38.77 14.26
CA GLN J 198 4.52 -38.01 14.86
C GLN J 198 3.52 -38.94 15.54
N ARG J 199 3.12 -38.60 16.77
CA ARG J 199 2.08 -39.33 17.49
C ARG J 199 1.42 -38.35 18.46
N ALA J 200 0.62 -37.43 17.91
CA ALA J 200 -0.01 -36.43 18.76
C ALA J 200 -0.95 -37.06 19.77
N GLY J 201 -1.72 -38.07 19.35
CA GLY J 201 -2.61 -38.80 20.22
C GLY J 201 -2.11 -40.23 20.39
N LEU J 202 -2.04 -40.69 21.64
CA LEU J 202 -1.66 -42.08 21.88
C LEU J 202 -2.65 -43.02 21.22
N THR J 203 -3.95 -42.68 21.26
CA THR J 203 -4.95 -43.52 20.64
C THR J 203 -4.72 -43.66 19.14
N GLN J 204 -4.32 -42.58 18.47
CA GLN J 204 -3.94 -42.64 17.08
C GLN J 204 -2.55 -43.23 16.93
N GLY J 205 -2.35 -43.95 15.81
CA GLY J 205 -1.06 -44.52 15.52
C GLY J 205 -0.05 -43.48 15.07
N PRO J 206 1.23 -43.76 15.32
CA PRO J 206 2.28 -42.87 14.81
C PRO J 206 2.25 -42.74 13.30
N ASP J 207 2.55 -41.54 12.83
CA ASP J 207 2.70 -41.24 11.41
C ASP J 207 4.14 -40.80 11.16
N THR J 208 4.77 -41.34 10.11
CA THR J 208 6.16 -41.05 9.83
C THR J 208 6.38 -40.66 8.38
N ALA J 209 7.23 -39.66 8.17
CA ALA J 209 7.59 -39.18 6.85
C ALA J 209 9.10 -39.10 6.73
N ILE J 210 9.61 -39.33 5.52
CA ILE J 210 11.03 -39.24 5.24
C ILE J 210 11.21 -38.38 3.99
N SER J 211 12.16 -37.46 4.05
CA SER J 211 12.45 -36.58 2.94
C SER J 211 13.93 -36.65 2.61
N TYR J 212 14.25 -36.70 1.33
CA TYR J 212 15.63 -36.74 0.89
C TYR J 212 16.01 -35.39 0.29
N VAL J 213 17.22 -34.92 0.61
CA VAL J 213 17.72 -33.65 0.12
C VAL J 213 19.14 -33.85 -0.39
N GLY J 214 19.58 -32.90 -1.19
CA GLY J 214 20.93 -32.92 -1.73
C GLY J 214 21.24 -31.57 -2.31
N ARG J 215 22.54 -31.29 -2.42
CA ARG J 215 22.93 -30.01 -2.98
C ARG J 215 24.30 -30.13 -3.62
N TYR J 216 24.44 -29.52 -4.79
CA TYR J 216 25.70 -29.41 -5.50
C TYR J 216 26.05 -27.95 -5.55
N LYS J 217 27.16 -27.58 -4.93
CA LYS J 217 27.55 -26.18 -4.82
C LYS J 217 28.92 -25.95 -5.45
N THR J 218 28.99 -24.99 -6.35
CA THR J 218 30.22 -24.52 -6.96
C THR J 218 30.36 -23.04 -6.65
N GLU J 219 31.44 -22.44 -7.14
CA GLU J 219 31.69 -21.04 -6.84
C GLU J 219 30.62 -20.14 -7.44
N ASN J 220 30.24 -20.38 -8.70
CA ASN J 220 29.30 -19.51 -9.39
C ASN J 220 27.85 -19.98 -9.37
N TRP J 221 27.58 -21.25 -9.10
CA TRP J 221 26.21 -21.72 -9.13
C TRP J 221 25.99 -22.81 -8.08
N ILE J 222 24.74 -22.94 -7.68
CA ILE J 222 24.32 -23.91 -6.66
C ILE J 222 23.02 -24.56 -7.10
N ALA J 223 22.97 -25.89 -7.04
CA ALA J 223 21.78 -26.65 -7.39
C ALA J 223 21.34 -27.44 -6.17
N SER J 224 20.04 -27.42 -5.87
CA SER J 224 19.51 -28.09 -4.69
C SER J 224 18.20 -28.78 -5.01
N ALA J 225 17.92 -29.87 -4.31
CA ALA J 225 16.66 -30.56 -4.47
C ALA J 225 16.21 -31.16 -3.14
N GLN J 226 14.91 -31.11 -2.89
CA GLN J 226 14.30 -31.72 -1.72
C GLN J 226 13.15 -32.58 -2.21
N LEU J 227 13.16 -33.86 -1.88
CA LEU J 227 12.17 -34.80 -2.39
C LEU J 227 11.44 -35.45 -1.24
N GLN J 228 10.19 -35.05 -1.01
CA GLN J 228 9.38 -35.72 -0.01
C GLN J 228 8.95 -37.08 -0.53
N ALA J 229 9.07 -38.10 0.31
CA ALA J 229 8.64 -39.43 -0.10
C ALA J 229 7.17 -39.48 -0.48
N GLN J 230 6.37 -38.53 0.01
CA GLN J 230 4.96 -38.48 -0.36
C GLN J 230 4.73 -38.00 -1.77
N GLY J 231 5.74 -37.43 -2.44
CA GLY J 231 5.58 -37.04 -3.82
C GLY J 231 6.04 -35.65 -4.16
N ALA J 232 6.08 -34.76 -3.16
CA ALA J 232 6.47 -33.39 -3.41
C ALA J 232 7.96 -33.31 -3.72
N LEU J 233 8.31 -32.38 -4.61
CA LEU J 233 9.69 -32.17 -5.03
C LEU J 233 9.94 -30.68 -5.14
N ASN J 234 11.00 -30.21 -4.50
CA ASN J 234 11.39 -28.81 -4.58
C ASN J 234 12.83 -28.73 -5.05
N ALA J 235 13.04 -28.17 -6.23
CA ALA J 235 14.37 -27.99 -6.81
C ALA J 235 14.65 -26.52 -6.97
N SER J 236 15.89 -26.12 -6.73
CA SER J 236 16.26 -24.72 -6.88
C SER J 236 17.63 -24.61 -7.50
N TYR J 237 17.85 -23.54 -8.25
CA TYR J 237 19.10 -23.28 -8.93
C TYR J 237 19.46 -21.83 -8.72
N TRP J 238 20.68 -21.57 -8.29
CA TRP J 238 21.16 -20.21 -8.06
C TRP J 238 22.42 -19.99 -8.87
N GLN J 239 22.52 -18.82 -9.48
CA GLN J 239 23.72 -18.49 -10.24
C GLN J 239 24.04 -17.02 -10.11
N ARG J 240 25.32 -16.73 -9.94
CA ARG J 240 25.80 -15.36 -9.83
C ARG J 240 26.07 -14.80 -11.22
N LEU J 241 25.40 -13.72 -11.57
CA LEU J 241 25.52 -13.09 -12.89
C LEU J 241 26.42 -11.87 -12.83
N GLY J 242 27.64 -12.04 -12.33
CA GLY J 242 28.54 -10.92 -12.16
C GLY J 242 28.61 -10.46 -10.72
N GLU J 243 29.37 -9.40 -10.51
CA GLU J 243 29.65 -8.94 -9.15
C GLU J 243 28.40 -8.44 -8.44
N LYS J 244 27.51 -7.76 -9.15
CA LYS J 244 26.36 -7.13 -8.52
C LYS J 244 25.03 -7.81 -8.76
N VAL J 245 24.98 -8.86 -9.57
CA VAL J 245 23.71 -9.47 -9.95
C VAL J 245 23.76 -10.96 -9.68
N GLN J 246 22.67 -11.50 -9.15
CA GLN J 246 22.52 -12.92 -8.93
C GLN J 246 21.05 -13.26 -9.14
N ALA J 247 20.80 -14.46 -9.65
CA ALA J 247 19.45 -14.87 -9.98
C ALA J 247 19.23 -16.31 -9.56
N GLY J 248 17.96 -16.70 -9.48
CA GLY J 248 17.65 -18.05 -9.05
C GLY J 248 16.28 -18.49 -9.49
N VAL J 249 16.10 -19.80 -9.51
CA VAL J 249 14.86 -20.44 -9.95
C VAL J 249 14.44 -21.41 -8.86
N ASP J 250 13.15 -21.43 -8.53
CA ASP J 250 12.63 -22.33 -7.51
C ASP J 250 11.40 -23.05 -8.04
N MET J 251 11.47 -24.37 -8.14
CA MET J 251 10.36 -25.19 -8.61
C MET J 251 9.78 -26.01 -7.47
N THR J 252 8.46 -25.96 -7.32
CA THR J 252 7.75 -26.74 -6.31
C THR J 252 6.67 -27.58 -6.97
N LEU J 253 6.73 -28.90 -6.77
CA LEU J 253 5.70 -29.80 -7.28
C LEU J 253 4.98 -30.45 -6.11
N SER J 254 3.65 -30.37 -6.11
CA SER J 254 2.81 -31.00 -5.10
C SER J 254 1.84 -31.95 -5.78
N VAL J 255 1.80 -33.21 -5.31
CA VAL J 255 0.95 -34.22 -5.93
C VAL J 255 0.01 -34.85 -4.91
N ASN J 256 -0.16 -34.21 -3.76
CA ASN J 256 -1.02 -34.74 -2.70
C ASN J 256 -2.48 -34.77 -3.13
N THR J 266 -5.02 -33.95 -6.15
CA THR J 266 -4.68 -33.21 -7.36
C THR J 266 -3.18 -33.01 -7.49
N LYS J 267 -2.75 -32.47 -8.63
CA LYS J 267 -1.35 -32.21 -8.91
C LYS J 267 -1.16 -30.71 -9.13
N GLU J 268 -0.25 -30.12 -8.37
CA GLU J 268 -0.02 -28.68 -8.47
C GLU J 268 1.48 -28.40 -8.52
N GLY J 269 1.87 -27.51 -9.41
CA GLY J 269 3.26 -27.13 -9.57
C GLY J 269 3.42 -25.65 -9.82
N ILE J 270 4.42 -25.02 -9.21
CA ILE J 270 4.67 -23.60 -9.39
C ILE J 270 6.18 -23.38 -9.48
N THR J 271 6.61 -22.57 -10.44
CA THR J 271 8.02 -22.22 -10.63
C THR J 271 8.20 -20.72 -10.49
N THR J 272 9.13 -20.31 -9.65
CA THR J 272 9.43 -18.91 -9.41
C THR J 272 10.84 -18.59 -9.88
N PHE J 273 10.96 -17.59 -10.74
CA PHE J 273 12.24 -17.11 -11.24
C PHE J 273 12.44 -15.70 -10.72
N GLY J 274 13.63 -15.40 -10.19
CA GLY J 274 13.88 -14.07 -9.67
C GLY J 274 15.34 -13.70 -9.75
N ALA J 275 15.61 -12.41 -9.57
CA ALA J 275 16.96 -11.88 -9.61
C ALA J 275 17.10 -10.80 -8.56
N LYS J 276 18.33 -10.62 -8.08
CA LYS J 276 18.65 -9.61 -7.09
C LYS J 276 19.83 -8.77 -7.55
N TYR J 277 19.67 -7.46 -7.48
CA TYR J 277 20.71 -6.51 -7.88
C TYR J 277 21.22 -5.78 -6.65
N ASP J 278 22.54 -5.78 -6.49
CA ASP J 278 23.18 -5.11 -5.37
C ASP J 278 23.82 -3.82 -5.85
N PHE J 279 23.22 -2.69 -5.49
CA PHE J 279 23.79 -1.39 -5.77
C PHE J 279 24.51 -0.89 -4.52
N ARG J 280 25.20 0.24 -4.66
CA ARG J 280 25.97 0.75 -3.53
C ARG J 280 25.08 1.22 -2.38
N MET J 281 23.91 1.77 -2.68
CA MET J 281 22.99 2.24 -1.65
C MET J 281 21.65 1.54 -1.65
N SER J 282 21.43 0.54 -2.50
CA SER J 282 20.13 -0.09 -2.54
C SER J 282 20.25 -1.49 -3.09
N THR J 283 19.24 -2.30 -2.80
CA THR J 283 19.14 -3.67 -3.28
C THR J 283 17.77 -3.85 -3.90
N PHE J 284 17.73 -4.30 -5.14
CA PHE J 284 16.47 -4.49 -5.84
C PHE J 284 16.26 -5.96 -6.13
N ARG J 285 15.09 -6.46 -5.78
CA ARG J 285 14.69 -7.84 -6.02
C ARG J 285 13.42 -7.87 -6.84
N ALA J 286 13.35 -8.77 -7.81
CA ALA J 286 12.15 -8.92 -8.61
C ALA J 286 11.97 -10.40 -8.92
N GLN J 287 10.72 -10.86 -8.93
CA GLN J 287 10.47 -12.25 -9.27
C GLN J 287 9.14 -12.38 -9.97
N ILE J 288 9.04 -13.39 -10.82
CA ILE J 288 7.82 -13.74 -11.52
C ILE J 288 7.64 -15.24 -11.37
N ASP J 289 6.39 -15.70 -11.33
CA ASP J 289 6.14 -17.11 -11.18
C ASP J 289 5.04 -17.58 -12.12
N THR J 290 4.99 -18.90 -12.32
CA THR J 290 4.03 -19.50 -13.23
C THR J 290 2.57 -19.19 -12.87
N LYS J 291 2.27 -18.82 -11.63
CA LYS J 291 0.91 -18.42 -11.33
C LYS J 291 0.63 -16.97 -11.69
N GLY J 292 1.50 -16.33 -12.46
CA GLY J 292 1.27 -14.97 -12.89
C GLY J 292 1.43 -13.91 -11.83
N LYS J 293 2.06 -14.23 -10.70
CA LYS J 293 2.30 -13.23 -9.68
C LYS J 293 3.66 -12.58 -9.89
N LEU J 294 3.66 -11.26 -9.96
CA LEU J 294 4.86 -10.46 -10.07
C LEU J 294 5.05 -9.71 -8.77
N SER J 295 6.26 -9.72 -8.24
CA SER J 295 6.55 -8.99 -7.02
C SER J 295 7.96 -8.44 -7.08
N CYS J 296 8.15 -7.31 -6.40
CA CYS J 296 9.46 -6.69 -6.34
C CYS J 296 9.61 -6.04 -4.97
N VAL J 297 10.85 -5.97 -4.50
CA VAL J 297 11.18 -5.37 -3.22
C VAL J 297 12.39 -4.48 -3.42
N LEU J 298 12.27 -3.21 -3.07
CA LEU J 298 13.36 -2.25 -3.16
C LEU J 298 13.71 -1.78 -1.75
N GLU J 299 14.95 -2.01 -1.35
CA GLU J 299 15.47 -1.54 -0.07
C GLU J 299 16.50 -0.48 -0.38
N LYS J 300 16.34 0.71 0.19
CA LYS J 300 17.22 1.82 -0.14
C LYS J 300 17.64 2.56 1.11
N ARG J 301 18.94 2.81 1.24
CA ARG J 301 19.51 3.52 2.38
C ARG J 301 19.31 5.02 2.19
N VAL J 302 18.15 5.53 2.61
CA VAL J 302 17.88 6.96 2.44
C VAL J 302 18.72 7.80 3.39
N ALA J 303 19.24 7.21 4.46
CA ALA J 303 20.12 7.92 5.38
C ALA J 303 21.01 6.89 6.07
N ALA J 304 22.02 7.39 6.76
CA ALA J 304 22.92 6.48 7.49
C ALA J 304 22.18 5.56 8.45
N PRO J 305 21.28 6.05 9.32
CA PRO J 305 20.54 5.13 10.18
C PRO J 305 19.20 4.66 9.64
N VAL J 306 18.71 5.23 8.54
CA VAL J 306 17.36 4.98 8.04
C VAL J 306 17.45 4.15 6.77
N MET J 307 16.72 3.05 6.73
CA MET J 307 16.60 2.23 5.52
C MET J 307 15.14 2.12 5.13
N MET J 308 14.81 2.55 3.92
CA MET J 308 13.47 2.45 3.38
C MET J 308 13.28 1.14 2.64
N THR J 309 12.07 0.59 2.71
CA THR J 309 11.70 -0.63 2.01
C THR J 309 10.37 -0.44 1.30
N PHE J 310 10.34 -0.70 0.00
CA PHE J 310 9.11 -0.70 -0.79
C PHE J 310 8.91 -2.09 -1.36
N ALA J 311 7.76 -2.70 -1.07
CA ALA J 311 7.42 -4.02 -1.55
C ALA J 311 6.08 -3.98 -2.25
N ALA J 312 6.01 -4.55 -3.46
CA ALA J 312 4.76 -4.56 -4.22
C ALA J 312 4.54 -5.92 -4.85
N ASP J 313 3.34 -6.47 -4.64
CA ASP J 313 2.95 -7.76 -5.20
C ASP J 313 1.78 -7.54 -6.15
N VAL J 314 1.87 -8.10 -7.34
CA VAL J 314 0.85 -7.94 -8.37
C VAL J 314 0.41 -9.31 -8.85
N ASP J 315 -0.90 -9.57 -8.79
CA ASP J 315 -1.49 -10.80 -9.28
C ASP J 315 -2.12 -10.50 -10.65
N HIS J 316 -1.49 -10.98 -11.71
CA HIS J 316 -1.96 -10.65 -13.06
C HIS J 316 -3.30 -11.31 -13.41
N PHE J 317 -3.67 -12.41 -12.76
CA PHE J 317 -4.96 -12.99 -13.11
C PHE J 317 -6.12 -12.22 -12.50
N THR J 318 -5.92 -11.60 -11.33
CA THR J 318 -6.95 -10.80 -10.70
C THR J 318 -6.70 -9.30 -10.81
N GLN J 319 -5.53 -8.90 -11.29
CA GLN J 319 -5.15 -7.49 -11.43
C GLN J 319 -5.20 -6.76 -10.10
N GLN J 320 -4.89 -7.44 -9.00
CA GLN J 320 -4.87 -6.87 -7.68
C GLN J 320 -3.43 -6.69 -7.21
N ALA J 321 -3.15 -5.57 -6.55
CA ALA J 321 -1.81 -5.27 -6.06
C ALA J 321 -1.82 -5.00 -4.57
N LYS J 322 -0.75 -5.43 -3.90
CA LYS J 322 -0.54 -5.20 -2.47
C LYS J 322 0.74 -4.40 -2.31
N VAL J 323 0.65 -3.24 -1.68
CA VAL J 323 1.79 -2.33 -1.54
C VAL J 323 2.21 -2.28 -0.08
N GLY J 324 3.50 -2.43 0.17
CA GLY J 324 4.05 -2.34 1.51
C GLY J 324 5.17 -1.32 1.60
N VAL J 325 5.05 -0.35 2.51
CA VAL J 325 6.09 0.64 2.74
C VAL J 325 6.56 0.50 4.17
N GLY J 326 7.86 0.31 4.36
CA GLY J 326 8.42 0.12 5.68
C GLY J 326 9.70 0.90 5.86
N ILE J 327 9.99 1.19 7.12
CA ILE J 327 11.19 1.93 7.51
C ILE J 327 11.88 1.21 8.66
N SER J 328 13.21 1.29 8.68
CA SER J 328 14.03 0.73 9.75
C SER J 328 15.02 1.78 10.20
N ILE J 329 15.12 1.98 11.51
CA ILE J 329 15.98 3.00 12.09
C ILE J 329 16.85 2.35 13.16
N GLU J 330 18.10 2.76 13.23
CA GLU J 330 19.10 2.15 14.10
C GLU J 330 19.77 3.25 14.90
N ALA J 331 19.32 3.42 16.15
CA ALA J 331 19.76 4.53 17.00
C ALA J 331 21.24 4.48 17.34
N GLY J 332 21.80 3.29 17.58
CA GLY J 332 23.11 3.23 18.22
C GLY J 332 24.21 3.96 17.47
N GLY J 333 24.25 3.79 16.15
CA GLY J 333 25.12 4.59 15.30
C GLY J 333 26.60 4.49 15.60
N GLU J 334 27.25 5.66 15.74
CA GLU J 334 28.70 5.73 15.91
C GLU J 334 29.14 5.61 17.36
N GLU J 335 28.20 5.67 18.32
CA GLU J 335 28.56 5.68 19.73
C GLU J 335 29.29 4.40 20.11
N LEU J 336 28.83 3.27 19.59
CA LEU J 336 29.31 1.94 19.92
C LEU J 336 30.19 1.32 18.85
N GLN J 337 30.64 2.08 17.86
CA GLN J 337 31.44 1.48 16.81
C GLN J 337 32.79 1.00 17.33
N ASP J 338 33.23 1.51 18.49
CA ASP J 338 34.54 1.12 19.01
C ASP J 338 34.57 -0.38 19.27
N GLN J 339 33.48 -0.91 19.81
CA GLN J 339 33.31 -2.33 20.03
C GLN J 339 33.17 -3.04 18.69
N GLN J 340 33.63 -4.29 18.62
CA GLN J 340 33.27 -5.03 17.42
C GLN J 340 32.49 -6.29 17.76
N PRO J 341 31.56 -6.69 16.88
CA PRO J 341 30.61 -7.76 17.22
C PRO J 341 31.26 -9.01 17.81
N ALA J 342 30.58 -9.62 18.76
CA ALA J 342 31.06 -10.85 19.37
C ALA J 342 31.15 -11.94 18.29
N PRO J 343 32.21 -12.73 18.29
CA PRO J 343 32.36 -13.76 17.25
C PRO J 343 31.35 -14.87 17.37
N ASN J 344 30.89 -15.35 16.21
CA ASN J 344 30.05 -16.53 16.01
C ASN J 344 28.94 -16.66 17.06
N ILE J 345 28.18 -15.59 17.22
CA ILE J 345 27.04 -15.66 18.15
C ILE J 345 26.05 -16.69 17.61
N PRO J 346 25.55 -17.62 18.40
CA PRO J 346 24.68 -18.64 17.81
C PRO J 346 23.27 -18.15 17.49
N PHE J 347 23.18 -17.32 16.46
CA PHE J 347 21.89 -16.81 16.00
C PHE J 347 20.97 -17.92 15.57
O12 PC1 K . 13.63 24.93 13.24
P PC1 K . 14.70 24.78 12.21
O14 PC1 K . 14.64 25.41 10.86
O13 PC1 K . 16.17 25.22 12.82
C11 PC1 K . 17.26 24.40 12.53
C12 PC1 K . 18.46 25.32 12.35
N PC1 K . 19.13 25.23 11.00
C13 PC1 K . 20.51 25.79 11.04
C14 PC1 K . 19.22 23.79 10.63
C15 PC1 K . 18.34 25.95 9.97
O11 PC1 K . 14.97 23.16 12.09
C1 PC1 K . 13.98 22.25 12.50
C2 PC1 K . 12.97 22.09 11.38
O21 PC1 K . 11.72 22.64 11.77
C21 PC1 K . 10.98 23.22 10.83
O22 PC1 K . 11.37 23.47 9.73
C22 PC1 K . 9.62 23.54 11.36
C23 PC1 K . 8.59 22.44 11.19
C24 PC1 K . 8.55 21.57 12.42
C25 PC1 K . 8.05 20.17 12.12
C26 PC1 K . 6.63 20.13 11.59
C27 PC1 K . 6.24 18.69 11.29
C28 PC1 K . 5.25 18.50 10.15
C29 PC1 K . 3.94 19.25 10.31
C2A PC1 K . 2.89 18.68 9.38
C2B PC1 K . 1.45 18.96 9.82
C2C PC1 K . 1.35 19.71 11.13
C2D PC1 K . -0.07 20.12 11.49
C2E PC1 K . -1.11 19.36 10.68
C2F PC1 K . -1.81 18.28 11.49
C2G PC1 K . -1.46 16.89 11.01
C2H PC1 K . -0.26 16.30 11.75
C2I PC1 K . -0.68 15.19 12.70
C3 PC1 K . 12.72 20.64 11.04
O31 PC1 K . 13.04 19.86 12.18
C31 PC1 K . 12.81 18.55 12.13
O32 PC1 K . 13.57 17.77 11.61
C32 PC1 K . 11.51 18.20 12.78
C33 PC1 K . 11.27 16.70 12.88
C34 PC1 K . 9.79 16.38 12.72
C35 PC1 K . 9.25 15.74 13.98
C36 PC1 K . 7.87 16.24 14.38
C37 PC1 K . 7.04 15.13 14.98
C38 PC1 K . 5.84 14.73 14.12
C39 PC1 K . 4.52 15.08 14.78
C3A PC1 K . 3.94 16.41 14.35
C3B PC1 K . 2.43 16.37 14.19
C3C PC1 K . 1.75 15.79 15.43
C13 DU0 L . 10.13 9.52 18.85
C15 DU0 L . 11.88 9.16 16.42
C17 DU0 L . 15.28 11.98 12.11
C20 DU0 L . 17.06 13.02 10.09
C21 DU0 L . 18.09 13.48 9.13
C22 DU0 L . 17.65 13.23 7.70
C24 DU0 L . 19.94 13.09 7.06
C26 DU0 L . 22.01 12.29 5.92
C01 DU0 L . 14.10 9.50 13.60
C02 DU0 L . 13.31 10.42 12.69
C03 DU0 L . 13.90 11.86 12.70
C04 DU0 L . 13.62 12.29 14.13
C05 DU0 L . 12.15 11.90 14.28
C06 DU0 L . 11.91 10.76 13.25
C07 DU0 L . 11.11 9.70 14.01
C08 DU0 L . 9.76 9.61 13.36
C09 DU0 L . 11.14 10.15 15.51
C11 DU0 L . 9.07 9.44 16.61
C12 DU0 L . 9.79 8.64 17.67
C14 DU0 L . 11.04 8.06 17.01
C18 DU0 L . 15.67 13.45 12.13
C19 DU0 L . 16.67 13.81 11.10
C25 DU0 L . 20.70 13.04 5.75
C27 DU0 L . 22.95 12.99 6.91
C51 DU0 L . 22.70 12.20 4.56
C75 DU0 L . 17.44 11.74 7.53
C76 DU0 L . 16.35 11.27 8.47
C77 DU0 L . 16.58 11.59 9.95
C78 DU0 L . 17.63 10.67 10.54
C79 DU0 L . 15.22 11.45 10.67
C80 DU0 L . 14.67 10.04 10.60
C81 DU0 L . 13.32 9.89 11.27
O10 DU0 L . 9.86 10.49 16.03
O16 DU0 L . 11.85 11.39 15.59
O23 DU0 L . 18.66 13.64 6.77
O28 DU0 L . 23.23 14.29 6.44
O52 DU0 L . 23.71 11.20 4.65
O12 PC1 M . -6.23 -3.51 21.95
P PC1 M . -5.80 -3.14 23.34
O14 PC1 M . -6.34 -1.98 24.09
O13 PC1 M . -6.01 -4.43 24.34
C11 PC1 M . -4.88 -5.04 24.91
C12 PC1 M . -4.94 -4.70 26.39
N PC1 M . -5.48 -5.74 27.33
C13 PC1 M . -6.93 -5.57 27.56
C14 PC1 M . -5.22 -7.08 26.74
C15 PC1 M . -4.77 -5.65 28.64
O11 PC1 M . -4.16 -3.06 23.27
C1 PC1 M . -3.55 -1.82 23.03
C2 PC1 M . -2.29 -1.70 23.86
O21 PC1 M . -1.20 -2.37 23.23
C21 PC1 M . -0.22 -1.66 22.68
O22 PC1 M . -0.34 -1.07 21.64
C22 PC1 M . 1.03 -1.72 23.51
C23 PC1 M . 1.50 -0.39 24.07
C24 PC1 M . 2.84 0.04 23.51
C25 PC1 M . 2.66 0.93 22.30
C26 PC1 M . 3.70 2.03 22.16
C27 PC1 M . 4.79 2.08 23.22
C28 PC1 M . 6.12 1.70 22.60
C29 PC1 M . 6.94 2.88 22.11
C2A PC1 M . 7.22 3.92 23.18
C2B PC1 M . 8.51 3.63 23.94
C3 PC1 M . -2.48 -2.33 25.23
O31 PC1 M . -1.34 -3.12 25.48
C31 PC1 M . -0.94 -3.22 26.75
O32 PC1 M . -1.46 -3.95 27.55
C32 PC1 M . 0.23 -2.32 27.04
C33 PC1 M . 0.06 -1.55 28.33
C34 PC1 M . 1.35 -0.86 28.75
C35 PC1 M . 2.36 -0.70 27.64
C36 PC1 M . 2.79 0.76 27.42
C37 PC1 M . 2.15 1.74 28.39
C38 PC1 M . 2.97 3.01 28.61
C39 PC1 M . 4.45 2.87 28.32
C3A PC1 M . 4.97 3.94 27.36
C13 DU0 N . -18.27 31.31 17.21
C15 DU0 N . -14.95 30.23 18.24
C17 DU0 N . -10.51 35.09 18.01
C20 DU0 N . -8.44 37.10 18.05
C21 DU0 N . -7.36 38.12 18.09
C22 DU0 N . -6.50 38.03 16.83
C24 DU0 N . -4.40 38.87 17.75
C26 DU0 N . -2.30 38.25 16.48
C01 DU0 N . -11.14 32.08 18.36
C02 DU0 N . -11.33 32.85 17.07
C03 DU0 N . -11.63 34.35 17.33
C04 DU0 N . -13.00 34.24 17.98
C05 DU0 N . -13.71 33.34 16.96
C06 DU0 N . -12.63 32.41 16.36
C07 DU0 N . -13.12 30.99 16.60
C08 DU0 N . -13.04 30.15 15.36
C09 DU0 N . -14.58 31.18 17.11
C11 DU0 N . -16.44 30.04 16.09
C12 DU0 N . -17.30 30.15 17.35
C14 DU0 N . -16.42 30.34 18.58
C18 DU0 N . -10.89 36.55 18.19
C19 DU0 N . -9.72 37.45 18.31
C25 DU0 N . -3.14 39.37 17.04
C27 DU0 N . -1.28 38.74 15.44
C51 DU0 N . -1.49 37.66 17.64
C75 DU0 N . -5.84 36.66 16.82
C76 DU0 N . -6.93 35.62 16.67
C77 DU0 N . -8.05 35.68 17.72
C78 DU0 N . -7.59 35.01 18.99
C79 DU0 N . -9.27 34.96 17.12
C80 DU0 N . -8.94 33.52 16.80
C81 DU0 N . -10.10 32.76 16.19
O10 DU0 N . -15.49 31.10 16.02
O16 DU0 N . -14.71 32.53 17.59
O23 DU0 N . -5.48 39.04 16.83
O28 DU0 N . -1.88 38.70 14.16
O52 DU0 N . -0.94 38.75 18.37
O12 PC1 O . -19.40 -5.52 -21.95
P PC1 O . -19.27 -4.85 -23.28
O14 PC1 O . -19.08 -5.59 -24.57
O13 PC1 O . -20.61 -3.91 -23.55
C11 PC1 O . -21.49 -4.27 -24.58
C12 PC1 O . -21.98 -2.96 -25.20
N PC1 O . -21.58 -2.75 -26.63
C13 PC1 O . -21.67 -1.31 -27.00
C14 PC1 O . -20.17 -3.19 -26.79
C15 PC1 O . -22.43 -3.55 -27.55
O11 PC1 O . -18.09 -3.72 -23.09
C1 PC1 O . -18.36 -2.35 -23.35
C2 PC1 O . -17.50 -1.91 -24.50
O21 PC1 O . -16.19 -1.54 -24.08
C21 PC1 O . -15.14 -2.13 -24.63
O22 PC1 O . -15.14 -2.54 -25.77
C22 PC1 O . -13.99 -2.22 -23.69
C23 PC1 O . -12.80 -1.35 -24.11
C24 PC1 O . -13.23 0.07 -24.45
C25 PC1 O . -12.06 1.04 -24.53
C26 PC1 O . -10.81 0.55 -23.81
C27 PC1 O . -9.67 1.54 -23.83
C28 PC1 O . -9.64 2.42 -25.08
C29 PC1 O . -8.80 1.86 -26.19
C2A PC1 O . -7.51 1.21 -25.71
C2B PC1 O . -6.27 2.08 -25.88
C2C PC1 O . -6.39 3.07 -27.03
C2D PC1 O . -5.06 3.43 -27.68
C2E PC1 O . -3.86 2.80 -27.00
C2F PC1 O . -2.97 2.04 -27.95
C3 PC1 O . -18.05 -0.67 -25.18
O31 PC1 O . -16.95 0.19 -25.42
C31 PC1 O . -16.95 0.89 -26.55
O32 PC1 O . -17.94 1.05 -27.19
C32 PC1 O . -15.58 1.43 -26.88
C33 PC1 O . -15.64 2.88 -27.35
C34 PC1 O . -14.68 3.15 -28.51
C35 PC1 O . -13.26 3.53 -28.09
C36 PC1 O . -13.00 4.98 -28.47
C37 PC1 O . -11.62 5.28 -29.04
C38 PC1 O . -10.58 4.24 -28.67
C39 PC1 O . -9.19 4.82 -28.44
C3A PC1 O . -8.71 5.84 -29.46
C3B PC1 O . -7.63 5.27 -30.38
C3C PC1 O . -7.88 5.34 -31.89
C3D PC1 O . -8.99 6.29 -32.34
C3E PC1 O . -8.79 6.78 -33.77
O12 PC1 P . -33.95 9.06 -20.78
P PC1 P . -32.86 9.88 -20.17
O14 PC1 P . -32.95 11.36 -20.02
O13 PC1 P . -32.56 9.32 -18.65
C11 PC1 P . -31.28 9.35 -18.08
C12 PC1 P . -30.49 8.12 -18.54
N PC1 P . -31.06 6.76 -18.26
C13 PC1 P . -31.70 6.69 -16.91
C14 PC1 P . -32.07 6.39 -19.31
C15 PC1 P . -29.98 5.73 -18.32
O11 PC1 P . -31.52 9.48 -21.02
C1 PC1 P . -30.89 10.45 -21.83
C2 PC1 P . -29.45 10.65 -21.41
O21 PC1 P . -29.14 11.96 -20.90
C21 PC1 P . -30.05 12.92 -20.83
O22 PC1 P . -30.73 13.09 -19.86
C22 PC1 P . -30.10 13.74 -22.08
C23 PC1 P . -30.38 15.21 -21.82
C24 PC1 P . -30.28 16.04 -23.09
C25 PC1 P . -31.24 15.55 -24.17
C26 PC1 P . -31.90 16.68 -24.94
C27 PC1 P . -31.19 18.03 -24.80
C28 PC1 P . -32.00 19.12 -24.13
C29 PC1 P . -33.50 19.11 -24.43
C2A PC1 P . -34.32 19.93 -23.45
C2B PC1 P . -33.53 21.07 -22.80
C2C PC1 P . -34.33 21.89 -21.80
C2D PC1 P . -35.28 22.88 -22.46
C3 PC1 P . -28.47 10.50 -22.55
O31 PC1 P . -27.26 11.05 -22.06
C31 PC1 P . -26.14 10.80 -22.73
O32 PC1 P . -25.09 10.64 -22.18
C32 PC1 P . -26.33 10.81 -24.21
C33 PC1 P . -25.83 12.06 -24.92
C34 PC1 P . -26.79 13.24 -24.90
C35 PC1 P . -27.96 13.04 -25.84
C36 PC1 P . -28.16 14.15 -26.86
C37 PC1 P . -26.95 15.07 -27.07
C38 PC1 P . -27.25 16.51 -26.68
C39 PC1 P . -26.40 17.51 -27.45
C13 DU0 Q . -20.07 31.30 10.26
C15 DU0 Q . -16.84 30.14 11.73
C17 DU0 Q . -12.26 35.29 12.84
C20 DU0 Q . -10.29 37.36 13.23
C21 DU0 Q . -9.19 38.30 13.61
C22 DU0 Q . -8.29 38.61 12.42
C24 DU0 Q . -7.09 40.68 12.44
C26 DU0 Q . -8.14 42.34 14.06
C01 DU0 Q . -12.59 32.23 12.51
C02 DU0 Q . -13.00 33.24 11.47
C03 DU0 Q . -13.40 34.59 12.12
C04 DU0 Q . -14.68 34.21 12.84
C05 DU0 Q . -15.43 33.50 11.68
C06 DU0 Q . -14.33 32.82 10.82
C07 DU0 Q . -14.71 31.34 10.84
C08 DU0 Q . -14.36 30.65 9.55
C09 DU0 Q . -16.24 31.41 11.15
C11 DU0 Q . -17.79 30.90 9.37
C12 DU0 Q . -18.88 30.37 10.28
C14 DU0 Q . -18.35 30.20 11.69
C18 DU0 Q . -12.69 36.66 13.38
C19 DU0 Q . -11.57 37.60 13.56
C25 DU0 Q . -6.93 41.49 13.72
C27 DU0 Q . -9.12 41.61 14.98
C51 DU0 Q . -7.66 43.60 14.76
C75 DU0 Q . -7.76 37.31 11.81
C76 DU0 Q . -8.91 36.47 11.35
C77 DU0 Q . -9.88 36.12 12.47
C78 DU0 Q . -9.21 35.15 13.42
C79 DU0 Q . -11.13 35.48 11.83
C80 DU0 Q . -10.73 34.18 11.17
C81 DU0 Q . -11.88 33.47 10.50
O10 DU0 Q . -16.96 31.87 10.01
O16 DU0 Q . -16.34 32.48 12.10
O23 DU0 Q . -7.10 39.30 12.82
O28 DU0 Q . -8.38 40.73 15.81
O52 DU0 Q . -6.35 43.91 14.27
C13 DU0 R . -23.18 34.10 4.72
C15 DU0 R . -20.56 35.49 7.09
C17 DU0 R . -16.34 38.87 8.44
C20 DU0 R . -14.56 41.03 9.16
C21 DU0 R . -13.66 42.15 9.57
C22 DU0 R . -12.20 41.70 9.55
C24 DU0 R . -9.99 42.36 10.16
C26 DU0 R . -9.48 44.42 8.82
C01 DU0 R . -17.57 36.19 9.19
C02 DU0 R . -16.63 36.36 8.02
C03 DU0 R . -16.68 37.80 7.44
C04 DU0 R . -18.00 37.82 6.70
C05 DU0 R . -17.78 36.57 5.84
C06 DU0 R . -17.11 35.54 6.79
C07 DU0 R . -18.18 34.45 6.97
C08 DU0 R . -17.64 33.14 6.45
C09 DU0 R . -19.43 34.96 6.21
C11 DU0 R . -21.05 33.23 5.70
C12 DU0 R . -22.28 34.10 5.93
C14 DU0 R . -21.86 35.52 6.31
C18 DU0 R . -16.52 40.24 7.81
C19 DU0 R . -15.53 41.25 8.26
C25 DU0 R . -9.16 43.63 10.08
C27 DU0 R . -10.28 45.70 9.10
C51 DU0 R . -8.16 44.77 8.11
C75 DU0 R . -12.05 40.55 10.53
C76 DU0 R . -12.88 39.38 10.06
C77 DU0 R . -14.36 39.69 9.81
C78 DU0 R . -15.12 39.69 11.14
C79 DU0 R . -14.88 38.60 8.87
C80 DU0 R . -14.74 37.19 9.42
C81 DU0 R . -15.19 36.12 8.45
O10 DU0 R . -19.90 33.98 5.30
O16 DU0 R . -19.01 36.03 5.36
O23 DU0 R . -11.35 42.76 9.98
O28 DU0 R . -11.61 45.32 9.36
O52 DU0 R . -8.22 46.13 7.71
O12 PC1 S . -10.76 5.35 22.42
P PC1 S . -9.50 4.76 21.88
O14 PC1 S . -8.20 4.79 22.60
O13 PC1 S . -9.74 3.19 21.44
C11 PC1 S . -10.76 2.42 22.05
C12 PC1 S . -10.46 2.40 23.54
N PC1 S . -9.51 1.33 24.04
C13 PC1 S . -9.75 1.03 25.47
C14 PC1 S . -9.76 0.09 23.26
C15 PC1 S . -8.10 1.74 23.84
O11 PC1 S . -9.33 5.44 20.38
C1 PC1 S . -8.05 5.62 19.82
C2 PC1 S . -7.54 7.02 20.15
O21 PC1 S . -7.10 7.71 18.98
C21 PC1 S . -7.46 8.98 18.78
O22 PC1 S . -8.59 9.37 18.94
C22 PC1 S . -6.31 9.83 18.33
C3 PC1 S . -6.35 6.94 21.05
O31 PC1 S . -6.81 7.39 22.32
C31 PC1 S . -6.53 8.64 22.67
O32 PC1 S . -7.31 9.36 23.25
C32 PC1 S . -5.13 9.04 22.28
C33 PC1 S . -4.99 10.52 22.03
C34 PC1 S . -3.53 10.92 21.96
C35 PC1 S . -2.95 11.25 23.33
C36 PC1 S . -3.99 11.82 24.30
C37 PC1 S . -3.51 11.95 25.74
C38 PC1 S . -1.99 12.04 25.87
O12 PC1 T . -11.59 -7.57 -18.48
P PC1 T . -11.48 -7.60 -19.97
O14 PC1 T . -10.89 -8.73 -20.73
O13 PC1 T . -12.96 -7.36 -20.64
C11 PC1 T . -13.19 -6.19 -21.39
C12 PC1 T . -13.32 -6.66 -22.83
N PC1 T . -14.70 -6.81 -23.39
C13 PC1 T . -15.21 -8.20 -23.24
C14 PC1 T . -15.61 -5.87 -22.68
C15 PC1 T . -14.70 -6.46 -24.84
O11 PC1 T . -10.72 -6.19 -20.36
C1 PC1 T . -9.33 -6.18 -20.52
C2 PC1 T . -8.94 -5.28 -21.67
O21 PC1 T . -8.91 -3.92 -21.26
C21 PC1 T . -7.74 -3.30 -21.13
O22 PC1 T . -7.00 -3.49 -20.21
C22 PC1 T . -7.52 -2.32 -22.24
C23 PC1 T . -6.33 -2.61 -23.13
C24 PC1 T . -5.26 -1.54 -23.04
C25 PC1 T . -4.22 -1.90 -22.00
C26 PC1 T . -2.80 -1.47 -22.33
C27 PC1 T . -2.61 -0.72 -23.64
C28 PC1 T . -2.23 0.72 -23.36
C29 PC1 T . -0.74 0.97 -23.31
C2A PC1 T . -0.01 0.57 -24.59
C2B PC1 T . 0.05 1.69 -25.61
C3 PC1 T . -9.94 -5.39 -22.80
O31 PC1 T . -10.24 -4.08 -23.22
C31 PC1 T . -10.51 -3.90 -24.51
O32 PC1 T . -11.58 -4.16 -25.01
C32 PC1 T . -9.33 -3.34 -25.25
C33 PC1 T . -9.08 -4.06 -26.57
C34 PC1 T . -8.07 -3.32 -27.44
C35 PC1 T . -7.22 -2.32 -26.69
C36 PC1 T . -5.72 -2.58 -26.85
C37 PC1 T . -5.39 -3.75 -27.76
C38 PC1 T . -4.01 -3.66 -28.41
C39 PC1 T . -3.45 -2.25 -28.51
C3A PC1 T . -2.04 -2.12 -27.93
C1 PLC U . 13.24 8.29 -1.09
C2 PLC U . 12.01 7.69 -1.75
C3 PLC U . 12.31 6.49 -2.63
C4 PLC U . 17.04 10.39 -2.82
C5 PLC U . 16.76 10.84 -4.24
C6 PLC U . 17.07 12.40 -6.12
C7 PLC U . 18.74 12.18 -4.38
C8 PLC U . 16.66 13.30 -3.91
C' PLC U . 10.42 8.30 -0.11
C1' PLC U . 9.78 7.85 1.18
C2' PLC U . 8.26 7.91 1.19
C3' PLC U . 7.69 7.95 2.60
C4' PLC U . 7.77 6.67 3.40
C5' PLC U . 7.20 6.81 4.81
C6' PLC U . 7.02 5.50 5.56
C7' PLC U . 6.62 5.69 7.02
C8' PLC U . 5.91 4.49 7.63
C9' PLC U . 5.57 4.65 9.10
CA' PLC U . 4.44 3.74 9.55
CB' PLC U . 4.13 3.81 11.03
CB PLC U . 11.23 5.09 -4.19
C1B PLC U . 10.00 4.27 -4.41
C2B PLC U . 9.75 3.93 -5.87
C3B PLC U . 8.57 2.99 -6.07
C4B PLC U . 7.96 3.13 -7.46
C5B PLC U . 6.71 2.29 -7.66
C6B PLC U . 6.10 2.41 -9.05
C7B PLC U . 4.74 1.72 -9.15
C8B PLC U . 4.26 1.51 -10.58
C9B PLC U . 2.93 0.79 -10.62
CAA PLC U . 2.50 0.35 -12.01
CBA PLC U . 1.04 -0.09 -12.04
O' PLC U . 10.34 9.42 -0.54
OB PLC U . 12.20 5.07 -4.90
O2 PLC U . 11.06 7.33 -0.74
O3 PLC U . 11.13 5.86 -3.11
O1P PLC U . 14.04 10.29 -2.80
O2P PLC U . 14.78 8.35 -4.34
O3P PLC U . 14.41 7.99 -1.81
O4P PLC U . 16.36 9.20 -2.49
N PLC U . 17.28 12.19 -4.66
P PLC U . 14.80 9.03 -3.01
O12 PC1 V . 23.65 -1.75 -20.51
P PC1 V . 24.22 -0.58 -19.80
O14 PC1 V . 25.12 -0.69 -18.62
O13 PC1 V . 25.03 0.40 -20.86
C11 PC1 V . 24.84 1.78 -20.75
C12 PC1 V . 26.18 2.43 -21.05
N PC1 V . 26.74 3.29 -19.95
C13 PC1 V . 27.77 4.23 -20.46
C14 PC1 V . 25.62 4.08 -19.37
C15 PC1 V . 27.33 2.45 -18.87
O11 PC1 V . 22.95 0.41 -19.48
C1 PC1 V . 21.64 -0.10 -19.45
C2 PC1 V . 21.40 -0.71 -18.09
O21 PC1 V . 21.27 -2.13 -18.19
C21 PC1 V . 21.74 -2.88 -17.21
O22 PC1 V . 22.42 -2.46 -16.32
C22 PC1 V . 21.33 -4.30 -17.39
C23 PC1 V . 19.99 -4.67 -16.76
C24 PC1 V . 18.88 -4.51 -17.77
C25 PC1 V . 17.54 -4.26 -17.11
C26 PC1 V . 17.08 -5.39 -16.21
C27 PC1 V . 15.74 -5.02 -15.57
C28 PC1 V . 15.49 -5.61 -14.19
C29 PC1 V . 15.58 -7.12 -14.12
C2A PC1 V . 14.91 -7.62 -12.85
C2B PC1 V . 14.45 -9.08 -12.92
C2C PC1 V . 14.70 -9.73 -14.26
C2D PC1 V . 14.39 -11.22 -14.28
C2E PC1 V . 13.53 -11.65 -13.10
C2F PC1 V . 12.08 -11.90 -13.49
C2G PC1 V . 11.13 -10.86 -12.90
C2H PC1 V . 10.90 -9.68 -13.83
C2I PC1 V . 9.51 -9.70 -14.42
C3 PC1 V . 20.13 -0.20 -17.45
O31 PC1 V . 19.26 0.23 -18.48
C31 PC1 V . 18.05 0.64 -18.14
O32 PC1 V . 17.81 1.74 -17.73
C32 PC1 V . 17.04 -0.45 -18.35
C33 PC1 V . 15.60 0.01 -18.12
C34 PC1 V . 14.77 -1.10 -17.51
C35 PC1 V . 13.65 -1.50 -18.45
C36 PC1 V . 13.42 -3.00 -18.53
C37 PC1 V . 11.95 -3.33 -18.68
C38 PC1 V . 11.35 -4.04 -17.47
C39 PC1 V . 10.94 -5.46 -17.80
C3A PC1 V . 11.99 -6.51 -17.46
C3B PC1 V . 11.39 -7.78 -16.89
C3C PC1 V . 10.26 -8.32 -17.77
C13 DU0 W . 7.24 1.29 -22.24
C15 DU0 W . 8.30 3.39 -20.35
C17 DU0 W . 13.32 5.80 -17.69
C20 DU0 W . 15.49 7.22 -16.44
C21 DU0 W . 16.57 8.08 -15.89
C22 DU0 W . 16.57 8.04 -14.37
C24 DU0 W . 17.54 10.22 -14.37
C26 DU0 W . 18.00 12.58 -13.72
C01 DU0 W . 10.26 5.64 -18.36
C02 DU0 W . 11.00 4.69 -17.43
C03 DU0 W . 12.49 4.54 -17.84
C04 DU0 W . 12.36 3.87 -19.19
C05 DU0 W . 11.39 2.74 -18.87
C06 DU0 W . 10.57 3.22 -17.64
C07 DU0 W . 9.12 2.88 -17.96
C08 DU0 W . 8.67 1.85 -16.96
C09 DU0 W . 9.11 2.44 -19.46
C11 DU0 W . 7.36 0.77 -19.82
C12 DU0 W . 6.66 1.59 -20.87
C14 DU0 W . 6.84 3.05 -20.50
C18 DU0 W . 14.75 5.47 -18.06
C19 DU0 W . 15.75 6.35 -17.43
C25 DU0 W . 18.17 11.13 -13.33
C27 DU0 W . 18.72 12.92 -15.03
C51 DU0 W . 18.57 13.46 -12.61
C75 DU0 W . 15.23 8.58 -13.90
C76 DU0 W . 14.12 7.69 -14.41
C77 DU0 W . 14.09 7.48 -15.93
C78 DU0 W . 13.55 8.72 -16.62
C79 DU0 W . 13.22 6.23 -16.23
C80 DU0 W . 11.79 6.40 -15.76
C81 DU0 W . 10.93 5.18 -16.00
O10 DU0 W . 8.75 1.09 -19.66
O16 DU0 W . 10.46 2.48 -19.94
O23 DU0 W . 17.59 8.89 -13.84
O28 DU0 W . 20.10 12.64 -14.89
O52 DU0 W . 18.08 14.78 -12.80
C13 DU0 X . 15.23 -33.19 -16.62
C15 DU0 X . 15.35 -29.98 -18.32
C17 DU0 X . 21.45 -28.29 -20.14
C20 DU0 X . 24.04 -27.41 -21.09
C21 DU0 X . 25.35 -26.94 -21.60
C22 DU0 X . 25.96 -25.93 -20.63
C24 DU0 X . 27.29 -24.64 -22.21
C26 DU0 X . 27.95 -22.30 -21.48
C01 DU0 X . 18.47 -27.51 -19.79
C02 DU0 X . 19.42 -27.82 -18.64
C03 DU0 X . 20.54 -28.81 -19.06
C04 DU0 X . 19.72 -30.07 -19.29
C05 DU0 X . 18.92 -30.11 -17.98
C06 DU0 X . 18.71 -28.63 -17.54
C07 DU0 X . 17.21 -28.45 -17.40
C08 DU0 X . 16.85 -27.79 -16.10
C09 DU0 X . 16.64 -29.90 -17.51
C11 DU0 X . 15.18 -30.82 -15.84
C12 DU0 X . 14.58 -31.84 -16.82
C14 DU0 X . 14.76 -31.37 -18.26
C18 DU0 X . 22.53 -29.31 -20.46
C19 DU0 X . 23.75 -28.72 -21.04
C25 DU0 X . 28.43 -23.65 -21.97
C27 DU0 X . 29.07 -21.46 -20.86
C51 DU0 X . 27.44 -21.52 -22.70
C75 DU0 X . 25.04 -24.73 -20.57
C76 DU0 X . 23.73 -25.18 -19.95
C77 DU0 X . 23.04 -26.36 -20.65
C78 DU0 X . 22.29 -25.86 -21.86
C79 DU0 X . 22.08 -26.99 -19.62
C80 DU0 X . 21.05 -25.99 -19.16
C81 DU0 X . 20.09 -26.56 -18.13
O10 DU0 X . 16.51 -30.47 -16.22
O16 DU0 X . 17.63 -30.71 -18.16
O23 DU0 X . 27.26 -25.50 -21.07
O28 DU0 X . 29.14 -21.75 -19.47
O52 DU0 X . 28.41 -21.66 -23.73
O12 PC1 Y . -6.64 -10.67 27.03
P PC1 Y . -5.65 -10.64 28.14
O14 PC1 Y . -5.86 -9.92 29.43
O13 PC1 Y . -5.29 -12.19 28.59
C11 PC1 Y . -5.68 -12.62 29.88
C12 PC1 Y . -4.57 -13.53 30.38
N PC1 Y . -3.82 -13.05 31.59
C13 PC1 Y . -2.50 -13.72 31.71
C14 PC1 Y . -3.59 -11.59 31.43
C15 PC1 Y . -4.61 -13.27 32.82
O11 PC1 Y . -4.23 -10.16 27.44
C1 PC1 Y . -3.08 -10.97 27.53
C2 PC1 Y . -2.02 -10.23 28.31
O21 PC1 Y . -1.29 -9.33 27.48
C21 PC1 Y . -1.23 -8.05 27.82
O22 PC1 Y . -1.28 -7.67 28.97
C22 PC1 Y . -1.10 -7.16 26.63
C23 PC1 Y . 0.25 -6.45 26.56
C24 PC1 Y . 1.41 -7.41 26.75
C25 PC1 Y . 2.75 -6.82 26.35
C26 PC1 Y . 2.63 -5.64 25.40
C27 PC1 Y . 3.97 -5.09 24.94
C28 PC1 Y . 5.08 -5.26 25.96
C29 PC1 Y . 5.24 -4.07 26.89
C2A PC1 Y . 5.06 -2.73 26.19
C2B PC1 Y . 6.37 -2.02 25.86
C2C PC1 Y . 7.50 -2.39 26.81
C2D PC1 Y . 8.53 -1.28 27.00
C2E PC1 Y . 8.28 -0.05 26.14
C2F PC1 Y . 8.23 1.23 26.93
C3 PC1 Y . -0.98 -11.17 28.90
O31 PC1 Y . 0.29 -10.55 28.67
C31 PC1 Y . 1.20 -10.68 29.62
O32 PC1 Y . 1.12 -11.51 30.47
C32 PC1 Y . 2.32 -9.68 29.46
C33 PC1 Y . 3.68 -10.31 29.68
C34 PC1 Y . 4.62 -9.40 30.47
C35 PC1 Y . 5.42 -8.41 29.62
C36 PC1 Y . 6.89 -8.78 29.66
C37 PC1 Y . 7.86 -7.61 29.78
C38 PC1 Y . 7.28 -6.29 29.32
C39 PC1 Y . 8.28 -5.38 28.62
C3A PC1 Y . 9.64 -5.25 29.28
C3B PC1 Y . 9.84 -3.90 29.95
C3C PC1 Y . 10.21 -3.90 31.43
C3D PC1 Y . 10.71 -5.22 32.00
C3E PC1 Y . 11.62 -5.02 33.21
O12 PC1 Z . -0.12 -30.24 27.43
P PC1 Z . 0.87 -29.77 26.41
O14 PC1 Z . 2.09 -30.55 26.04
O13 PC1 Z . 0.09 -29.51 24.98
C11 PC1 Z . 0.48 -28.50 24.08
C12 PC1 Z . -0.16 -27.18 24.51
N PC1 Z . -1.65 -27.09 24.64
C13 PC1 Z . -2.34 -27.85 23.55
C14 PC1 Z . -2.09 -27.63 25.97
C15 PC1 Z . -2.09 -25.67 24.58
O11 PC1 Z . 1.30 -28.27 26.91
C1 PC1 Z . 2.62 -28.03 27.35
C2 PC1 Z . 3.26 -26.93 26.51
O21 PC1 Z . 4.39 -27.35 25.72
C21 PC1 Z . 4.85 -28.59 25.75
O22 PC1 Z . 4.45 -29.43 24.99
C22 PC1 Z . 5.89 -28.81 26.81
C23 PC1 Z . 6.98 -29.76 26.38
C24 PC1 Z . 8.10 -29.84 27.42
C25 PC1 Z . 7.57 -30.26 28.79
C26 PC1 Z . 8.50 -31.23 29.50
C27 PC1 Z . 9.93 -31.25 28.95
C28 PC1 Z . 10.37 -32.57 28.35
C29 PC1 Z . 9.84 -33.82 29.05
C2A PC1 Z . 9.95 -35.08 28.20
C2B PC1 Z . 11.09 -35.02 27.18
C2C PC1 Z . 11.20 -36.26 26.31
C2D PC1 Z . 11.87 -37.44 27.02
C3 PC1 Z . 3.84 -25.82 27.36
O31 PC1 Z . 4.67 -25.08 26.47
C31 PC1 Z . 5.09 -23.89 26.84
O32 PC1 Z . 5.23 -22.99 26.05
C32 PC1 Z . 5.43 -23.80 28.29
C33 PC1 Z . 6.92 -23.82 28.61
C34 PC1 Z . 7.55 -25.20 28.65
C35 PC1 Z . 7.16 -25.97 29.90
C36 PC1 Z . 8.33 -26.48 30.72
C37 PC1 Z . 9.67 -25.81 30.44
C38 PC1 Z . 10.71 -26.79 29.90
C39 PC1 Z . 12.14 -26.38 30.23
C13 DU0 AA . 16.40 -33.58 -9.54
C15 DU0 AA . 16.30 -30.48 -11.62
C17 DU0 AA . 22.34 -29.02 -14.80
C20 DU0 AA . 24.83 -28.31 -16.06
C21 DU0 AA . 26.00 -27.86 -16.88
C22 DU0 AA . 26.95 -27.00 -16.06
C24 DU0 AA . 29.24 -26.91 -16.75
C26 DU0 AA . 29.81 -28.85 -18.29
C01 DU0 AA . 19.62 -27.86 -13.88
C02 DU0 AA . 20.62 -28.50 -12.96
C03 DU0 AA . 21.46 -29.58 -13.69
C04 DU0 AA . 20.41 -30.65 -13.96
C05 DU0 AA . 19.81 -30.78 -12.55
C06 DU0 AA . 19.89 -29.36 -11.90
C07 DU0 AA . 18.44 -29.01 -11.57
C08 DU0 AA . 18.34 -28.18 -10.32
C09 DU0 AA . 17.81 -30.43 -11.46
C11 DU0 AA . 17.22 -31.25 -9.26
C12 DU0 AA . 16.06 -32.12 -9.73
C14 DU0 AA . 15.74 -31.81 -11.19
C18 DU0 AA . 23.21 -30.12 -15.43
C19 DU0 AA . 24.44 -29.60 -16.07
C25 DU0 AA . 29.66 -27.35 -18.15
C27 DU0 AA . 28.53 -29.53 -18.76
C51 DU0 AA . 30.93 -29.14 -19.29
C75 DU0 AA . 26.20 -25.84 -15.41
C76 DU0 AA . 25.13 -26.39 -14.51
C77 DU0 AA . 24.12 -27.27 -15.25
C78 DU0 AA . 23.28 -26.40 -16.16
C79 DU0 AA . 23.23 -27.94 -14.19
C80 DU0 AA . 22.43 -26.89 -13.46
C81 DU0 AA . 21.55 -27.47 -12.38
O10 DU0 AA . 18.23 -31.08 -10.26
O16 DU0 AA . 18.43 -31.18 -12.51
O23 DU0 AA . 27.93 -26.36 -16.88
O28 DU0 AA . 27.84 -28.63 -19.61
O52 DU0 AA . 31.85 -28.06 -19.25
C13 DU0 BA . 19.11 -36.63 -3.93
C15 DU0 BA . 20.74 -35.38 -7.12
C17 DU0 BA . 25.01 -33.47 -10.14
C20 DU0 BA . 27.43 -33.03 -11.67
C21 DU0 BA . 28.65 -32.82 -12.49
C22 DU0 BA . 28.85 -31.34 -12.80
C24 DU0 BA . 30.16 -29.82 -14.09
C26 DU0 BA . 32.53 -30.09 -13.31
C01 DU0 BA . 21.98 -33.45 -10.05
C02 DU0 BA . 22.82 -32.50 -9.22
C03 DU0 BA . 24.22 -33.11 -8.91
C04 DU0 BA . 23.91 -34.14 -7.85
C05 DU0 BA . 23.14 -33.24 -6.89
C06 DU0 BA . 22.25 -32.34 -7.79
C07 DU0 BA . 20.82 -32.81 -7.49
C08 DU0 BA . 20.04 -31.66 -6.92
C09 DU0 BA . 20.97 -34.01 -6.51
C11 DU0 BA . 18.94 -34.55 -5.29
C12 DU0 BA . 19.14 -36.05 -5.32
C14 DU0 BA . 20.45 -36.39 -6.03
C18 DU0 BA . 26.32 -34.15 -9.72
C19 DU0 BA . 27.47 -33.83 -10.59
C25 DU0 BA . 31.63 -29.66 -14.46
C27 DU0 BA . 33.25 -31.41 -13.58
C51 DU0 BA . 33.56 -28.98 -13.06
C75 DU0 BA . 27.64 -30.85 -13.57
C76 DU0 BA . 26.42 -30.97 -12.70
C77 DU0 BA . 26.16 -32.36 -12.11
C78 DU0 BA . 25.49 -33.24 -13.16
C79 DU0 BA . 25.25 -32.15 -10.89
C80 DU0 BA . 23.93 -31.47 -11.21
C81 DU0 BA . 23.08 -31.21 -9.99
O10 DU0 BA . 20.17 -33.82 -5.35
O16 DU0 BA . 22.30 -33.98 -6.01
O23 DU0 BA . 30.01 -31.16 -13.62
O28 DU0 BA . 32.30 -32.46 -13.39
O52 DU0 BA . 34.84 -29.58 -12.91
O12 PC1 CA . -5.82 -15.65 -19.18
P PC1 CA . -5.67 -14.19 -18.92
O14 PC1 CA . -5.32 -13.20 -19.96
O13 PC1 CA . -7.02 -13.61 -18.18
C11 PC1 CA . -8.27 -14.25 -18.34
C12 PC1 CA . -8.58 -14.24 -19.83
N PC1 CA . -9.25 -13.01 -20.38
C13 PC1 CA . -10.01 -13.32 -21.62
C14 PC1 CA . -10.23 -12.53 -19.36
C15 PC1 CA . -8.28 -11.93 -20.65
O11 PC1 CA . -4.60 -14.10 -17.67
C1 PC1 CA . -3.77 -12.97 -17.52
C2 PC1 CA . -2.43 -13.22 -18.20
O21 PC1 CA . -1.33 -12.95 -17.33
C21 PC1 CA . -0.32 -13.81 -17.26
O22 PC1 CA . -0.48 -15.01 -17.17
C22 PC1 CA . 1.02 -13.13 -17.30
C3 PC1 CA . -2.27 -12.30 -19.37
O31 PC1 CA . -2.41 -13.13 -20.52
C31 PC1 CA . -1.30 -13.51 -21.14
O32 PC1 CA . -1.15 -14.62 -21.60
C32 PC1 CA . -0.29 -12.40 -21.23
C33 PC1 CA . 1.13 -12.92 -21.28
C34 PC1 CA . 2.10 -11.81 -21.68
C35 PC1 CA . 2.24 -11.69 -23.20
C36 PC1 CA . 2.06 -13.02 -23.92
C37 PC1 CA . 1.97 -12.92 -25.44
C38 PC1 CA . 2.62 -11.65 -25.99
#